data_9QAT
#
_entry.id   9QAT
#
_cell.length_a   72.84
_cell.length_b   77.997
_cell.length_c   81.707
_cell.angle_alpha   88.451
_cell.angle_beta   64.62
_cell.angle_gamma   74.697
#
_symmetry.space_group_name_H-M   'P 1'
#
loop_
_entity.id
_entity.type
_entity.pdbx_description
1 polymer 'Angiotensin-converting enzyme, soluble form'
2 branched 2-acetamido-2-deoxy-beta-D-glucopyranose-(1-4)-2-acetamido-2-deoxy-beta-D-glucopyranose
3 branched beta-D-mannopyranose-(1-4)-2-acetamido-2-deoxy-beta-D-glucopyranose-(1-4)-[alpha-L-fucopyranose-(1-6)]2-acetamido-2-deoxy-beta-D-glucopyranose
4 branched alpha-L-fucopyranose-(1-6)-2-acetamido-2-deoxy-beta-D-glucopyranose
5 branched 2-acetamido-2-deoxy-beta-D-glucopyranose-(1-4)-[alpha-L-fucopyranose-(1-6)]2-acetamido-2-deoxy-beta-D-glucopyranose
6 non-polymer 'ZINC ION'
7 non-polymer 'SODIUM ION'
8 non-polymer DI(HYDROXYETHYL)ETHER
9 non-polymer 1,2-ETHANEDIOL
10 non-polymer quinaprilat
11 non-polymer 'HEXAETHYLENE GLYCOL'
12 non-polymer 'ACETATE ION'
13 non-polymer 'CHLORIDE ION'
14 non-polymer 'TETRAETHYLENE GLYCOL'
15 non-polymer 2-acetamido-2-deoxy-beta-D-glucopyranose
16 non-polymer 'CALCIUM ION'
17 non-polymer 'TRIETHYLENE GLYCOL'
18 water water
#
_entity_poly.entity_id   1
_entity_poly.type   'polypeptide(L)'
_entity_poly.pdbx_seq_one_letter_code
;LDPGLQPGQFSADEAGAQLFAQSYQSSAEQVLFQSVAASWAHDTNITAENARRQEEAALLSQEFAEAWGQKAKELYEPIW
QQFTDPQLRRIIGAVRTLGSANLPLAKRQQYNALLSQMSRIYSTAKVCLPNKTATCWSLDPDLTNILASSRSYAMLLFAW
EGWHNAAGIPLKPLYEDFTALSNEAYKQDGFTDTGAYWRSWYNSPTFEDDLEHLYQQLEPLYLNLHAFVRRALHRRYGDR
YINLRGPIPAHLLGDMWAQSWENIYDMVVPFPDKPNLDVTSTMLQQGWQATHMFRVAEEFFTSLELSPMPPEFWEGSMLE
KPADGREVVCHASAWDFYNRKDFRIKQCTRVTMDQLSTVHHEMGHIQYYLQYKDLPVSLRRGANPGFHEAIGDVLALSVS
TPEHLHKIGLLDRVTNDTESDINYLLKMALEKIAFLPFGYLVDQWRWGVFSGRTPPSRYNFDWWYLRTKYQGICPPVTRN
ETHFDAGAKFHVPNVTPYIRYFVSFVLQFQFHEALCKEAGYEGPLHQCDIYRSTKAGAKLRKVLRAGSSRPWQEVLKDMV
GLDALDAQPLLKYFQLVTQWLQEQNQQNGEVLGWPEYQWHPPLPDNYPE
;
_entity_poly.pdbx_strand_id   A,B
#
loop_
_chem_comp.id
_chem_comp.type
_chem_comp.name
_chem_comp.formula
A1I5A non-polymer quinaprilat 'C23 H26 N2 O5'
ACT non-polymer 'ACETATE ION' 'C2 H3 O2 -1'
BMA D-saccharide, beta linking beta-D-mannopyranose 'C6 H12 O6'
CA non-polymer 'CALCIUM ION' 'Ca 2'
CL non-polymer 'CHLORIDE ION' 'Cl -1'
EDO non-polymer 1,2-ETHANEDIOL 'C2 H6 O2'
FUC L-saccharide, alpha linking alpha-L-fucopyranose 'C6 H12 O5'
NA non-polymer 'SODIUM ION' 'Na 1'
NAG D-saccharide, beta linking 2-acetamido-2-deoxy-beta-D-glucopyranose 'C8 H15 N O6'
P6G non-polymer 'HEXAETHYLENE GLYCOL' 'C12 H26 O7'
PEG non-polymer DI(HYDROXYETHYL)ETHER 'C4 H10 O3'
PG4 non-polymer 'TETRAETHYLENE GLYCOL' 'C8 H18 O5'
PGE non-polymer 'TRIETHYLENE GLYCOL' 'C6 H14 O4'
ZN non-polymer 'ZINC ION' 'Zn 2'
#
# COMPACT_ATOMS: atom_id res chain seq x y z
N LEU A 1 30.06 -5.18 32.88
CA LEU A 1 29.32 -6.44 33.11
C LEU A 1 30.04 -7.22 34.22
N ASP A 2 29.33 -7.47 35.31
CA ASP A 2 29.84 -8.20 36.47
C ASP A 2 30.62 -9.43 36.01
N PRO A 3 31.81 -9.71 36.60
CA PRO A 3 32.56 -10.93 36.30
C PRO A 3 31.66 -12.15 36.21
N GLY A 4 30.80 -12.29 37.22
CA GLY A 4 29.91 -13.43 37.33
C GLY A 4 28.95 -13.59 36.15
N LEU A 5 28.73 -12.53 35.35
CA LEU A 5 27.73 -12.56 34.30
C LEU A 5 28.37 -12.71 32.93
N GLN A 6 29.69 -12.79 32.86
CA GLN A 6 30.35 -12.78 31.57
C GLN A 6 30.49 -14.21 31.10
N PRO A 7 30.60 -14.46 29.77
CA PRO A 7 30.83 -15.81 29.29
C PRO A 7 32.29 -16.21 29.44
N GLY A 8 32.51 -17.49 29.78
CA GLY A 8 33.84 -18.05 29.76
C GLY A 8 34.13 -18.69 28.42
N GLN A 9 35.00 -19.70 28.43
N GLN A 9 34.95 -19.74 28.42
CA GLN A 9 35.36 -20.43 27.23
CA GLN A 9 35.30 -20.34 27.15
C GLN A 9 34.58 -21.74 27.21
C GLN A 9 34.73 -21.77 27.17
N PHE A 10 34.24 -22.19 26.00
CA PHE A 10 33.61 -23.47 25.80
C PHE A 10 34.23 -23.98 24.51
N SER A 11 34.28 -25.31 24.35
CA SER A 11 34.74 -25.86 23.09
C SER A 11 33.75 -25.47 22.01
N ALA A 12 34.30 -25.30 20.79
CA ALA A 12 33.59 -24.97 19.57
C ALA A 12 32.91 -26.18 18.93
N ASP A 13 31.98 -26.80 19.68
CA ASP A 13 31.27 -28.00 19.26
C ASP A 13 29.98 -28.11 20.07
N GLU A 14 29.17 -29.13 19.77
CA GLU A 14 27.82 -29.22 20.30
C GLU A 14 27.80 -29.47 21.82
N ALA A 15 28.68 -30.35 22.31
CA ALA A 15 28.79 -30.64 23.74
C ALA A 15 29.14 -29.37 24.52
N GLY A 16 29.98 -28.52 23.92
CA GLY A 16 30.35 -27.27 24.58
C GLY A 16 29.21 -26.25 24.53
N ALA A 17 28.48 -26.28 23.40
CA ALA A 17 27.27 -25.47 23.25
C ALA A 17 26.24 -25.79 24.34
N GLN A 18 26.14 -27.05 24.78
CA GLN A 18 25.20 -27.41 25.84
C GLN A 18 25.61 -26.73 27.13
N LEU A 19 26.93 -26.77 27.37
CA LEU A 19 27.56 -26.17 28.54
C LEU A 19 27.39 -24.66 28.44
N PHE A 20 27.51 -24.12 27.23
CA PHE A 20 27.31 -22.69 27.02
C PHE A 20 25.90 -22.26 27.43
N ALA A 21 24.91 -23.03 26.94
CA ALA A 21 23.52 -22.67 27.13
C ALA A 21 23.17 -22.72 28.63
N GLN A 22 23.64 -23.77 29.31
CA GLN A 22 23.48 -23.88 30.75
C GLN A 22 24.12 -22.71 31.52
N SER A 23 25.29 -22.25 31.07
CA SER A 23 25.92 -21.12 31.74
C SER A 23 25.16 -19.84 31.41
N TYR A 24 24.72 -19.69 30.14
CA TYR A 24 23.88 -18.56 29.75
C TYR A 24 22.65 -18.45 30.64
N GLN A 25 21.95 -19.58 30.75
CA GLN A 25 20.73 -19.69 31.51
C GLN A 25 20.93 -19.07 32.89
N SER A 26 22.02 -19.48 33.54
CA SER A 26 22.25 -19.14 34.94
C SER A 26 22.42 -17.64 35.07
N SER A 27 23.14 -17.03 34.13
CA SER A 27 23.38 -15.58 34.25
C SER A 27 22.21 -14.80 33.64
N ALA A 28 21.57 -15.36 32.60
CA ALA A 28 20.43 -14.72 31.96
C ALA A 28 19.31 -14.47 32.98
N GLU A 29 19.00 -15.48 33.80
CA GLU A 29 17.90 -15.36 34.74
C GLU A 29 18.16 -14.19 35.67
N GLN A 30 19.42 -14.00 36.08
CA GLN A 30 19.72 -12.89 36.97
C GLN A 30 19.51 -11.57 36.23
N VAL A 31 19.87 -11.51 34.93
CA VAL A 31 19.80 -10.26 34.19
C VAL A 31 18.35 -9.90 33.85
N LEU A 32 17.58 -10.90 33.40
CA LEU A 32 16.16 -10.72 33.16
C LEU A 32 15.43 -10.32 34.42
N PHE A 33 15.70 -11.03 35.53
CA PHE A 33 15.04 -10.73 36.78
C PHE A 33 15.21 -9.23 37.11
N GLN A 34 16.47 -8.73 37.09
CA GLN A 34 16.74 -7.35 37.52
C GLN A 34 16.03 -6.38 36.55
N SER A 35 16.05 -6.73 35.28
CA SER A 35 15.40 -5.89 34.29
C SER A 35 13.88 -5.86 34.47
N VAL A 36 13.28 -7.02 34.72
CA VAL A 36 11.83 -7.08 34.85
C VAL A 36 11.42 -6.41 36.14
N ALA A 37 12.21 -6.62 37.19
CA ALA A 37 11.96 -5.98 38.48
C ALA A 37 12.00 -4.45 38.37
N ALA A 38 12.96 -3.91 37.63
CA ALA A 38 13.06 -2.46 37.50
C ALA A 38 11.88 -1.93 36.68
N SER A 39 11.51 -2.68 35.63
CA SER A 39 10.33 -2.34 34.86
C SER A 39 9.08 -2.31 35.74
N TRP A 40 8.98 -3.31 36.63
CA TRP A 40 7.84 -3.42 37.52
C TRP A 40 7.78 -2.24 38.48
N ALA A 41 8.94 -1.91 39.08
CA ALA A 41 9.01 -0.81 40.04
C ALA A 41 8.57 0.47 39.36
N HIS A 42 8.89 0.60 38.06
CA HIS A 42 8.47 1.79 37.34
C HIS A 42 6.98 1.78 37.03
N ASP A 43 6.52 0.68 36.41
CA ASP A 43 5.18 0.64 35.83
C ASP A 43 4.10 0.64 36.93
N THR A 44 4.42 0.19 38.15
CA THR A 44 3.49 0.32 39.26
C THR A 44 3.81 1.55 40.11
N ASN A 45 4.70 2.44 39.64
CA ASN A 45 5.06 3.61 40.42
C ASN A 45 5.92 4.54 39.56
N ILE A 46 5.26 5.30 38.70
CA ILE A 46 5.99 6.01 37.68
C ILE A 46 6.63 7.23 38.32
N THR A 47 7.96 7.28 38.33
CA THR A 47 8.72 8.43 38.79
C THR A 47 9.98 8.53 37.96
N ALA A 48 10.62 9.69 37.99
CA ALA A 48 11.90 9.89 37.33
C ALA A 48 12.92 8.87 37.83
N GLU A 49 13.00 8.66 39.15
CA GLU A 49 14.02 7.78 39.72
C GLU A 49 13.77 6.35 39.24
N ASN A 50 12.49 5.94 39.13
CA ASN A 50 12.19 4.58 38.71
C ASN A 50 12.58 4.42 37.24
N ALA A 51 12.35 5.47 36.46
CA ALA A 51 12.65 5.45 35.04
C ALA A 51 14.15 5.29 34.82
N ARG A 52 14.95 6.09 35.55
CA ARG A 52 16.40 6.05 35.49
C ARG A 52 16.90 4.66 35.84
N ARG A 53 16.37 4.06 36.91
CA ARG A 53 16.73 2.70 37.25
C ARG A 53 16.39 1.71 36.12
N GLN A 54 15.23 1.90 35.48
CA GLN A 54 14.80 1.00 34.41
C GLN A 54 15.77 1.13 33.24
N GLU A 55 16.12 2.37 32.91
CA GLU A 55 17.04 2.61 31.81
C GLU A 55 18.39 1.96 32.08
N GLU A 56 18.86 1.99 33.33
CA GLU A 56 20.14 1.37 33.65
C GLU A 56 20.00 -0.15 33.57
N ALA A 57 18.86 -0.70 33.97
CA ALA A 57 18.66 -2.14 33.86
C ALA A 57 18.71 -2.54 32.40
N ALA A 58 18.10 -1.74 31.51
CA ALA A 58 18.10 -2.06 30.09
C ALA A 58 19.51 -2.08 29.51
N LEU A 59 20.37 -1.12 29.92
CA LEU A 59 21.75 -1.05 29.44
C LEU A 59 22.52 -2.30 29.83
N LEU A 60 22.32 -2.72 31.08
CA LEU A 60 22.93 -3.92 31.59
C LEU A 60 22.48 -5.09 30.72
N SER A 61 21.17 -5.17 30.36
CA SER A 61 20.71 -6.28 29.51
C SER A 61 21.38 -6.25 28.15
N GLN A 62 21.62 -5.05 27.64
CA GLN A 62 22.24 -4.89 26.32
C GLN A 62 23.68 -5.41 26.35
N GLU A 63 24.40 -5.05 27.41
CA GLU A 63 25.78 -5.49 27.60
C GLU A 63 25.89 -7.01 27.68
N PHE A 64 25.05 -7.62 28.51
CA PHE A 64 24.93 -9.05 28.61
C PHE A 64 24.69 -9.63 27.21
N ALA A 65 23.69 -9.09 26.48
CA ALA A 65 23.30 -9.72 25.22
C ALA A 65 24.46 -9.65 24.25
N GLU A 66 25.21 -8.54 24.36
CA GLU A 66 26.34 -8.34 23.47
C GLU A 66 27.44 -9.35 23.79
N ALA A 67 27.79 -9.54 25.07
CA ALA A 67 28.91 -10.43 25.39
C ALA A 67 28.58 -11.87 24.97
N TRP A 68 27.37 -12.33 25.28
CA TRP A 68 26.97 -13.72 25.06
C TRP A 68 26.62 -13.95 23.61
N GLY A 69 25.99 -12.93 22.98
CA GLY A 69 25.76 -12.93 21.54
C GLY A 69 27.05 -13.04 20.74
N GLN A 70 28.02 -12.14 21.00
CA GLN A 70 29.32 -12.17 20.35
C GLN A 70 30.02 -13.50 20.62
N LYS A 71 29.87 -14.05 21.81
CA LYS A 71 30.56 -15.29 22.12
C LYS A 71 29.93 -16.48 21.42
N ALA A 72 28.58 -16.51 21.33
CA ALA A 72 27.89 -17.55 20.59
C ALA A 72 28.32 -17.51 19.11
N LYS A 73 28.52 -16.33 18.55
CA LYS A 73 28.98 -16.27 17.17
C LYS A 73 30.36 -16.87 17.11
N GLU A 74 31.28 -16.29 17.90
CA GLU A 74 32.68 -16.68 17.90
C GLU A 74 32.81 -18.21 17.90
N LEU A 75 32.10 -18.93 18.79
CA LEU A 75 32.31 -20.37 19.00
C LEU A 75 31.47 -21.24 18.05
N TYR A 76 30.30 -20.75 17.60
CA TYR A 76 29.32 -21.68 17.06
C TYR A 76 28.75 -21.28 15.70
N GLU A 77 29.27 -20.22 15.06
CA GLU A 77 28.64 -19.67 13.88
C GLU A 77 28.60 -20.73 12.77
N PRO A 78 29.72 -21.43 12.46
CA PRO A 78 29.68 -22.44 11.40
C PRO A 78 28.81 -23.67 11.66
N ILE A 79 28.38 -23.96 12.91
CA ILE A 79 27.90 -25.31 13.24
C ILE A 79 26.56 -25.37 13.98
N TRP A 80 26.04 -24.24 14.50
CA TRP A 80 24.85 -24.30 15.36
C TRP A 80 23.65 -24.82 14.57
N GLN A 81 23.61 -24.45 13.28
CA GLN A 81 22.45 -24.79 12.45
C GLN A 81 22.43 -26.27 12.13
N GLN A 82 23.58 -26.95 12.31
CA GLN A 82 23.72 -28.38 12.06
C GLN A 82 23.65 -29.20 13.37
N PHE A 83 23.43 -28.56 14.53
CA PHE A 83 23.38 -29.29 15.79
C PHE A 83 22.30 -30.36 15.76
N THR A 84 22.54 -31.47 16.48
CA THR A 84 21.62 -32.59 16.54
C THR A 84 20.47 -32.27 17.50
N ASP A 85 20.78 -31.43 18.51
CA ASP A 85 19.81 -31.09 19.53
C ASP A 85 19.00 -29.92 18.99
N PRO A 86 17.72 -30.12 18.61
CA PRO A 86 16.93 -29.06 17.98
C PRO A 86 16.62 -27.91 18.93
N GLN A 87 16.36 -28.21 20.20
CA GLN A 87 16.19 -27.20 21.25
C GLN A 87 17.44 -26.34 21.36
N LEU A 88 18.61 -26.98 21.24
CA LEU A 88 19.89 -26.28 21.35
C LEU A 88 20.10 -25.37 20.14
N ARG A 89 19.54 -25.73 18.95
CA ARG A 89 19.65 -24.85 17.79
C ARG A 89 18.82 -23.59 18.02
N ARG A 90 17.63 -23.77 18.61
CA ARG A 90 16.75 -22.63 18.84
C ARG A 90 17.37 -21.70 19.88
N ILE A 91 18.02 -22.27 20.89
CA ILE A 91 18.61 -21.48 21.96
C ILE A 91 19.74 -20.64 21.39
N ILE A 92 20.66 -21.24 20.60
CA ILE A 92 21.79 -20.52 20.02
C ILE A 92 21.23 -19.45 19.09
N GLY A 93 20.30 -19.85 18.20
CA GLY A 93 19.54 -18.95 17.36
C GLY A 93 19.11 -17.67 18.10
N ALA A 94 18.47 -17.80 19.26
CA ALA A 94 18.01 -16.66 20.03
C ALA A 94 19.19 -15.85 20.61
N VAL A 95 20.20 -16.55 21.19
CA VAL A 95 21.32 -15.89 21.87
C VAL A 95 22.14 -15.03 20.90
N ARG A 96 22.29 -15.46 19.64
CA ARG A 96 23.11 -14.70 18.70
C ARG A 96 22.36 -13.53 18.02
N THR A 97 21.07 -13.32 18.31
CA THR A 97 20.32 -12.19 17.79
C THR A 97 20.59 -11.04 18.75
N LEU A 98 21.33 -10.01 18.34
CA LEU A 98 21.73 -8.99 19.30
C LEU A 98 20.66 -7.91 19.48
N GLY A 99 19.89 -7.63 18.43
CA GLY A 99 18.91 -6.56 18.50
C GLY A 99 19.56 -5.23 18.90
N SER A 100 18.94 -4.52 19.85
CA SER A 100 19.40 -3.20 20.23
C SER A 100 20.85 -3.27 20.78
N ALA A 101 21.35 -4.46 21.11
CA ALA A 101 22.71 -4.60 21.58
C ALA A 101 23.71 -4.37 20.45
N ASN A 102 23.23 -4.31 19.21
CA ASN A 102 24.11 -3.96 18.11
C ASN A 102 24.44 -2.47 18.12
N LEU A 103 23.64 -1.65 18.82
CA LEU A 103 23.87 -0.22 18.79
C LEU A 103 25.14 0.11 19.59
N PRO A 104 25.95 1.10 19.16
CA PRO A 104 26.94 1.66 20.09
C PRO A 104 26.25 2.26 21.31
N LEU A 105 27.04 2.44 22.37
CA LEU A 105 26.54 2.78 23.69
C LEU A 105 25.64 4.02 23.63
N ALA A 106 26.11 5.05 22.93
CA ALA A 106 25.37 6.31 22.87
C ALA A 106 23.99 6.10 22.23
N LYS A 107 23.90 5.28 21.19
CA LYS A 107 22.60 5.01 20.59
C LYS A 107 21.75 4.11 21.48
N ARG A 108 22.42 3.22 22.23
CA ARG A 108 21.74 2.41 23.23
C ARG A 108 21.01 3.29 24.22
N GLN A 109 21.72 4.25 24.81
CA GLN A 109 21.13 5.15 25.79
C GLN A 109 19.98 5.96 25.19
N GLN A 110 20.15 6.43 23.95
CA GLN A 110 19.10 7.14 23.23
C GLN A 110 17.89 6.22 23.00
N TYR A 111 18.14 4.96 22.63
CA TYR A 111 17.06 3.99 22.37
C TYR A 111 16.28 3.68 23.64
N ASN A 112 16.99 3.42 24.73
CA ASN A 112 16.40 3.12 26.02
C ASN A 112 15.61 4.31 26.54
N ALA A 113 16.20 5.52 26.46
CA ALA A 113 15.50 6.73 26.89
C ALA A 113 14.23 6.97 26.07
N LEU A 114 14.27 6.65 24.78
CA LEU A 114 13.12 6.89 23.92
C LEU A 114 11.99 5.96 24.35
N LEU A 115 12.31 4.67 24.63
CA LEU A 115 11.27 3.73 25.04
C LEU A 115 10.61 4.22 26.33
N SER A 116 11.44 4.64 27.28
CA SER A 116 11.02 5.05 28.60
C SER A 116 10.13 6.30 28.52
N GLN A 117 10.50 7.26 27.65
CA GLN A 117 9.71 8.48 27.53
C GLN A 117 8.41 8.24 26.76
N MET A 118 8.44 7.45 25.67
CA MET A 118 7.20 7.15 24.93
C MET A 118 6.17 6.51 25.85
N SER A 119 6.62 5.58 26.68
CA SER A 119 5.77 4.90 27.64
C SER A 119 5.21 5.86 28.70
N ARG A 120 6.04 6.77 29.19
N ARG A 120 6.06 6.75 29.22
CA ARG A 120 5.65 7.71 30.22
CA ARG A 120 5.65 7.74 30.21
C ARG A 120 4.63 8.69 29.63
C ARG A 120 4.56 8.63 29.60
N ILE A 121 4.81 9.11 28.37
CA ILE A 121 3.86 10.03 27.75
C ILE A 121 2.52 9.30 27.59
N TYR A 122 2.52 8.08 27.06
CA TYR A 122 1.25 7.42 26.82
C TYR A 122 0.51 7.23 28.14
N SER A 123 1.22 6.78 29.19
CA SER A 123 0.55 6.35 30.41
C SER A 123 0.23 7.50 31.37
N THR A 124 0.73 8.73 31.14
CA THR A 124 0.40 9.84 32.02
C THR A 124 -0.39 10.89 31.26
N ALA A 125 -0.64 10.71 29.97
CA ALA A 125 -1.49 11.66 29.28
C ALA A 125 -2.88 11.77 29.94
N LYS A 126 -3.47 12.95 29.83
CA LYS A 126 -4.75 13.28 30.44
C LYS A 126 -5.50 14.21 29.50
N VAL A 127 -6.82 14.19 29.58
CA VAL A 127 -7.67 15.16 28.94
C VAL A 127 -8.27 16.06 30.02
N CYS A 128 -8.03 17.36 29.93
CA CYS A 128 -8.50 18.30 30.93
C CYS A 128 -9.67 19.12 30.37
N LEU A 129 -10.58 19.60 31.22
CA LEU A 129 -11.60 20.57 30.80
C LEU A 129 -11.26 21.95 31.39
N THR A 135 -9.02 19.47 37.01
CA THR A 135 -10.07 18.52 36.58
C THR A 135 -9.60 17.76 35.32
N CYS A 136 -8.87 16.65 35.51
CA CYS A 136 -8.28 15.91 34.39
C CYS A 136 -8.73 14.45 34.35
N TRP A 137 -9.18 13.98 33.17
CA TRP A 137 -9.58 12.59 32.96
C TRP A 137 -8.43 11.73 32.43
N SER A 138 -8.20 10.58 33.05
CA SER A 138 -7.21 9.65 32.53
C SER A 138 -7.90 8.65 31.60
N LEU A 139 -7.09 7.90 30.87
CA LEU A 139 -7.60 6.91 29.94
C LEU A 139 -8.37 5.83 30.72
N ASP A 140 -7.75 5.37 31.79
CA ASP A 140 -8.29 4.29 32.61
C ASP A 140 -8.38 4.81 34.04
N PRO A 141 -9.58 4.95 34.66
CA PRO A 141 -10.86 4.50 34.13
C PRO A 141 -11.70 5.51 33.32
N ASP A 142 -11.39 6.81 33.38
CA ASP A 142 -12.34 7.82 32.95
C ASP A 142 -12.69 7.70 31.46
N LEU A 143 -11.72 7.91 30.55
CA LEU A 143 -12.05 7.93 29.13
C LEU A 143 -12.62 6.56 28.66
N THR A 144 -12.14 5.44 29.21
CA THR A 144 -12.71 4.16 28.84
C THR A 144 -14.22 4.13 29.11
N ASN A 145 -14.63 4.69 30.27
CA ASN A 145 -16.01 4.64 30.74
C ASN A 145 -16.88 5.51 29.85
N ILE A 146 -16.40 6.70 29.54
CA ILE A 146 -17.10 7.58 28.63
C ILE A 146 -17.34 6.86 27.29
N LEU A 147 -16.26 6.33 26.69
CA LEU A 147 -16.35 5.70 25.38
C LEU A 147 -17.31 4.51 25.44
N ALA A 148 -17.26 3.76 26.55
CA ALA A 148 -18.05 2.54 26.72
C ALA A 148 -19.54 2.82 26.95
N SER A 149 -19.89 3.90 27.66
CA SER A 149 -21.25 4.01 28.16
C SER A 149 -21.89 5.37 27.89
N SER A 150 -21.11 6.42 27.58
CA SER A 150 -21.75 7.63 27.06
C SER A 150 -22.38 7.34 25.69
N ARG A 151 -23.47 8.09 25.40
CA ARG A 151 -24.22 7.99 24.16
C ARG A 151 -24.53 9.37 23.63
N SER A 152 -23.78 10.33 24.14
CA SER A 152 -23.83 11.72 23.73
C SER A 152 -22.71 11.97 22.71
N TYR A 153 -23.10 12.33 21.48
CA TYR A 153 -22.15 12.45 20.40
C TYR A 153 -21.00 13.37 20.81
N ALA A 154 -21.33 14.48 21.50
CA ALA A 154 -20.37 15.54 21.73
C ALA A 154 -19.38 15.17 22.84
N MET A 155 -19.88 14.47 23.85
CA MET A 155 -19.06 13.97 24.96
C MET A 155 -18.07 12.91 24.47
N LEU A 156 -18.57 12.01 23.63
CA LEU A 156 -17.75 10.98 23.01
C LEU A 156 -16.68 11.60 22.12
N LEU A 157 -17.06 12.64 21.37
CA LEU A 157 -16.15 13.36 20.50
C LEU A 157 -15.09 14.09 21.32
N PHE A 158 -15.48 14.70 22.44
CA PHE A 158 -14.53 15.36 23.32
C PHE A 158 -13.51 14.36 23.85
N ALA A 159 -13.97 13.19 24.31
CA ALA A 159 -13.06 12.21 24.86
C ALA A 159 -12.14 11.66 23.78
N TRP A 160 -12.72 11.33 22.61
CA TRP A 160 -11.98 10.76 21.48
C TRP A 160 -10.87 11.70 21.02
N GLU A 161 -11.26 12.93 20.72
CA GLU A 161 -10.34 13.93 20.22
C GLU A 161 -9.33 14.33 21.28
N GLY A 162 -9.76 14.54 22.52
CA GLY A 162 -8.83 14.87 23.58
C GLY A 162 -7.77 13.77 23.75
N TRP A 163 -8.19 12.49 23.78
CA TRP A 163 -7.24 11.41 23.96
C TRP A 163 -6.23 11.39 22.82
N HIS A 164 -6.75 11.33 21.58
CA HIS A 164 -5.91 11.27 20.38
C HIS A 164 -4.90 12.41 20.38
N ASN A 165 -5.37 13.62 20.68
CA ASN A 165 -4.47 14.78 20.71
C ASN A 165 -3.45 14.67 21.83
N ALA A 166 -3.89 14.34 23.05
CA ALA A 166 -3.02 14.41 24.21
C ALA A 166 -1.90 13.38 24.13
N ALA A 167 -2.18 12.16 23.71
CA ALA A 167 -1.18 11.10 23.67
C ALA A 167 -0.37 11.13 22.38
N GLY A 168 -1.07 11.32 21.25
CA GLY A 168 -0.46 11.15 19.94
C GLY A 168 0.56 12.22 19.60
N ILE A 169 0.14 13.49 19.73
CA ILE A 169 0.91 14.61 19.19
C ILE A 169 2.32 14.63 19.77
N PRO A 170 2.49 14.59 21.10
CA PRO A 170 3.85 14.64 21.64
C PRO A 170 4.71 13.42 21.30
N LEU A 171 4.07 12.30 20.88
CA LEU A 171 4.83 11.06 20.66
C LEU A 171 5.57 11.08 19.32
N LYS A 172 5.15 11.90 18.36
CA LYS A 172 5.58 11.73 16.99
C LYS A 172 7.09 11.93 16.81
N PRO A 173 7.74 13.02 17.31
CA PRO A 173 9.19 13.14 17.16
C PRO A 173 9.99 11.96 17.73
N LEU A 174 9.55 11.40 18.85
CA LEU A 174 10.25 10.31 19.51
C LEU A 174 10.12 9.01 18.70
N TYR A 175 8.92 8.77 18.15
CA TYR A 175 8.63 7.54 17.42
C TYR A 175 9.45 7.50 16.14
N GLU A 176 9.65 8.66 15.50
CA GLU A 176 10.50 8.70 14.33
C GLU A 176 11.92 8.29 14.65
N ASP A 177 12.47 8.78 15.78
CA ASP A 177 13.84 8.50 16.20
C ASP A 177 13.99 7.04 16.65
N PHE A 178 13.00 6.55 17.40
CA PHE A 178 12.90 5.12 17.74
C PHE A 178 13.01 4.27 16.46
N THR A 179 12.22 4.61 15.44
CA THR A 179 12.12 3.75 14.26
C THR A 179 13.48 3.61 13.57
N ALA A 180 14.20 4.73 13.46
CA ALA A 180 15.53 4.76 12.85
C ALA A 180 16.51 3.87 13.60
N LEU A 181 16.54 3.98 14.92
CA LEU A 181 17.48 3.22 15.72
C LEU A 181 17.09 1.74 15.73
N SER A 182 15.78 1.45 15.81
CA SER A 182 15.31 0.07 15.76
C SER A 182 15.85 -0.57 14.50
N ASN A 183 15.69 0.11 13.35
CA ASN A 183 16.11 -0.44 12.08
C ASN A 183 17.62 -0.63 12.06
N GLU A 184 18.35 0.34 12.58
CA GLU A 184 19.80 0.29 12.57
C GLU A 184 20.25 -0.96 13.34
N ALA A 185 19.64 -1.17 14.50
CA ALA A 185 19.88 -2.35 15.32
C ALA A 185 19.68 -3.66 14.57
N TYR A 186 18.49 -3.89 13.99
CA TYR A 186 18.15 -5.21 13.46
C TYR A 186 18.80 -5.44 12.09
N LYS A 187 19.21 -4.36 11.42
CA LYS A 187 19.94 -4.49 10.16
C LYS A 187 21.28 -5.21 10.41
N GLN A 188 21.92 -4.95 11.54
CA GLN A 188 23.16 -5.62 11.90
C GLN A 188 22.95 -7.09 12.28
N ASP A 189 21.72 -7.54 12.53
CA ASP A 189 21.46 -8.98 12.65
C ASP A 189 21.04 -9.57 11.31
N GLY A 190 20.98 -8.77 10.24
CA GLY A 190 20.78 -9.29 8.89
C GLY A 190 19.36 -9.15 8.34
N PHE A 191 18.44 -8.49 9.06
CA PHE A 191 17.12 -8.22 8.51
C PHE A 191 17.10 -6.89 7.78
N THR A 192 16.20 -6.74 6.80
CA THR A 192 16.00 -5.49 6.05
C THR A 192 15.47 -4.35 6.93
N ASP A 193 14.63 -4.67 7.93
CA ASP A 193 14.08 -3.68 8.85
C ASP A 193 13.50 -4.46 10.01
N THR A 194 13.02 -3.74 11.03
CA THR A 194 12.52 -4.35 12.24
C THR A 194 11.29 -5.21 11.95
N GLY A 195 10.46 -4.76 11.01
CA GLY A 195 9.26 -5.50 10.63
C GLY A 195 9.61 -6.88 10.07
N ALA A 196 10.71 -7.01 9.31
CA ALA A 196 11.11 -8.31 8.80
C ALA A 196 11.49 -9.20 9.97
N TYR A 197 12.16 -8.60 10.97
CA TYR A 197 12.56 -9.33 12.15
C TYR A 197 11.31 -9.86 12.86
N TRP A 198 10.35 -8.95 13.14
CA TRP A 198 9.11 -9.36 13.81
C TRP A 198 8.39 -10.47 13.03
N ARG A 199 8.36 -10.36 11.70
CA ARG A 199 7.65 -11.36 10.90
C ARG A 199 8.35 -12.73 10.98
N SER A 200 9.68 -12.76 11.21
CA SER A 200 10.46 -13.98 11.17
C SER A 200 10.05 -14.91 12.31
N TRP A 201 9.37 -14.40 13.32
CA TRP A 201 8.98 -15.18 14.48
C TRP A 201 7.97 -16.26 14.10
N TYR A 202 7.29 -16.13 12.96
CA TYR A 202 6.30 -17.12 12.59
C TYR A 202 6.93 -18.21 11.72
N ASN A 203 8.20 -18.04 11.34
CA ASN A 203 8.91 -19.03 10.56
C ASN A 203 8.02 -19.61 9.44
N SER A 204 7.49 -18.72 8.60
CA SER A 204 6.62 -19.11 7.52
C SER A 204 6.97 -18.26 6.30
N PRO A 205 7.49 -18.86 5.21
CA PRO A 205 7.85 -18.06 4.05
C PRO A 205 6.65 -17.32 3.44
N THR A 206 5.42 -17.79 3.64
CA THR A 206 4.25 -17.17 3.02
C THR A 206 3.39 -16.41 4.05
N PHE A 207 4.00 -15.91 5.13
CA PHE A 207 3.24 -15.34 6.23
C PHE A 207 2.23 -14.31 5.75
N GLU A 208 2.68 -13.29 5.01
CA GLU A 208 1.82 -12.18 4.65
C GLU A 208 0.68 -12.62 3.74
N ASP A 209 0.97 -13.53 2.82
CA ASP A 209 -0.02 -14.11 1.94
C ASP A 209 -1.00 -14.98 2.70
N ASP A 210 -0.50 -15.76 3.66
CA ASP A 210 -1.34 -16.57 4.53
C ASP A 210 -2.36 -15.73 5.30
N LEU A 211 -1.88 -14.59 5.84
CA LEU A 211 -2.71 -13.67 6.58
C LEU A 211 -3.79 -13.13 5.66
N GLU A 212 -3.41 -12.74 4.43
CA GLU A 212 -4.33 -12.10 3.50
C GLU A 212 -5.42 -13.08 3.06
N HIS A 213 -5.05 -14.36 2.84
CA HIS A 213 -6.03 -15.40 2.50
C HIS A 213 -7.03 -15.63 3.64
N LEU A 214 -6.60 -15.53 4.89
CA LEU A 214 -7.51 -15.66 6.03
C LEU A 214 -8.45 -14.46 6.09
N TYR A 215 -7.88 -13.28 5.92
CA TYR A 215 -8.69 -12.06 5.97
C TYR A 215 -9.78 -12.11 4.90
N GLN A 216 -9.47 -12.55 3.69
CA GLN A 216 -10.45 -12.60 2.63
C GLN A 216 -11.65 -13.47 3.00
N GLN A 217 -11.45 -14.53 3.77
CA GLN A 217 -12.54 -15.40 4.19
C GLN A 217 -13.37 -14.79 5.32
N LEU A 218 -12.75 -13.90 6.11
CA LEU A 218 -13.39 -13.31 7.28
C LEU A 218 -14.09 -12.00 6.96
N GLU A 219 -13.63 -11.30 5.90
CA GLU A 219 -14.08 -9.96 5.61
C GLU A 219 -15.60 -9.89 5.42
N PRO A 220 -16.23 -10.83 4.68
CA PRO A 220 -17.69 -10.80 4.52
C PRO A 220 -18.45 -10.76 5.84
N LEU A 221 -17.98 -11.51 6.84
CA LEU A 221 -18.61 -11.46 8.15
C LEU A 221 -18.51 -10.04 8.69
N TYR A 222 -17.31 -9.44 8.56
CA TYR A 222 -17.11 -8.13 9.14
C TYR A 222 -18.02 -7.16 8.39
N LEU A 223 -18.05 -7.25 7.06
CA LEU A 223 -18.84 -6.31 6.27
C LEU A 223 -20.30 -6.33 6.73
N ASN A 224 -20.84 -7.55 7.01
CA ASN A 224 -22.23 -7.69 7.40
C ASN A 224 -22.50 -7.18 8.81
N LEU A 225 -21.57 -7.46 9.75
CA LEU A 225 -21.69 -6.91 11.09
C LEU A 225 -21.73 -5.37 11.02
N HIS A 226 -20.77 -4.81 10.25
CA HIS A 226 -20.62 -3.38 10.07
C HIS A 226 -21.92 -2.71 9.61
N ALA A 227 -22.50 -3.25 8.51
CA ALA A 227 -23.72 -2.72 7.93
C ALA A 227 -24.86 -2.68 8.98
N PHE A 228 -25.03 -3.79 9.69
CA PHE A 228 -26.04 -3.88 10.72
C PHE A 228 -25.85 -2.85 11.83
N VAL A 229 -24.64 -2.78 12.37
CA VAL A 229 -24.33 -1.84 13.45
C VAL A 229 -24.52 -0.40 12.97
N ARG A 230 -24.04 -0.10 11.77
CA ARG A 230 -24.21 1.24 11.25
C ARG A 230 -25.69 1.62 11.18
N ARG A 231 -26.55 0.67 10.76
CA ARG A 231 -27.97 0.91 10.69
C ARG A 231 -28.52 1.21 12.08
N ALA A 232 -28.10 0.43 13.09
CA ALA A 232 -28.53 0.66 14.46
C ALA A 232 -28.08 2.04 14.94
N LEU A 233 -26.87 2.46 14.55
CA LEU A 233 -26.38 3.77 14.94
C LEU A 233 -27.16 4.90 14.28
N HIS A 234 -27.53 4.71 13.01
CA HIS A 234 -28.32 5.70 12.28
C HIS A 234 -29.65 6.00 13.00
N ARG A 235 -30.34 4.93 13.45
CA ARG A 235 -31.61 5.05 14.15
C ARG A 235 -31.44 5.86 15.42
N ARG A 236 -30.26 5.88 16.04
CA ARG A 236 -30.05 6.64 17.27
C ARG A 236 -29.52 8.04 16.99
N TYR A 237 -28.55 8.18 16.07
CA TYR A 237 -27.82 9.43 15.94
C TYR A 237 -28.32 10.28 14.77
N GLY A 238 -29.07 9.69 13.81
CA GLY A 238 -29.67 10.44 12.70
C GLY A 238 -28.78 10.53 11.46
N ASP A 239 -29.32 11.00 10.33
N ASP A 239 -29.35 11.08 10.38
CA ASP A 239 -28.56 10.99 9.09
CA ASP A 239 -28.74 11.13 9.06
C ASP A 239 -27.51 12.11 9.03
C ASP A 239 -27.54 12.08 9.06
N ARG A 240 -27.51 13.03 10.00
CA ARG A 240 -26.48 14.05 10.01
C ARG A 240 -25.12 13.45 10.43
N TYR A 241 -25.13 12.47 11.32
CA TYR A 241 -23.91 11.93 11.89
C TYR A 241 -23.61 10.49 11.45
N ILE A 242 -24.55 9.84 10.76
CA ILE A 242 -24.37 8.50 10.24
C ILE A 242 -24.72 8.50 8.76
N ASN A 243 -23.75 8.08 7.94
CA ASN A 243 -23.97 7.93 6.52
C ASN A 243 -24.08 6.44 6.23
N LEU A 244 -25.29 6.02 5.80
CA LEU A 244 -25.57 4.60 5.60
C LEU A 244 -24.76 4.02 4.45
N ARG A 245 -24.09 4.85 3.65
CA ARG A 245 -23.19 4.34 2.62
C ARG A 245 -21.74 4.76 2.85
N GLY A 246 -21.45 5.25 4.07
CA GLY A 246 -20.15 5.80 4.40
C GLY A 246 -19.52 5.10 5.61
N PRO A 247 -18.26 5.44 5.97
CA PRO A 247 -17.64 4.90 7.16
C PRO A 247 -18.35 5.41 8.41
N ILE A 248 -18.25 4.63 9.49
CA ILE A 248 -18.84 4.93 10.78
C ILE A 248 -17.89 5.87 11.52
N PRO A 249 -18.37 6.98 12.12
CA PRO A 249 -17.51 7.81 12.95
C PRO A 249 -16.81 7.02 14.06
N ALA A 250 -15.49 7.25 14.23
CA ALA A 250 -14.66 6.31 15.00
C ALA A 250 -14.91 6.38 16.50
N HIS A 251 -15.77 7.29 16.98
CA HIS A 251 -15.94 7.48 18.42
C HIS A 251 -17.21 6.83 18.96
N LEU A 252 -17.98 6.17 18.08
CA LEU A 252 -19.33 5.77 18.42
C LEU A 252 -19.47 4.28 18.70
N LEU A 253 -18.37 3.51 18.76
CA LEU A 253 -18.52 2.07 18.74
C LEU A 253 -18.17 1.43 20.07
N GLY A 254 -18.03 2.25 21.11
CA GLY A 254 -17.93 1.72 22.47
C GLY A 254 -16.50 1.61 23.00
N ASP A 255 -15.53 1.95 22.16
CA ASP A 255 -14.13 1.73 22.45
C ASP A 255 -13.30 2.86 21.84
N MET A 256 -12.24 3.30 22.53
CA MET A 256 -11.41 4.42 22.08
C MET A 256 -10.87 4.16 20.67
N TRP A 257 -10.62 2.87 20.32
CA TRP A 257 -10.02 2.49 19.04
C TRP A 257 -11.06 1.86 18.12
N ALA A 258 -12.33 1.88 18.49
CA ALA A 258 -13.34 1.15 17.72
C ALA A 258 -12.91 -0.31 17.50
N GLN A 259 -12.14 -0.90 18.43
CA GLN A 259 -11.49 -2.17 18.12
C GLN A 259 -12.37 -3.37 18.49
N SER A 260 -13.24 -3.19 19.47
CA SER A 260 -14.31 -4.15 19.71
C SER A 260 -15.56 -3.39 20.17
N TRP A 261 -16.71 -3.97 19.83
CA TRP A 261 -17.95 -3.22 19.84
C TRP A 261 -18.93 -3.73 20.90
N GLU A 262 -18.49 -4.59 21.80
CA GLU A 262 -19.38 -5.22 22.78
C GLU A 262 -20.11 -4.21 23.65
N ASN A 263 -19.53 -3.00 23.91
CA ASN A 263 -20.19 -2.01 24.75
C ASN A 263 -21.38 -1.32 24.10
N ILE A 264 -21.62 -1.49 22.79
CA ILE A 264 -22.86 -0.94 22.24
C ILE A 264 -23.87 -2.06 22.03
N TYR A 265 -23.68 -3.20 22.73
CA TYR A 265 -24.56 -4.35 22.56
C TYR A 265 -26.01 -3.93 22.83
N ASP A 266 -26.20 -3.02 23.79
CA ASP A 266 -27.53 -2.62 24.19
C ASP A 266 -28.29 -1.96 23.05
N MET A 267 -27.57 -1.47 22.02
CA MET A 267 -28.15 -0.77 20.90
C MET A 267 -28.47 -1.67 19.71
N VAL A 268 -27.89 -2.88 19.68
CA VAL A 268 -28.04 -3.71 18.50
C VAL A 268 -28.72 -5.05 18.83
N VAL A 269 -29.00 -5.32 20.10
CA VAL A 269 -29.44 -6.64 20.51
C VAL A 269 -30.76 -6.96 19.80
N PRO A 270 -30.85 -7.96 18.91
CA PRO A 270 -32.11 -8.23 18.20
C PRO A 270 -33.31 -8.66 19.06
N PHE A 271 -33.11 -9.49 20.10
CA PHE A 271 -34.24 -10.00 20.86
C PHE A 271 -34.12 -9.62 22.32
N PRO A 272 -34.46 -8.34 22.64
CA PRO A 272 -34.24 -7.77 23.98
C PRO A 272 -35.07 -8.32 25.14
N ASP A 273 -36.03 -9.24 24.91
CA ASP A 273 -36.70 -9.82 26.08
C ASP A 273 -36.22 -11.25 26.35
N LYS A 274 -35.15 -11.68 25.68
CA LYS A 274 -34.41 -12.85 26.13
C LYS A 274 -33.50 -12.43 27.28
N PRO A 275 -32.83 -13.39 27.96
CA PRO A 275 -31.92 -13.01 29.04
C PRO A 275 -30.89 -11.96 28.60
N ASN A 276 -30.64 -11.00 29.49
CA ASN A 276 -29.66 -9.95 29.26
C ASN A 276 -28.25 -10.55 29.37
N LEU A 277 -27.50 -10.62 28.26
CA LEU A 277 -26.26 -11.38 28.23
C LEU A 277 -25.07 -10.56 28.71
N ASP A 278 -25.29 -9.26 28.96
CA ASP A 278 -24.29 -8.43 29.60
C ASP A 278 -24.59 -8.36 31.09
N VAL A 279 -23.74 -9.03 31.87
CA VAL A 279 -23.97 -9.31 33.27
C VAL A 279 -23.27 -8.29 34.18
N THR A 280 -22.77 -7.17 33.61
CA THR A 280 -22.07 -6.16 34.39
C THR A 280 -22.92 -5.70 35.57
N SER A 281 -24.20 -5.41 35.30
CA SER A 281 -25.17 -5.01 36.33
C SER A 281 -25.19 -5.98 37.50
N THR A 282 -25.38 -7.25 37.15
CA THR A 282 -25.47 -8.30 38.15
C THR A 282 -24.16 -8.33 38.92
N MET A 283 -23.03 -8.24 38.20
CA MET A 283 -21.74 -8.20 38.88
C MET A 283 -21.71 -7.04 39.90
N LEU A 284 -22.16 -5.85 39.49
CA LEU A 284 -22.20 -4.70 40.39
C LEU A 284 -23.21 -4.91 41.52
N GLN A 285 -24.46 -5.24 41.17
CA GLN A 285 -25.49 -5.59 42.15
C GLN A 285 -24.98 -6.61 43.17
N GLN A 286 -24.24 -7.65 42.74
CA GLN A 286 -23.76 -8.66 43.66
C GLN A 286 -22.55 -8.20 44.46
N GLY A 287 -21.97 -7.05 44.10
CA GLY A 287 -20.78 -6.53 44.77
C GLY A 287 -19.49 -7.28 44.41
N TRP A 288 -19.28 -7.63 43.13
CA TRP A 288 -17.99 -8.20 42.74
C TRP A 288 -16.89 -7.13 42.88
N GLN A 289 -15.73 -7.58 43.35
CA GLN A 289 -14.52 -6.79 43.38
C GLN A 289 -13.50 -7.43 42.43
N ALA A 290 -12.39 -6.72 42.18
CA ALA A 290 -11.29 -7.24 41.38
C ALA A 290 -10.92 -8.66 41.85
N THR A 291 -10.67 -8.82 43.16
CA THR A 291 -10.19 -10.09 43.67
C THR A 291 -11.15 -11.21 43.29
N HIS A 292 -12.46 -10.95 43.26
CA HIS A 292 -13.38 -12.04 42.97
C HIS A 292 -13.17 -12.51 41.53
N MET A 293 -12.92 -11.54 40.64
CA MET A 293 -12.77 -11.79 39.23
C MET A 293 -11.56 -12.69 39.00
N PHE A 294 -10.44 -12.41 39.69
CA PHE A 294 -9.23 -13.19 39.54
C PHE A 294 -9.38 -14.61 40.12
N ARG A 295 -10.12 -14.72 41.22
CA ARG A 295 -10.34 -16.01 41.86
C ARG A 295 -11.27 -16.85 41.01
N VAL A 296 -12.25 -16.21 40.38
CA VAL A 296 -13.17 -16.99 39.56
C VAL A 296 -12.44 -17.50 38.33
N ALA A 297 -11.55 -16.68 37.75
CA ALA A 297 -10.76 -17.09 36.61
C ALA A 297 -9.85 -18.25 36.97
N GLU A 298 -9.10 -18.09 38.08
CA GLU A 298 -8.24 -19.13 38.62
C GLU A 298 -8.95 -20.48 38.75
N GLU A 299 -10.13 -20.45 39.35
CA GLU A 299 -10.90 -21.65 39.57
C GLU A 299 -11.29 -22.35 38.26
N PHE A 300 -11.49 -21.60 37.17
CA PHE A 300 -11.71 -22.24 35.87
C PHE A 300 -10.47 -23.06 35.48
N PHE A 301 -9.30 -22.46 35.71
CA PHE A 301 -8.03 -23.08 35.38
C PHE A 301 -7.80 -24.35 36.21
N THR A 302 -8.10 -24.30 37.52
CA THR A 302 -7.89 -25.48 38.35
C THR A 302 -8.93 -26.56 38.02
N SER A 303 -10.13 -26.18 37.57
CA SER A 303 -11.14 -27.16 37.12
C SER A 303 -10.60 -28.04 35.99
N LEU A 304 -9.62 -27.53 35.23
CA LEU A 304 -8.99 -28.27 34.14
C LEU A 304 -7.75 -29.04 34.59
N GLU A 305 -7.45 -28.94 35.89
CA GLU A 305 -6.21 -29.45 36.43
C GLU A 305 -5.05 -28.69 35.82
N LEU A 306 -5.25 -27.39 35.61
CA LEU A 306 -4.10 -26.53 35.41
C LEU A 306 -3.75 -25.90 36.76
N SER A 307 -2.63 -25.18 36.82
N SER A 307 -2.65 -25.17 36.81
CA SER A 307 -2.06 -24.71 38.07
CA SER A 307 -2.08 -24.77 38.08
C SER A 307 -2.87 -23.55 38.64
C SER A 307 -2.81 -23.54 38.65
N PRO A 308 -2.97 -23.46 39.99
CA PRO A 308 -3.44 -22.25 40.64
C PRO A 308 -2.39 -21.15 40.59
N MET A 309 -2.79 -19.93 40.85
CA MET A 309 -1.83 -18.86 40.99
C MET A 309 -1.03 -19.08 42.27
N PRO A 310 0.30 -18.98 42.23
CA PRO A 310 1.09 -19.11 43.44
C PRO A 310 0.89 -17.97 44.44
N PRO A 311 1.28 -18.19 45.70
CA PRO A 311 1.26 -17.16 46.72
C PRO A 311 1.94 -15.89 46.27
N GLU A 312 3.07 -16.04 45.56
CA GLU A 312 3.83 -14.89 45.09
C GLU A 312 3.05 -14.03 44.10
N PHE A 313 2.10 -14.65 43.35
CA PHE A 313 1.18 -13.93 42.47
C PHE A 313 0.18 -13.10 43.29
N TRP A 314 -0.38 -13.64 44.39
CA TRP A 314 -1.36 -12.87 45.15
C TRP A 314 -0.68 -11.79 46.01
N GLU A 315 0.52 -12.06 46.52
CA GLU A 315 1.27 -11.08 47.30
C GLU A 315 1.83 -9.97 46.41
N GLY A 316 2.18 -10.28 45.15
CA GLY A 316 2.96 -9.38 44.31
C GLY A 316 2.13 -8.50 43.37
N SER A 317 0.91 -8.94 43.01
CA SER A 317 0.24 -8.38 41.86
C SER A 317 -0.34 -7.02 42.22
N MET A 318 -0.59 -6.20 41.19
CA MET A 318 -1.38 -4.99 41.31
C MET A 318 -2.70 -5.20 40.57
N LEU A 319 -3.79 -5.47 41.30
CA LEU A 319 -5.04 -5.93 40.70
C LEU A 319 -6.09 -4.82 40.68
N GLU A 320 -5.73 -3.64 41.20
CA GLU A 320 -6.59 -2.47 41.16
C GLU A 320 -5.73 -1.24 40.93
N LYS A 321 -6.33 -0.20 40.38
CA LYS A 321 -5.65 1.07 40.30
C LYS A 321 -5.36 1.62 41.70
N PRO A 322 -4.09 1.97 42.04
CA PRO A 322 -3.79 2.55 43.35
C PRO A 322 -4.56 3.82 43.66
N ALA A 323 -4.97 3.94 44.92
CA ALA A 323 -5.68 5.11 45.39
C ALA A 323 -4.75 6.05 46.14
N ASP A 324 -3.48 5.69 46.32
CA ASP A 324 -2.52 6.57 46.97
C ASP A 324 -2.16 7.70 46.00
N GLY A 325 -0.92 8.19 46.03
CA GLY A 325 -0.49 9.25 45.12
C GLY A 325 -0.04 8.71 43.75
N ARG A 326 0.10 7.38 43.61
CA ARG A 326 0.92 6.80 42.57
C ARG A 326 0.33 6.98 41.18
N GLU A 327 1.21 7.25 40.23
CA GLU A 327 0.89 7.08 38.83
C GLU A 327 1.40 5.71 38.41
N VAL A 328 0.60 5.05 37.57
CA VAL A 328 0.89 3.69 37.18
C VAL A 328 0.58 3.53 35.70
N VAL A 329 1.17 2.50 35.12
CA VAL A 329 0.73 2.06 33.81
C VAL A 329 -0.52 1.21 34.00
N CYS A 330 -1.66 1.66 33.48
CA CYS A 330 -2.89 0.95 33.71
C CYS A 330 -3.10 -0.19 32.74
N HIS A 331 -2.57 -0.09 31.51
CA HIS A 331 -2.76 -1.12 30.51
C HIS A 331 -2.40 -2.50 31.10
N ALA A 332 -3.36 -3.43 31.06
CA ALA A 332 -3.24 -4.75 31.67
C ALA A 332 -2.07 -5.59 31.11
N SER A 333 -1.32 -6.25 31.98
CA SER A 333 -0.19 -7.06 31.54
C SER A 333 0.11 -8.15 32.55
N ALA A 334 0.73 -9.21 32.04
CA ALA A 334 1.11 -10.39 32.78
C ALA A 334 2.62 -10.55 32.72
N TRP A 335 3.25 -10.75 33.88
CA TRP A 335 4.69 -10.61 34.03
C TRP A 335 5.36 -11.91 34.51
N ASP A 336 6.38 -12.33 33.76
CA ASP A 336 7.32 -13.38 34.16
C ASP A 336 8.63 -12.71 34.64
N PHE A 337 9.02 -12.89 35.91
CA PHE A 337 10.29 -12.36 36.40
C PHE A 337 11.48 -13.26 36.09
N TYR A 338 11.25 -14.39 35.42
CA TYR A 338 12.33 -15.26 34.93
C TYR A 338 13.16 -15.89 36.07
N ASN A 339 12.60 -15.96 37.30
CA ASN A 339 13.26 -16.61 38.42
C ASN A 339 12.53 -17.90 38.84
N ARG A 340 11.58 -18.37 38.02
CA ARG A 340 10.79 -19.58 38.26
C ARG A 340 9.84 -19.49 39.45
N LYS A 341 9.63 -18.29 40.00
CA LYS A 341 8.98 -18.12 41.29
C LYS A 341 7.99 -16.94 41.27
N ASP A 342 8.43 -15.77 40.76
CA ASP A 342 7.60 -14.59 40.70
C ASP A 342 6.89 -14.47 39.36
N PHE A 343 5.55 -14.32 39.45
CA PHE A 343 4.65 -14.10 38.34
C PHE A 343 3.54 -13.18 38.85
N ARG A 344 3.18 -12.16 38.07
CA ARG A 344 2.26 -11.13 38.53
C ARG A 344 1.42 -10.57 37.40
N ILE A 345 0.23 -10.10 37.77
CA ILE A 345 -0.56 -9.32 36.85
C ILE A 345 -0.60 -7.89 37.37
N LYS A 346 -0.55 -6.95 36.43
CA LYS A 346 -0.75 -5.54 36.74
C LYS A 346 -1.91 -5.05 35.88
N GLN A 347 -3.05 -4.79 36.52
CA GLN A 347 -4.26 -4.36 35.84
C GLN A 347 -5.03 -3.39 36.75
N CYS A 348 -5.59 -2.31 36.16
CA CYS A 348 -6.44 -1.37 36.86
C CYS A 348 -7.88 -1.88 36.66
N THR A 349 -8.16 -3.03 37.27
CA THR A 349 -9.34 -3.81 37.00
C THR A 349 -10.59 -3.02 37.38
N ARG A 350 -11.55 -2.94 36.45
CA ARG A 350 -12.88 -2.46 36.73
C ARG A 350 -13.89 -3.61 36.70
N VAL A 351 -15.02 -3.40 37.40
CA VAL A 351 -16.03 -4.43 37.54
C VAL A 351 -17.02 -4.36 36.38
N THR A 352 -16.65 -5.05 35.30
CA THR A 352 -17.44 -5.16 34.10
C THR A 352 -17.20 -6.55 33.54
N MET A 353 -18.12 -6.97 32.68
CA MET A 353 -18.05 -8.26 32.03
C MET A 353 -16.85 -8.36 31.07
N ASP A 354 -16.61 -7.32 30.27
CA ASP A 354 -15.47 -7.34 29.36
C ASP A 354 -14.17 -7.43 30.16
N GLN A 355 -14.12 -6.85 31.37
CA GLN A 355 -12.90 -6.95 32.17
C GLN A 355 -12.70 -8.35 32.74
N LEU A 356 -13.81 -9.07 32.92
CA LEU A 356 -13.74 -10.45 33.35
C LEU A 356 -13.01 -11.25 32.28
N SER A 357 -13.31 -10.97 31.02
CA SER A 357 -12.60 -11.58 29.90
C SER A 357 -11.13 -11.15 29.91
N THR A 358 -10.84 -9.87 30.10
CA THR A 358 -9.46 -9.39 30.17
C THR A 358 -8.70 -10.13 31.28
N VAL A 359 -9.34 -10.37 32.42
CA VAL A 359 -8.71 -11.07 33.53
C VAL A 359 -8.29 -12.47 33.07
N HIS A 360 -9.18 -13.14 32.34
CA HIS A 360 -8.89 -14.45 31.80
C HIS A 360 -7.77 -14.38 30.78
N HIS A 361 -7.81 -13.37 29.90
CA HIS A 361 -6.76 -13.18 28.91
C HIS A 361 -5.40 -13.14 29.63
N GLU A 362 -5.33 -12.30 30.67
CA GLU A 362 -4.08 -12.07 31.37
C GLU A 362 -3.67 -13.33 32.17
N MET A 363 -4.65 -14.00 32.79
CA MET A 363 -4.33 -15.23 33.52
C MET A 363 -3.84 -16.31 32.55
N GLY A 364 -4.30 -16.32 31.29
CA GLY A 364 -3.75 -17.21 30.27
C GLY A 364 -2.23 -17.07 30.11
N HIS A 365 -1.75 -15.82 30.10
CA HIS A 365 -0.33 -15.52 30.02
C HIS A 365 0.40 -16.16 31.21
N ILE A 366 -0.13 -15.90 32.42
CA ILE A 366 0.47 -16.40 33.64
C ILE A 366 0.54 -17.92 33.59
N GLN A 367 -0.56 -18.55 33.16
CA GLN A 367 -0.62 -19.99 33.17
C GLN A 367 0.48 -20.58 32.30
N TYR A 368 0.72 -19.95 31.12
CA TYR A 368 1.81 -20.34 30.25
C TYR A 368 3.15 -20.26 30.98
N TYR A 369 3.42 -19.12 31.62
CA TYR A 369 4.62 -18.91 32.42
C TYR A 369 4.77 -20.01 33.46
N LEU A 370 3.68 -20.41 34.14
CA LEU A 370 3.75 -21.47 35.15
C LEU A 370 4.12 -22.83 34.55
N GLN A 371 3.63 -23.14 33.35
CA GLN A 371 3.79 -24.46 32.77
C GLN A 371 5.17 -24.65 32.13
N TYR A 372 5.84 -23.59 31.68
CA TYR A 372 7.09 -23.76 30.94
C TYR A 372 8.27 -23.24 31.75
N LYS A 373 8.03 -22.93 33.03
CA LYS A 373 9.03 -22.23 33.82
C LYS A 373 10.30 -23.07 34.01
N ASP A 374 10.21 -24.39 33.84
CA ASP A 374 11.37 -25.26 33.97
C ASP A 374 12.12 -25.42 32.64
N LEU A 375 11.67 -24.82 31.54
CA LEU A 375 12.42 -24.91 30.29
C LEU A 375 13.59 -23.92 30.38
N PRO A 376 14.62 -24.09 29.51
CA PRO A 376 15.64 -23.06 29.36
C PRO A 376 14.99 -21.72 29.02
N VAL A 377 15.57 -20.64 29.56
N VAL A 377 15.63 -20.66 29.52
CA VAL A 377 14.90 -19.36 29.51
CA VAL A 377 15.04 -19.35 29.55
C VAL A 377 14.55 -19.06 28.05
C VAL A 377 14.73 -18.86 28.13
N SER A 378 15.48 -19.33 27.12
CA SER A 378 15.31 -18.95 25.73
C SER A 378 14.03 -19.55 25.10
N LEU A 379 13.56 -20.69 25.64
CA LEU A 379 12.37 -21.36 25.13
C LEU A 379 11.12 -20.97 25.92
N ARG A 380 11.26 -20.00 26.85
CA ARG A 380 10.13 -19.64 27.69
C ARG A 380 9.32 -18.60 26.96
N ARG A 381 8.52 -19.07 25.99
CA ARG A 381 7.65 -18.21 25.21
C ARG A 381 6.67 -19.13 24.48
N GLY A 382 5.69 -18.55 23.78
CA GLY A 382 4.67 -19.36 23.13
C GLY A 382 5.26 -20.04 21.90
N ALA A 383 4.56 -21.03 21.36
CA ALA A 383 5.04 -21.69 20.18
C ALA A 383 5.15 -20.65 19.05
N ASN A 384 4.19 -19.73 19.00
CA ASN A 384 4.36 -18.42 18.39
C ASN A 384 3.63 -17.41 19.29
N PRO A 385 3.83 -16.10 19.09
CA PRO A 385 3.21 -15.09 19.96
C PRO A 385 1.68 -15.11 20.00
N GLY A 386 1.09 -15.54 18.87
CA GLY A 386 -0.35 -15.80 18.77
C GLY A 386 -0.86 -16.86 19.74
N PHE A 387 -0.10 -17.94 19.95
CA PHE A 387 -0.44 -18.94 20.95
C PHE A 387 -0.57 -18.34 22.33
N HIS A 388 0.38 -17.47 22.72
CA HIS A 388 0.40 -16.92 24.07
C HIS A 388 -0.83 -16.05 24.29
N GLU A 389 -1.18 -15.26 23.28
CA GLU A 389 -2.38 -14.44 23.34
C GLU A 389 -3.70 -15.23 23.32
N ALA A 390 -3.73 -16.51 22.93
CA ALA A 390 -5.01 -17.19 22.74
C ALA A 390 -5.46 -18.01 23.96
N ILE A 391 -4.53 -18.36 24.85
CA ILE A 391 -4.82 -19.28 25.94
C ILE A 391 -6.02 -18.78 26.75
N GLY A 392 -5.90 -17.57 27.29
CA GLY A 392 -6.88 -17.09 28.21
C GLY A 392 -8.23 -16.85 27.51
N ASP A 393 -8.17 -16.45 26.23
CA ASP A 393 -9.37 -16.15 25.44
C ASP A 393 -10.19 -17.43 25.21
N VAL A 394 -9.50 -18.58 25.13
CA VAL A 394 -10.14 -19.85 24.86
C VAL A 394 -11.03 -20.20 26.04
N LEU A 395 -10.52 -20.06 27.26
CA LEU A 395 -11.31 -20.30 28.46
C LEU A 395 -12.45 -19.31 28.53
N ALA A 396 -12.19 -18.03 28.18
CA ALA A 396 -13.23 -17.02 28.26
C ALA A 396 -14.37 -17.32 27.28
N LEU A 397 -14.11 -18.05 26.19
CA LEU A 397 -15.18 -18.49 25.31
C LEU A 397 -16.17 -19.41 26.04
N SER A 398 -15.67 -20.28 26.92
CA SER A 398 -16.52 -21.16 27.71
C SER A 398 -17.27 -20.36 28.78
N VAL A 399 -16.55 -19.43 29.44
CA VAL A 399 -17.09 -18.65 30.56
C VAL A 399 -18.29 -17.81 30.11
N SER A 400 -18.26 -17.29 28.88
CA SER A 400 -19.25 -16.32 28.45
C SER A 400 -20.55 -16.99 27.98
N THR A 401 -20.53 -18.31 27.77
CA THR A 401 -21.75 -19.04 27.40
C THR A 401 -22.80 -18.83 28.50
N PRO A 402 -24.08 -18.58 28.12
CA PRO A 402 -25.17 -18.42 29.09
C PRO A 402 -25.22 -19.52 30.14
N GLU A 403 -25.05 -20.77 29.70
CA GLU A 403 -25.01 -21.92 30.60
C GLU A 403 -23.94 -21.74 31.68
N HIS A 404 -22.73 -21.33 31.29
CA HIS A 404 -21.69 -21.19 32.27
C HIS A 404 -21.98 -20.01 33.19
N LEU A 405 -22.44 -18.89 32.63
CA LEU A 405 -22.76 -17.75 33.45
C LEU A 405 -23.84 -18.11 34.48
N HIS A 406 -24.77 -18.98 34.08
CA HIS A 406 -25.77 -19.46 35.02
C HIS A 406 -25.07 -20.16 36.18
N LYS A 407 -24.14 -21.07 35.85
CA LYS A 407 -23.49 -21.87 36.87
C LYS A 407 -22.74 -20.97 37.85
N ILE A 408 -22.20 -19.83 37.43
CA ILE A 408 -21.43 -19.01 38.39
C ILE A 408 -22.26 -17.85 38.96
N GLY A 409 -23.58 -17.89 38.77
CA GLY A 409 -24.50 -17.05 39.52
C GLY A 409 -24.75 -15.67 38.89
N LEU A 410 -24.46 -15.51 37.60
CA LEU A 410 -24.52 -14.22 36.92
C LEU A 410 -25.69 -14.15 35.92
N LEU A 411 -26.37 -15.27 35.70
CA LEU A 411 -27.52 -15.30 34.83
C LEU A 411 -28.53 -16.26 35.44
N ASP A 412 -29.64 -15.71 35.95
CA ASP A 412 -30.76 -16.44 36.54
C ASP A 412 -31.39 -17.38 35.52
N ARG A 413 -31.87 -16.84 34.40
CA ARG A 413 -32.58 -17.65 33.42
C ARG A 413 -31.59 -18.19 32.39
N VAL A 414 -31.83 -19.44 31.97
CA VAL A 414 -31.19 -20.00 30.80
C VAL A 414 -32.28 -20.32 29.80
N THR A 415 -32.00 -20.08 28.52
CA THR A 415 -32.90 -20.43 27.43
C THR A 415 -32.05 -21.14 26.37
N ASN A 416 -32.65 -22.05 25.63
CA ASN A 416 -31.94 -22.69 24.54
C ASN A 416 -32.83 -22.63 23.30
N ASP A 417 -32.91 -21.43 22.69
CA ASP A 417 -33.77 -21.17 21.55
C ASP A 417 -32.98 -20.36 20.54
N THR A 418 -33.49 -20.31 19.31
CA THR A 418 -32.75 -19.69 18.23
C THR A 418 -32.57 -18.19 18.53
N GLU A 419 -33.53 -17.56 19.22
CA GLU A 419 -33.41 -16.13 19.40
C GLU A 419 -32.26 -15.84 20.37
N SER A 420 -32.16 -16.66 21.42
CA SER A 420 -31.13 -16.49 22.44
C SER A 420 -29.77 -16.73 21.80
N ASP A 421 -29.70 -17.68 20.88
CA ASP A 421 -28.46 -17.98 20.16
C ASP A 421 -27.99 -16.80 19.33
N ILE A 422 -28.91 -16.21 18.58
CA ILE A 422 -28.56 -15.07 17.74
C ILE A 422 -28.01 -13.95 18.62
N ASN A 423 -28.68 -13.69 19.75
CA ASN A 423 -28.30 -12.65 20.68
C ASN A 423 -26.86 -12.92 21.10
N TYR A 424 -26.60 -14.19 21.45
CA TYR A 424 -25.33 -14.58 22.00
C TYR A 424 -24.25 -14.42 20.93
N LEU A 425 -24.52 -14.91 19.72
CA LEU A 425 -23.51 -14.90 18.67
C LEU A 425 -23.21 -13.47 18.21
N LEU A 426 -24.25 -12.63 18.24
CA LEU A 426 -24.07 -11.23 17.87
C LEU A 426 -23.18 -10.55 18.93
N LYS A 427 -23.45 -10.81 20.20
CA LYS A 427 -22.65 -10.21 21.24
C LYS A 427 -21.18 -10.60 21.03
N MET A 428 -20.94 -11.89 20.77
CA MET A 428 -19.62 -12.43 20.49
C MET A 428 -19.04 -11.87 19.18
N ALA A 429 -19.87 -11.59 18.18
CA ALA A 429 -19.33 -11.02 16.95
C ALA A 429 -18.83 -9.59 17.22
N LEU A 430 -19.50 -8.86 18.10
CA LEU A 430 -19.12 -7.48 18.42
C LEU A 430 -17.74 -7.44 19.09
N GLU A 431 -17.41 -8.53 19.78
CA GLU A 431 -16.19 -8.67 20.53
C GLU A 431 -15.07 -9.21 19.63
N LYS A 432 -15.41 -10.14 18.73
CA LYS A 432 -14.45 -10.97 18.03
C LYS A 432 -14.37 -10.54 16.56
N ILE A 433 -15.51 -10.55 15.84
CA ILE A 433 -15.50 -10.20 14.45
C ILE A 433 -15.08 -8.76 14.27
N ALA A 434 -15.58 -7.84 15.08
CA ALA A 434 -15.28 -6.44 14.90
C ALA A 434 -13.79 -6.12 15.08
N PHE A 435 -13.07 -6.90 15.88
CA PHE A 435 -11.65 -6.69 16.10
C PHE A 435 -10.79 -7.08 14.90
N LEU A 436 -11.21 -8.09 14.09
CA LEU A 436 -10.36 -8.67 13.06
C LEU A 436 -9.66 -7.63 12.18
N PRO A 437 -10.37 -6.67 11.54
CA PRO A 437 -9.71 -5.64 10.74
C PRO A 437 -8.64 -4.84 11.48
N PHE A 438 -8.93 -4.46 12.72
CA PHE A 438 -7.96 -3.70 13.51
C PHE A 438 -6.74 -4.56 13.82
N GLY A 439 -6.97 -5.80 14.28
CA GLY A 439 -5.92 -6.75 14.57
C GLY A 439 -4.99 -6.98 13.36
N TYR A 440 -5.53 -6.87 12.16
CA TYR A 440 -4.75 -7.03 10.95
C TYR A 440 -4.00 -5.77 10.56
N LEU A 441 -4.62 -4.61 10.74
CA LEU A 441 -4.16 -3.39 10.13
C LEU A 441 -2.99 -2.78 10.89
N VAL A 442 -2.89 -2.99 12.20
CA VAL A 442 -1.95 -2.22 13.00
C VAL A 442 -0.51 -2.47 12.56
N ASP A 443 -0.14 -3.73 12.41
CA ASP A 443 1.20 -4.04 11.94
C ASP A 443 1.36 -3.81 10.44
N GLN A 444 0.30 -3.81 9.64
CA GLN A 444 0.51 -3.32 8.29
C GLN A 444 1.00 -1.87 8.33
N TRP A 445 0.43 -1.07 9.22
CA TRP A 445 0.90 0.29 9.40
C TRP A 445 2.37 0.26 9.77
N ARG A 446 2.72 -0.52 10.78
CA ARG A 446 4.07 -0.49 11.35
C ARG A 446 5.08 -1.11 10.40
N TRP A 447 4.69 -2.18 9.70
CA TRP A 447 5.61 -2.74 8.73
C TRP A 447 5.99 -1.69 7.69
N GLY A 448 5.00 -0.89 7.28
CA GLY A 448 5.21 0.15 6.28
C GLY A 448 6.11 1.24 6.82
N VAL A 449 5.98 1.54 8.11
CA VAL A 449 6.84 2.56 8.72
C VAL A 449 8.26 2.02 8.82
N PHE A 450 8.42 0.75 9.21
CA PHE A 450 9.74 0.16 9.39
C PHE A 450 10.47 0.04 8.06
N SER A 451 9.76 -0.37 7.00
CA SER A 451 10.36 -0.55 5.68
C SER A 451 10.61 0.79 4.98
N GLY A 452 10.05 1.88 5.50
CA GLY A 452 10.29 3.18 4.88
C GLY A 452 9.24 3.56 3.85
N ARG A 453 8.24 2.69 3.59
CA ARG A 453 7.14 3.00 2.68
C ARG A 453 6.30 4.18 3.21
N THR A 454 6.19 4.30 4.54
CA THR A 454 5.44 5.34 5.23
C THR A 454 6.45 6.17 6.03
N PRO A 455 7.00 7.28 5.46
CA PRO A 455 7.81 8.23 6.21
C PRO A 455 7.05 9.03 7.24
N PRO A 456 7.73 9.75 8.15
CA PRO A 456 7.00 10.59 9.11
C PRO A 456 5.94 11.48 8.47
N SER A 457 6.19 11.91 7.24
CA SER A 457 5.31 12.85 6.57
C SER A 457 4.01 12.17 6.10
N ARG A 458 3.91 10.84 6.19
CA ARG A 458 2.64 10.18 5.91
C ARG A 458 2.14 9.28 7.05
N TYR A 459 2.61 9.49 8.29
CA TYR A 459 2.22 8.60 9.39
C TYR A 459 0.69 8.59 9.53
N ASN A 460 0.05 9.75 9.57
CA ASN A 460 -1.36 9.82 9.90
C ASN A 460 -2.20 9.53 8.67
N PHE A 461 -1.71 9.99 7.50
CA PHE A 461 -2.31 9.68 6.22
C PHE A 461 -2.41 8.16 6.02
N ASP A 462 -1.32 7.42 6.31
CA ASP A 462 -1.31 5.99 6.04
C ASP A 462 -2.13 5.25 7.08
N TRP A 463 -2.13 5.75 8.33
CA TRP A 463 -2.96 5.20 9.39
C TRP A 463 -4.43 5.20 9.00
N TRP A 464 -4.92 6.40 8.65
CA TRP A 464 -6.34 6.54 8.35
C TRP A 464 -6.71 5.84 7.05
N TYR A 465 -5.80 5.72 6.09
CA TYR A 465 -6.05 4.95 4.89
C TYR A 465 -6.44 3.52 5.29
N LEU A 466 -5.61 2.91 6.16
CA LEU A 466 -5.81 1.55 6.61
C LEU A 466 -7.03 1.42 7.53
N ARG A 467 -7.23 2.37 8.43
CA ARG A 467 -8.39 2.33 9.31
C ARG A 467 -9.68 2.33 8.49
N THR A 468 -9.74 3.19 7.45
CA THR A 468 -10.91 3.25 6.57
C THR A 468 -10.97 1.97 5.73
N LYS A 469 -9.83 1.59 5.11
CA LYS A 469 -9.76 0.44 4.24
C LYS A 469 -10.31 -0.82 4.91
N TYR A 470 -9.85 -1.10 6.14
CA TYR A 470 -10.22 -2.34 6.81
C TYR A 470 -11.46 -2.21 7.69
N GLN A 471 -11.44 -1.24 8.60
CA GLN A 471 -12.51 -1.10 9.58
C GLN A 471 -13.75 -0.36 9.05
N GLY A 472 -13.59 0.53 8.09
CA GLY A 472 -14.73 1.28 7.57
C GLY A 472 -15.22 2.32 8.56
N ILE A 473 -14.25 3.02 9.17
CA ILE A 473 -14.48 4.10 10.10
C ILE A 473 -13.75 5.35 9.58
N CYS A 474 -14.14 6.50 10.11
CA CYS A 474 -13.54 7.77 9.74
C CYS A 474 -13.31 8.57 11.02
N PRO A 475 -12.31 9.46 11.08
CA PRO A 475 -12.13 10.33 12.25
C PRO A 475 -13.27 11.32 12.35
N PRO A 476 -13.85 11.59 13.55
CA PRO A 476 -15.00 12.48 13.65
C PRO A 476 -14.66 13.97 13.60
N VAL A 477 -13.36 14.30 13.65
CA VAL A 477 -12.89 15.64 13.35
C VAL A 477 -11.74 15.51 12.35
N THR A 478 -11.42 16.60 11.65
CA THR A 478 -10.32 16.65 10.69
C THR A 478 -8.98 16.32 11.36
N ARG A 479 -8.18 15.49 10.70
CA ARG A 479 -6.86 15.18 11.22
C ARG A 479 -5.84 15.60 10.17
N ASN A 480 -4.63 15.91 10.60
CA ASN A 480 -3.53 16.23 9.72
C ASN A 480 -2.26 15.57 10.28
N GLU A 481 -1.10 15.88 9.69
CA GLU A 481 0.14 15.21 10.04
C GLU A 481 0.82 15.78 11.28
N THR A 482 0.27 16.81 11.91
CA THR A 482 0.64 17.15 13.28
C THR A 482 0.07 16.08 14.21
N HIS A 483 -1.10 15.53 13.90
CA HIS A 483 -1.68 14.45 14.68
C HIS A 483 -0.93 13.14 14.42
N PHE A 484 -0.80 12.29 15.47
CA PHE A 484 -0.15 10.98 15.35
C PHE A 484 -1.02 9.92 16.03
N ASP A 485 -2.15 9.61 15.39
CA ASP A 485 -3.26 8.84 15.96
C ASP A 485 -2.83 7.40 16.24
N ALA A 486 -1.90 6.88 15.45
CA ALA A 486 -1.34 5.58 15.77
C ALA A 486 -0.72 5.59 17.17
N GLY A 487 -0.07 6.68 17.58
CA GLY A 487 0.63 6.67 18.86
C GLY A 487 -0.32 6.77 20.06
N ALA A 488 -1.62 6.99 19.80
CA ALA A 488 -2.64 7.00 20.84
C ALA A 488 -3.19 5.59 21.13
N LYS A 489 -2.54 4.57 20.56
CA LYS A 489 -2.79 3.18 20.89
C LYS A 489 -1.55 2.59 21.59
N PHE A 490 -1.73 2.03 22.78
CA PHE A 490 -0.65 1.59 23.69
C PHE A 490 0.53 0.90 23.01
N HIS A 491 0.24 -0.13 22.20
CA HIS A 491 1.23 -1.02 21.62
C HIS A 491 2.27 -0.26 20.78
N VAL A 492 1.87 0.88 20.21
CA VAL A 492 2.75 1.65 19.35
C VAL A 492 3.87 2.31 20.14
N PRO A 493 3.64 3.23 21.11
CA PRO A 493 4.72 3.73 21.94
C PRO A 493 5.37 2.65 22.83
N ASN A 494 4.63 1.59 23.15
CA ASN A 494 5.24 0.53 23.95
C ASN A 494 5.99 -0.49 23.10
N VAL A 495 5.97 -0.34 21.77
CA VAL A 495 6.75 -1.19 20.91
C VAL A 495 6.39 -2.67 21.15
N THR A 496 5.09 -2.97 21.18
CA THR A 496 4.61 -4.34 21.32
C THR A 496 3.98 -4.72 20.00
N PRO A 497 4.42 -5.79 19.31
CA PRO A 497 3.78 -6.21 18.06
C PRO A 497 2.29 -6.51 18.18
N TYR A 498 1.57 -6.46 17.03
CA TYR A 498 0.12 -6.54 17.05
C TYR A 498 -0.42 -7.75 16.29
N ILE A 499 0.32 -8.28 15.33
CA ILE A 499 -0.26 -9.26 14.41
C ILE A 499 -0.64 -10.51 15.20
N ARG A 500 0.08 -10.73 16.31
CA ARG A 500 -0.23 -11.78 17.28
C ARG A 500 -1.71 -11.80 17.68
N TYR A 501 -2.36 -10.64 17.75
CA TYR A 501 -3.73 -10.61 18.18
C TYR A 501 -4.64 -11.08 17.04
N PHE A 502 -4.29 -10.75 15.80
CA PHE A 502 -5.09 -11.27 14.70
C PHE A 502 -4.94 -12.80 14.60
N VAL A 503 -3.71 -13.29 14.81
CA VAL A 503 -3.44 -14.71 14.77
C VAL A 503 -4.18 -15.36 15.94
N SER A 504 -4.16 -14.68 17.09
CA SER A 504 -4.85 -15.20 18.26
C SER A 504 -6.35 -15.43 17.97
N PHE A 505 -6.99 -14.51 17.25
CA PHE A 505 -8.44 -14.52 17.12
C PHE A 505 -8.87 -15.67 16.22
N VAL A 506 -8.00 -16.09 15.31
CA VAL A 506 -8.21 -17.27 14.50
C VAL A 506 -7.89 -18.51 15.32
N LEU A 507 -6.68 -18.53 15.92
CA LEU A 507 -6.18 -19.66 16.68
C LEU A 507 -7.20 -20.06 17.75
N GLN A 508 -7.80 -19.08 18.41
CA GLN A 508 -8.56 -19.42 19.62
C GLN A 508 -9.77 -20.28 19.25
N PHE A 509 -10.33 -20.08 18.05
CA PHE A 509 -11.46 -20.88 17.59
C PHE A 509 -10.97 -22.26 17.18
N GLN A 510 -9.74 -22.36 16.67
CA GLN A 510 -9.21 -23.67 16.35
C GLN A 510 -9.03 -24.44 17.64
N PHE A 511 -8.51 -23.77 18.67
CA PHE A 511 -8.27 -24.40 19.96
C PHE A 511 -9.59 -24.82 20.59
N HIS A 512 -10.55 -23.90 20.62
CA HIS A 512 -11.88 -24.17 21.17
C HIS A 512 -12.49 -25.43 20.53
N GLU A 513 -12.49 -25.52 19.22
CA GLU A 513 -13.06 -26.70 18.58
C GLU A 513 -12.32 -27.96 19.04
N ALA A 514 -10.98 -27.92 19.12
CA ALA A 514 -10.23 -29.11 19.52
C ALA A 514 -10.48 -29.51 20.97
N LEU A 515 -10.64 -28.53 21.87
CA LEU A 515 -10.80 -28.84 23.28
C LEU A 515 -12.25 -29.26 23.56
N CYS A 516 -13.23 -28.68 22.88
CA CYS A 516 -14.60 -29.14 22.99
C CYS A 516 -14.77 -30.59 22.52
N LYS A 517 -14.13 -30.94 21.41
CA LYS A 517 -14.14 -32.31 20.89
C LYS A 517 -13.53 -33.25 21.92
N GLU A 518 -12.39 -32.82 22.49
CA GLU A 518 -11.63 -33.62 23.43
C GLU A 518 -12.43 -33.81 24.72
N ALA A 519 -13.26 -32.83 25.07
CA ALA A 519 -14.02 -32.91 26.30
C ALA A 519 -15.28 -33.77 26.13
N GLY A 520 -15.55 -34.25 24.92
CA GLY A 520 -16.70 -35.11 24.66
C GLY A 520 -17.96 -34.34 24.34
N TYR A 521 -17.83 -33.04 24.05
CA TYR A 521 -19.02 -32.23 23.84
C TYR A 521 -19.53 -32.40 22.41
N GLU A 522 -20.84 -32.56 22.25
CA GLU A 522 -21.46 -33.01 21.01
C GLU A 522 -22.34 -31.93 20.34
N GLY A 523 -22.61 -30.82 21.03
CA GLY A 523 -23.53 -29.80 20.54
C GLY A 523 -22.86 -28.77 19.63
N PRO A 524 -23.58 -27.67 19.31
CA PRO A 524 -23.01 -26.56 18.57
C PRO A 524 -21.80 -25.93 19.29
N LEU A 525 -20.80 -25.58 18.49
CA LEU A 525 -19.54 -25.05 18.96
C LEU A 525 -19.70 -23.90 19.95
N HIS A 526 -20.61 -22.97 19.69
CA HIS A 526 -20.74 -21.76 20.50
C HIS A 526 -21.43 -22.01 21.84
N GLN A 527 -21.85 -23.26 22.10
CA GLN A 527 -22.51 -23.60 23.35
C GLN A 527 -21.63 -24.51 24.21
N CYS A 528 -20.47 -24.90 23.67
CA CYS A 528 -19.51 -25.69 24.42
C CYS A 528 -18.99 -24.91 25.62
N ASP A 529 -18.96 -25.58 26.77
CA ASP A 529 -18.26 -25.12 27.95
C ASP A 529 -17.27 -26.21 28.37
N ILE A 530 -15.94 -25.96 28.36
CA ILE A 530 -14.99 -27.03 28.72
C ILE A 530 -14.74 -27.08 30.23
N TYR A 531 -15.46 -26.27 31.04
CA TYR A 531 -15.27 -26.27 32.49
C TYR A 531 -15.18 -27.70 33.04
N ARG A 532 -14.19 -27.97 33.91
CA ARG A 532 -14.09 -29.22 34.65
C ARG A 532 -13.74 -30.40 33.75
N SER A 533 -13.39 -30.15 32.47
CA SER A 533 -12.96 -31.24 31.60
C SER A 533 -11.46 -31.44 31.77
N THR A 534 -11.09 -32.50 32.47
CA THR A 534 -9.68 -32.74 32.78
C THR A 534 -8.99 -33.25 31.52
N LYS A 535 -9.74 -33.93 30.63
CA LYS A 535 -9.18 -34.31 29.34
C LYS A 535 -8.78 -33.08 28.50
N ALA A 536 -9.67 -32.06 28.44
CA ALA A 536 -9.35 -30.83 27.74
C ALA A 536 -8.11 -30.19 28.38
N GLY A 537 -8.06 -30.19 29.70
CA GLY A 537 -6.92 -29.65 30.42
C GLY A 537 -5.61 -30.28 29.98
N ALA A 538 -5.59 -31.62 29.86
CA ALA A 538 -4.36 -32.34 29.53
C ALA A 538 -3.90 -31.97 28.13
N LYS A 539 -4.86 -31.84 27.20
CA LYS A 539 -4.49 -31.46 25.85
C LYS A 539 -3.89 -30.04 25.84
N LEU A 540 -4.54 -29.12 26.54
CA LEU A 540 -4.05 -27.75 26.64
C LEU A 540 -2.71 -27.71 27.37
N ARG A 541 -2.56 -28.51 28.43
CA ARG A 541 -1.34 -28.49 29.23
C ARG A 541 -0.14 -28.87 28.35
N LYS A 542 -0.35 -29.79 27.41
CA LYS A 542 0.72 -30.25 26.56
C LYS A 542 1.24 -29.12 25.67
N VAL A 543 0.36 -28.27 25.18
CA VAL A 543 0.80 -27.11 24.43
C VAL A 543 1.65 -26.21 25.31
N LEU A 544 1.12 -25.84 26.48
CA LEU A 544 1.72 -24.84 27.36
C LEU A 544 3.13 -25.25 27.77
N ARG A 545 3.28 -26.53 28.10
CA ARG A 545 4.53 -27.05 28.62
C ARG A 545 5.61 -27.04 27.55
N ALA A 546 5.23 -27.06 26.26
CA ALA A 546 6.19 -27.11 25.16
C ALA A 546 6.98 -25.81 25.02
N GLY A 547 6.43 -24.68 25.50
CA GLY A 547 6.99 -23.38 25.21
C GLY A 547 7.32 -23.26 23.71
N SER A 548 8.50 -22.70 23.39
CA SER A 548 8.92 -22.54 22.01
C SER A 548 9.90 -23.64 21.66
N SER A 549 9.78 -24.79 22.32
CA SER A 549 10.79 -25.82 22.10
C SER A 549 10.58 -26.49 20.74
N ARG A 550 9.38 -26.43 20.18
CA ARG A 550 9.12 -27.09 18.91
C ARG A 550 8.39 -26.16 17.95
N PRO A 551 8.55 -26.39 16.63
CA PRO A 551 7.88 -25.57 15.63
C PRO A 551 6.39 -25.42 15.91
N TRP A 552 5.86 -24.20 15.76
CA TRP A 552 4.46 -23.99 16.13
C TRP A 552 3.56 -24.83 15.23
N GLN A 553 3.93 -25.01 13.96
CA GLN A 553 3.12 -25.81 13.05
C GLN A 553 2.92 -27.23 13.58
N GLU A 554 3.95 -27.80 14.24
CA GLU A 554 3.86 -29.17 14.74
C GLU A 554 3.03 -29.24 16.01
N VAL A 555 3.25 -28.27 16.92
CA VAL A 555 2.49 -28.18 18.15
C VAL A 555 1.01 -28.09 17.80
N LEU A 556 0.65 -27.30 16.80
CA LEU A 556 -0.73 -27.08 16.40
C LEU A 556 -1.32 -28.36 15.81
N LYS A 557 -0.52 -29.04 14.99
CA LYS A 557 -0.94 -30.30 14.39
C LYS A 557 -1.30 -31.31 15.48
N ASP A 558 -0.46 -31.44 16.52
CA ASP A 558 -0.69 -32.39 17.60
C ASP A 558 -1.97 -32.02 18.34
N MET A 559 -2.23 -30.71 18.47
CA MET A 559 -3.37 -30.25 19.22
C MET A 559 -4.65 -30.38 18.40
N VAL A 560 -4.66 -29.90 17.15
CA VAL A 560 -5.94 -29.71 16.48
C VAL A 560 -6.03 -30.57 15.23
N GLY A 561 -4.93 -31.22 14.85
CA GLY A 561 -4.90 -32.10 13.70
C GLY A 561 -4.60 -31.35 12.41
N LEU A 562 -4.11 -30.11 12.51
CA LEU A 562 -3.74 -29.33 11.35
C LEU A 562 -2.49 -28.48 11.64
N ASP A 563 -1.66 -28.28 10.62
CA ASP A 563 -0.39 -27.59 10.80
C ASP A 563 -0.43 -26.15 10.27
N ALA A 564 -1.58 -25.49 10.31
CA ALA A 564 -1.73 -24.16 9.73
C ALA A 564 -2.89 -23.42 10.39
N LEU A 565 -2.77 -22.10 10.47
CA LEU A 565 -3.90 -21.25 10.79
C LEU A 565 -5.05 -21.57 9.83
N ASP A 566 -6.27 -21.59 10.37
CA ASP A 566 -7.46 -21.93 9.60
C ASP A 566 -8.66 -21.16 10.17
N ALA A 567 -9.35 -20.43 9.30
CA ALA A 567 -10.56 -19.69 9.65
C ALA A 567 -11.82 -20.56 9.71
N GLN A 568 -11.77 -21.82 9.29
CA GLN A 568 -13.01 -22.60 9.24
C GLN A 568 -13.64 -22.75 10.62
N PRO A 569 -12.90 -23.03 11.73
CA PRO A 569 -13.51 -23.10 13.05
C PRO A 569 -14.23 -21.83 13.49
N LEU A 570 -13.64 -20.66 13.22
CA LEU A 570 -14.28 -19.40 13.55
C LEU A 570 -15.56 -19.24 12.73
N LEU A 571 -15.49 -19.57 11.44
CA LEU A 571 -16.65 -19.45 10.57
C LEU A 571 -17.81 -20.34 11.05
N LYS A 572 -17.50 -21.54 11.51
CA LYS A 572 -18.47 -22.54 11.95
C LYS A 572 -19.13 -22.11 13.26
N TYR A 573 -18.31 -21.52 14.13
CA TYR A 573 -18.76 -20.99 15.40
C TYR A 573 -19.85 -19.97 15.12
N PHE A 574 -19.63 -19.11 14.13
CA PHE A 574 -20.50 -17.95 13.92
C PHE A 574 -21.57 -18.20 12.86
N GLN A 575 -21.52 -19.34 12.18
CA GLN A 575 -22.39 -19.69 11.04
C GLN A 575 -23.81 -19.12 11.11
N LEU A 576 -24.52 -19.37 12.22
CA LEU A 576 -25.92 -18.96 12.37
C LEU A 576 -26.10 -17.44 12.30
N VAL A 577 -25.20 -16.68 12.92
CA VAL A 577 -25.37 -15.23 12.93
C VAL A 577 -24.90 -14.65 11.59
N THR A 578 -23.88 -15.26 10.98
CA THR A 578 -23.43 -14.90 9.65
C THR A 578 -24.65 -14.97 8.71
N GLN A 579 -25.37 -16.09 8.73
CA GLN A 579 -26.54 -16.28 7.86
C GLN A 579 -27.58 -15.22 8.17
N TRP A 580 -27.87 -15.02 9.46
CA TRP A 580 -28.92 -14.12 9.88
C TRP A 580 -28.63 -12.66 9.55
N LEU A 581 -27.37 -12.20 9.73
CA LEU A 581 -27.02 -10.81 9.47
C LEU A 581 -27.16 -10.51 7.98
N GLN A 582 -26.73 -11.46 7.15
CA GLN A 582 -26.88 -11.38 5.72
C GLN A 582 -28.34 -11.15 5.33
N GLU A 583 -29.23 -12.04 5.80
CA GLU A 583 -30.67 -11.93 5.57
C GLU A 583 -31.20 -10.58 6.05
N GLN A 584 -30.86 -10.16 7.25
CA GLN A 584 -31.29 -8.86 7.74
C GLN A 584 -30.81 -7.73 6.83
N ASN A 585 -29.54 -7.74 6.40
CA ASN A 585 -29.02 -6.63 5.63
C ASN A 585 -29.72 -6.58 4.26
N GLN A 586 -29.94 -7.75 3.64
CA GLN A 586 -30.67 -7.87 2.38
C GLN A 586 -32.07 -7.29 2.55
N GLN A 587 -32.77 -7.71 3.61
CA GLN A 587 -34.13 -7.26 3.87
C GLN A 587 -34.18 -5.76 4.14
N ASN A 588 -33.16 -5.20 4.77
CA ASN A 588 -33.21 -3.78 5.11
C ASN A 588 -32.77 -2.95 3.92
N GLY A 589 -32.29 -3.59 2.83
CA GLY A 589 -31.74 -2.88 1.67
C GLY A 589 -30.39 -2.20 1.93
N GLU A 590 -29.51 -2.86 2.68
CA GLU A 590 -28.26 -2.22 3.09
C GLU A 590 -27.23 -2.27 1.95
N VAL A 591 -26.34 -1.28 1.94
CA VAL A 591 -25.14 -1.40 1.15
C VAL A 591 -24.02 -1.92 2.06
N LEU A 592 -23.44 -3.06 1.68
CA LEU A 592 -22.27 -3.60 2.33
C LEU A 592 -21.08 -2.75 1.91
N GLY A 593 -20.27 -2.33 2.89
CA GLY A 593 -19.13 -1.49 2.57
C GLY A 593 -19.46 -0.03 2.79
N TRP A 594 -18.53 0.81 2.37
CA TRP A 594 -18.62 2.25 2.55
C TRP A 594 -18.14 2.93 1.27
N PRO A 595 -18.92 2.85 0.16
CA PRO A 595 -18.52 3.45 -1.09
C PRO A 595 -18.33 4.97 -1.00
N GLU A 596 -19.00 5.66 -0.07
CA GLU A 596 -18.74 7.08 0.14
C GLU A 596 -17.54 7.23 1.09
N TYR A 597 -16.36 6.86 0.59
CA TYR A 597 -15.20 6.62 1.41
C TYR A 597 -14.62 7.95 1.90
N GLN A 598 -15.01 9.05 1.25
CA GLN A 598 -14.49 10.38 1.55
C GLN A 598 -15.30 11.04 2.65
N TRP A 599 -16.45 10.48 3.02
CA TRP A 599 -17.38 11.14 3.92
C TRP A 599 -16.86 11.18 5.36
N HIS A 600 -17.08 12.33 6.01
CA HIS A 600 -16.76 12.52 7.43
C HIS A 600 -17.95 13.24 8.04
N PRO A 601 -18.33 13.02 9.33
CA PRO A 601 -19.46 13.75 9.91
C PRO A 601 -19.15 15.23 10.16
N PRO A 602 -20.16 16.13 10.26
CA PRO A 602 -19.89 17.51 10.63
C PRO A 602 -19.59 17.66 12.12
N LEU A 603 -18.99 18.78 12.54
CA LEU A 603 -18.84 19.08 13.96
C LEU A 603 -20.22 19.38 14.53
N PRO A 604 -20.51 19.06 15.81
CA PRO A 604 -21.69 19.59 16.49
C PRO A 604 -21.69 21.12 16.58
N ASP A 605 -22.88 21.75 16.58
CA ASP A 605 -23.00 23.20 16.52
C ASP A 605 -22.24 23.84 17.68
N ASN A 606 -22.41 23.28 18.89
CA ASN A 606 -22.01 23.92 20.14
C ASN A 606 -20.67 23.37 20.61
N TYR A 607 -19.73 23.18 19.69
CA TYR A 607 -18.60 22.31 19.95
C TYR A 607 -17.28 23.04 19.77
N PRO A 608 -16.30 22.94 20.71
CA PRO A 608 -16.41 22.08 21.91
C PRO A 608 -17.29 22.58 23.04
N GLU A 609 -17.41 23.90 23.26
CA GLU A 609 -18.28 24.44 24.31
C GLU A 609 -19.60 23.64 24.37
N ASP B 2 -6.08 -19.58 -41.96
CA ASP B 2 -5.29 -20.00 -43.15
C ASP B 2 -4.22 -21.04 -42.79
N PRO B 3 -4.26 -22.20 -43.49
CA PRO B 3 -3.24 -23.23 -43.38
C PRO B 3 -1.80 -22.73 -43.52
N GLY B 4 -1.58 -21.89 -44.54
CA GLY B 4 -0.29 -21.23 -44.77
C GLY B 4 0.28 -20.47 -43.57
N LEU B 5 -0.55 -20.19 -42.54
CA LEU B 5 -0.10 -19.48 -41.34
C LEU B 5 0.15 -20.41 -40.15
N GLN B 6 -0.38 -21.66 -40.23
CA GLN B 6 -0.23 -22.69 -39.20
C GLN B 6 1.17 -23.29 -39.28
N PRO B 7 1.88 -23.47 -38.14
CA PRO B 7 3.32 -23.80 -38.16
C PRO B 7 3.68 -25.15 -38.78
N GLY B 8 4.95 -25.27 -39.23
CA GLY B 8 5.47 -26.50 -39.82
C GLY B 8 6.08 -27.43 -38.77
N GLN B 9 6.77 -28.47 -39.20
CA GLN B 9 7.50 -29.31 -38.27
C GLN B 9 8.94 -28.81 -38.13
N PHE B 10 9.45 -28.89 -36.91
CA PHE B 10 10.75 -28.36 -36.57
C PHE B 10 11.36 -29.23 -35.48
N SER B 11 12.68 -29.45 -35.56
CA SER B 11 13.41 -30.20 -34.55
C SER B 11 13.41 -29.45 -33.21
N ALA B 12 13.37 -30.26 -32.14
CA ALA B 12 13.40 -29.80 -30.76
C ALA B 12 14.84 -29.60 -30.27
N ASP B 13 15.50 -28.55 -30.79
CA ASP B 13 16.85 -28.15 -30.44
C ASP B 13 17.04 -26.71 -30.96
N GLU B 14 18.17 -26.06 -30.63
CA GLU B 14 18.38 -24.64 -30.93
C GLU B 14 18.39 -24.39 -32.45
N ALA B 15 18.94 -25.35 -33.18
CA ALA B 15 18.91 -25.38 -34.64
C ALA B 15 17.48 -25.33 -35.20
N GLY B 16 16.61 -26.22 -34.74
CA GLY B 16 15.25 -26.27 -35.24
C GLY B 16 14.49 -25.01 -34.84
N ALA B 17 14.82 -24.47 -33.67
CA ALA B 17 14.12 -23.32 -33.09
C ALA B 17 14.50 -22.01 -33.81
N GLN B 18 15.67 -21.96 -34.50
CA GLN B 18 16.04 -20.79 -35.29
C GLN B 18 15.22 -20.74 -36.59
N LEU B 19 15.07 -21.91 -37.22
CA LEU B 19 14.21 -22.09 -38.39
C LEU B 19 12.80 -21.70 -37.99
N PHE B 20 12.40 -22.15 -36.79
CA PHE B 20 11.08 -21.95 -36.22
C PHE B 20 10.78 -20.45 -36.10
N ALA B 21 11.68 -19.75 -35.39
CA ALA B 21 11.62 -18.30 -35.25
C ALA B 21 11.52 -17.60 -36.62
N GLN B 22 12.13 -18.19 -37.67
CA GLN B 22 12.07 -17.60 -39.01
C GLN B 22 10.66 -17.76 -39.59
N SER B 23 10.10 -18.98 -39.58
CA SER B 23 8.78 -19.17 -40.17
C SER B 23 7.72 -18.43 -39.35
N TYR B 24 8.02 -18.22 -38.06
CA TYR B 24 7.10 -17.53 -37.17
C TYR B 24 6.97 -16.05 -37.56
N GLN B 25 8.12 -15.42 -37.83
CA GLN B 25 8.21 -13.96 -37.96
C GLN B 25 7.72 -13.54 -39.36
N SER B 26 8.07 -14.34 -40.37
CA SER B 26 7.47 -14.20 -41.69
C SER B 26 5.95 -14.25 -41.58
N SER B 27 5.42 -15.21 -40.82
CA SER B 27 4.00 -15.50 -40.92
C SER B 27 3.19 -14.49 -40.10
N ALA B 28 3.81 -14.02 -39.02
CA ALA B 28 3.24 -12.97 -38.19
C ALA B 28 2.97 -11.71 -39.01
N GLU B 29 3.88 -11.38 -39.94
CA GLU B 29 3.86 -10.10 -40.63
C GLU B 29 2.47 -9.83 -41.23
N GLN B 30 1.83 -10.88 -41.77
CA GLN B 30 0.57 -10.70 -42.48
C GLN B 30 -0.54 -10.47 -41.47
N VAL B 31 -0.35 -10.99 -40.26
CA VAL B 31 -1.44 -11.04 -39.30
C VAL B 31 -1.45 -9.71 -38.55
N LEU B 32 -0.27 -9.32 -38.03
CA LEU B 32 -0.06 -7.99 -37.50
C LEU B 32 -0.63 -6.98 -38.49
N PHE B 33 -0.30 -7.09 -39.79
CA PHE B 33 -0.73 -6.10 -40.75
C PHE B 33 -2.26 -5.95 -40.70
N GLN B 34 -3.03 -7.02 -40.89
CA GLN B 34 -4.48 -6.90 -41.02
C GLN B 34 -5.11 -6.47 -39.68
N SER B 35 -4.48 -6.88 -38.60
CA SER B 35 -4.90 -6.37 -37.30
C SER B 35 -4.77 -4.84 -37.29
N VAL B 36 -3.56 -4.33 -37.55
CA VAL B 36 -3.30 -2.90 -37.36
C VAL B 36 -4.16 -2.10 -38.33
N ALA B 37 -4.45 -2.73 -39.46
CA ALA B 37 -5.23 -2.12 -40.53
C ALA B 37 -6.64 -1.79 -40.04
N ALA B 38 -7.33 -2.78 -39.51
CA ALA B 38 -8.70 -2.64 -39.05
C ALA B 38 -8.82 -1.72 -37.82
N SER B 39 -7.83 -1.74 -36.93
CA SER B 39 -7.83 -0.74 -35.84
C SER B 39 -7.82 0.68 -36.40
N TRP B 40 -6.97 0.89 -37.43
CA TRP B 40 -6.86 2.19 -38.08
C TRP B 40 -8.21 2.63 -38.63
N ALA B 41 -8.88 1.74 -39.37
CA ALA B 41 -10.22 2.04 -39.89
C ALA B 41 -11.18 2.43 -38.77
N HIS B 42 -11.06 1.76 -37.61
CA HIS B 42 -11.91 2.09 -36.46
C HIS B 42 -11.58 3.47 -35.90
N ASP B 43 -10.32 3.69 -35.51
CA ASP B 43 -9.95 4.84 -34.70
C ASP B 43 -10.09 6.17 -35.46
N THR B 44 -10.03 6.12 -36.79
CA THR B 44 -10.19 7.33 -37.59
C THR B 44 -11.64 7.42 -38.07
N ASN B 45 -12.49 6.51 -37.61
CA ASN B 45 -13.87 6.41 -38.08
C ASN B 45 -14.64 5.46 -37.17
N ILE B 46 -15.07 5.94 -36.00
CA ILE B 46 -15.63 5.07 -34.98
C ILE B 46 -17.07 4.71 -35.35
N THR B 47 -17.29 3.43 -35.73
CA THR B 47 -18.61 2.89 -36.02
C THR B 47 -18.68 1.44 -35.55
N ALA B 48 -19.91 0.91 -35.56
CA ALA B 48 -20.14 -0.45 -35.09
C ALA B 48 -19.48 -1.46 -36.04
N GLU B 49 -19.56 -1.14 -37.33
CA GLU B 49 -19.03 -2.02 -38.34
C GLU B 49 -17.51 -2.06 -38.22
N ASN B 50 -16.90 -0.88 -38.02
CA ASN B 50 -15.45 -0.82 -37.87
C ASN B 50 -15.06 -1.58 -36.61
N ALA B 51 -15.85 -1.45 -35.54
CA ALA B 51 -15.65 -2.24 -34.34
C ALA B 51 -15.69 -3.75 -34.66
N ARG B 52 -16.73 -4.19 -35.38
CA ARG B 52 -16.90 -5.59 -35.76
C ARG B 52 -15.66 -6.14 -36.46
N ARG B 53 -15.22 -5.39 -37.47
CA ARG B 53 -14.10 -5.77 -38.30
C ARG B 53 -12.84 -5.87 -37.43
N GLN B 54 -12.67 -4.94 -36.48
CA GLN B 54 -11.42 -5.01 -35.72
C GLN B 54 -11.52 -6.18 -34.75
N GLU B 55 -12.73 -6.51 -34.31
CA GLU B 55 -12.92 -7.69 -33.45
C GLU B 55 -12.60 -9.00 -34.17
N GLU B 56 -12.93 -9.07 -35.48
CA GLU B 56 -12.68 -10.26 -36.28
C GLU B 56 -11.17 -10.45 -36.44
N ALA B 57 -10.47 -9.30 -36.58
CA ALA B 57 -9.03 -9.28 -36.72
C ALA B 57 -8.37 -9.77 -35.45
N ALA B 58 -8.90 -9.29 -34.31
CA ALA B 58 -8.41 -9.72 -33.02
C ALA B 58 -8.51 -11.24 -32.88
N LEU B 59 -9.70 -11.80 -33.14
CA LEU B 59 -9.95 -13.25 -33.11
C LEU B 59 -8.87 -14.01 -33.88
N LEU B 60 -8.73 -13.57 -35.13
CA LEU B 60 -7.78 -14.14 -36.07
C LEU B 60 -6.39 -14.11 -35.47
N SER B 61 -6.05 -12.98 -34.85
CA SER B 61 -4.73 -12.81 -34.29
C SER B 61 -4.54 -13.81 -33.13
N GLN B 62 -5.57 -13.96 -32.30
CA GLN B 62 -5.57 -14.95 -31.22
C GLN B 62 -5.35 -16.37 -31.75
N GLU B 63 -6.04 -16.76 -32.83
CA GLU B 63 -5.79 -18.07 -33.43
C GLU B 63 -4.33 -18.24 -33.85
N PHE B 64 -3.78 -17.22 -34.51
CA PHE B 64 -2.40 -17.27 -34.93
C PHE B 64 -1.57 -17.59 -33.67
N ALA B 65 -1.78 -16.83 -32.58
CA ALA B 65 -0.93 -16.92 -31.40
C ALA B 65 -1.11 -18.28 -30.74
N GLU B 66 -2.33 -18.80 -30.80
CA GLU B 66 -2.65 -20.13 -30.31
C GLU B 66 -1.74 -21.19 -30.95
N ALA B 67 -1.92 -21.39 -32.26
CA ALA B 67 -1.13 -22.31 -33.08
C ALA B 67 0.35 -22.33 -32.70
N TRP B 68 0.99 -21.13 -32.78
CA TRP B 68 2.43 -21.02 -32.73
C TRP B 68 2.91 -21.07 -31.27
N GLY B 69 2.03 -20.57 -30.38
CA GLY B 69 2.13 -20.81 -28.95
C GLY B 69 2.15 -22.29 -28.61
N GLN B 70 1.08 -22.98 -29.04
CA GLN B 70 1.00 -24.44 -28.96
C GLN B 70 2.32 -25.08 -29.38
N LYS B 71 2.70 -24.91 -30.66
CA LYS B 71 3.88 -25.60 -31.16
C LYS B 71 5.11 -25.25 -30.32
N ALA B 72 5.29 -23.96 -30.03
CA ALA B 72 6.47 -23.55 -29.30
C ALA B 72 6.51 -24.27 -27.97
N LYS B 73 5.33 -24.52 -27.40
CA LYS B 73 5.27 -25.24 -26.14
C LYS B 73 5.67 -26.70 -26.38
N GLU B 74 5.06 -27.36 -27.37
CA GLU B 74 5.42 -28.75 -27.68
C GLU B 74 6.93 -28.89 -27.85
N LEU B 75 7.54 -28.02 -28.67
CA LEU B 75 8.89 -28.26 -29.11
C LEU B 75 9.92 -27.80 -28.06
N TYR B 76 9.74 -26.59 -27.50
CA TYR B 76 10.85 -25.92 -26.83
C TYR B 76 10.58 -25.65 -25.36
N GLU B 77 9.30 -25.72 -24.95
CA GLU B 77 8.88 -25.34 -23.62
C GLU B 77 9.90 -25.85 -22.58
N PRO B 78 10.43 -27.08 -22.71
CA PRO B 78 11.50 -27.52 -21.82
C PRO B 78 12.85 -26.79 -21.99
N ILE B 79 13.25 -26.42 -23.21
CA ILE B 79 14.67 -26.25 -23.52
C ILE B 79 15.10 -24.80 -23.82
N TRP B 80 14.19 -23.91 -24.21
CA TRP B 80 14.59 -22.63 -24.79
C TRP B 80 15.34 -21.74 -23.80
N GLN B 81 14.96 -21.79 -22.51
CA GLN B 81 15.62 -21.03 -21.45
C GLN B 81 17.07 -21.50 -21.22
N GLN B 82 17.49 -22.60 -21.86
CA GLN B 82 18.87 -23.07 -21.76
C GLN B 82 19.65 -22.90 -23.06
N PHE B 83 18.97 -22.50 -24.16
CA PHE B 83 19.64 -22.17 -25.41
C PHE B 83 20.78 -21.18 -25.15
N THR B 84 21.78 -21.19 -26.03
CA THR B 84 23.00 -20.41 -25.84
C THR B 84 22.81 -18.98 -26.37
N ASP B 85 22.14 -18.85 -27.54
CA ASP B 85 21.94 -17.60 -28.25
C ASP B 85 20.99 -16.70 -27.43
N PRO B 86 21.48 -15.58 -26.84
CA PRO B 86 20.63 -14.76 -25.99
C PRO B 86 19.34 -14.31 -26.68
N GLN B 87 19.41 -14.12 -28.02
CA GLN B 87 18.41 -13.42 -28.81
C GLN B 87 17.28 -14.36 -29.26
N LEU B 88 17.64 -15.62 -29.56
CA LEU B 88 16.67 -16.67 -29.84
C LEU B 88 15.84 -16.94 -28.58
N ARG B 89 16.51 -16.91 -27.41
CA ARG B 89 15.83 -17.06 -26.13
C ARG B 89 14.74 -15.99 -25.95
N ARG B 90 15.01 -14.77 -26.42
CA ARG B 90 14.07 -13.66 -26.36
C ARG B 90 12.83 -13.96 -27.21
N ILE B 91 13.04 -14.33 -28.49
CA ILE B 91 11.92 -14.48 -29.41
C ILE B 91 11.05 -15.65 -28.95
N ILE B 92 11.67 -16.74 -28.46
CA ILE B 92 10.92 -17.97 -28.20
C ILE B 92 10.12 -17.81 -26.91
N GLY B 93 10.76 -17.31 -25.83
CA GLY B 93 10.05 -16.88 -24.64
C GLY B 93 8.74 -16.13 -24.95
N ALA B 94 8.78 -15.23 -25.95
CA ALA B 94 7.62 -14.40 -26.30
C ALA B 94 6.56 -15.24 -26.98
N VAL B 95 7.01 -16.21 -27.81
CA VAL B 95 6.12 -17.03 -28.63
C VAL B 95 5.25 -17.92 -27.74
N ARG B 96 5.84 -18.46 -26.68
CA ARG B 96 5.19 -19.42 -25.80
C ARG B 96 4.29 -18.73 -24.76
N THR B 97 4.15 -17.39 -24.85
CA THR B 97 3.19 -16.60 -24.08
C THR B 97 1.99 -16.28 -24.96
N LEU B 98 0.83 -16.87 -24.65
CA LEU B 98 -0.34 -16.77 -25.52
C LEU B 98 -1.25 -15.60 -25.16
N GLY B 99 -1.19 -15.06 -23.93
CA GLY B 99 -2.09 -13.98 -23.54
C GLY B 99 -3.55 -14.36 -23.75
N SER B 100 -4.34 -13.41 -24.29
CA SER B 100 -5.76 -13.60 -24.47
C SER B 100 -6.10 -14.81 -25.34
N ALA B 101 -5.07 -15.46 -25.90
CA ALA B 101 -5.28 -16.62 -26.77
C ALA B 101 -5.50 -17.88 -25.93
N ASN B 102 -5.30 -17.78 -24.62
CA ASN B 102 -5.64 -18.86 -23.72
C ASN B 102 -7.15 -18.92 -23.55
N LEU B 103 -7.83 -17.83 -23.88
CA LEU B 103 -9.25 -17.72 -23.58
C LEU B 103 -10.05 -18.50 -24.62
N PRO B 104 -11.17 -19.13 -24.22
CA PRO B 104 -12.05 -19.77 -25.18
C PRO B 104 -12.81 -18.76 -26.03
N LEU B 105 -13.23 -19.21 -27.22
CA LEU B 105 -13.82 -18.33 -28.21
C LEU B 105 -14.72 -17.30 -27.54
N ALA B 106 -15.64 -17.75 -26.71
CA ALA B 106 -16.69 -16.85 -26.22
C ALA B 106 -16.11 -15.77 -25.29
N LYS B 107 -15.02 -16.12 -24.59
CA LYS B 107 -14.33 -15.20 -23.71
C LYS B 107 -13.41 -14.30 -24.52
N ARG B 108 -12.80 -14.85 -25.57
CA ARG B 108 -12.12 -14.05 -26.58
C ARG B 108 -13.04 -12.95 -27.10
N GLN B 109 -14.28 -13.32 -27.45
CA GLN B 109 -15.21 -12.37 -28.04
C GLN B 109 -15.59 -11.29 -27.03
N GLN B 110 -15.57 -11.66 -25.75
CA GLN B 110 -16.05 -10.76 -24.71
C GLN B 110 -14.97 -9.72 -24.41
N TYR B 111 -13.72 -10.19 -24.33
CA TYR B 111 -12.53 -9.36 -24.12
C TYR B 111 -12.41 -8.31 -25.21
N ASN B 112 -12.50 -8.77 -26.48
CA ASN B 112 -12.31 -7.93 -27.64
C ASN B 112 -13.39 -6.86 -27.67
N ALA B 113 -14.63 -7.24 -27.32
CA ALA B 113 -15.74 -6.30 -27.33
C ALA B 113 -15.62 -5.26 -26.21
N LEU B 114 -15.10 -5.69 -25.05
CA LEU B 114 -14.97 -4.77 -23.94
C LEU B 114 -13.96 -3.68 -24.31
N LEU B 115 -12.80 -4.10 -24.86
CA LEU B 115 -11.78 -3.20 -25.40
C LEU B 115 -12.40 -2.17 -26.35
N SER B 116 -13.26 -2.66 -27.24
CA SER B 116 -13.93 -1.84 -28.24
C SER B 116 -14.87 -0.87 -27.55
N GLN B 117 -15.71 -1.37 -26.65
CA GLN B 117 -16.69 -0.52 -26.01
C GLN B 117 -16.03 0.50 -25.08
N MET B 118 -14.95 0.10 -24.38
CA MET B 118 -14.22 1.04 -23.52
C MET B 118 -13.58 2.16 -24.35
N SER B 119 -12.98 1.78 -25.48
CA SER B 119 -12.38 2.70 -26.45
C SER B 119 -13.39 3.75 -26.90
N ARG B 120 -14.56 3.27 -27.32
CA ARG B 120 -15.65 4.10 -27.81
C ARG B 120 -16.14 5.04 -26.71
N ILE B 121 -16.34 4.52 -25.50
CA ILE B 121 -16.92 5.37 -24.47
C ILE B 121 -15.95 6.51 -24.20
N TYR B 122 -14.65 6.21 -24.08
CA TYR B 122 -13.67 7.25 -23.79
C TYR B 122 -13.72 8.33 -24.88
N SER B 123 -13.53 7.93 -26.14
CA SER B 123 -13.27 8.90 -27.19
C SER B 123 -14.55 9.60 -27.66
N THR B 124 -15.75 9.10 -27.33
CA THR B 124 -16.97 9.76 -27.79
C THR B 124 -17.68 10.48 -26.64
N ALA B 125 -17.08 10.50 -25.45
CA ALA B 125 -17.71 11.13 -24.31
C ALA B 125 -17.75 12.65 -24.46
N LYS B 126 -18.83 13.27 -23.97
CA LYS B 126 -19.01 14.72 -24.10
C LYS B 126 -19.50 15.31 -22.78
N VAL B 127 -19.31 16.61 -22.61
CA VAL B 127 -19.87 17.37 -21.51
C VAL B 127 -20.83 18.42 -22.06
N CYS B 128 -22.09 18.44 -21.59
CA CYS B 128 -23.15 19.19 -22.25
C CYS B 128 -23.69 20.32 -21.38
N LEU B 129 -24.64 21.10 -21.95
CA LEU B 129 -25.28 22.23 -21.28
C LEU B 129 -24.20 23.18 -20.73
N THR B 135 -25.29 21.61 -27.66
CA THR B 135 -23.84 21.87 -27.89
C THR B 135 -23.04 21.18 -26.78
N CYS B 136 -22.09 20.34 -27.21
CA CYS B 136 -21.44 19.43 -26.28
C CYS B 136 -19.92 19.54 -26.46
N TRP B 137 -19.22 19.94 -25.39
CA TRP B 137 -17.76 19.97 -25.41
C TRP B 137 -17.18 18.57 -25.51
N SER B 138 -16.19 18.41 -26.40
CA SER B 138 -15.36 17.21 -26.41
C SER B 138 -14.06 17.49 -25.65
N LEU B 139 -13.33 16.42 -25.37
CA LEU B 139 -12.08 16.48 -24.63
C LEU B 139 -11.06 17.27 -25.44
N ASP B 140 -10.93 16.89 -26.71
CA ASP B 140 -10.01 17.49 -27.66
C ASP B 140 -10.82 18.09 -28.81
N PRO B 141 -10.83 19.43 -29.07
CA PRO B 141 -10.03 20.42 -28.37
C PRO B 141 -10.64 21.08 -27.14
N ASP B 142 -11.97 20.94 -26.94
CA ASP B 142 -12.68 21.93 -26.14
C ASP B 142 -12.23 21.93 -24.68
N LEU B 143 -12.27 20.75 -24.03
CA LEU B 143 -11.96 20.65 -22.61
C LEU B 143 -10.45 20.83 -22.38
N THR B 144 -9.61 20.33 -23.31
CA THR B 144 -8.20 20.58 -23.26
C THR B 144 -7.95 22.09 -23.17
N ASN B 145 -8.65 22.85 -24.02
CA ASN B 145 -8.43 24.27 -24.17
C ASN B 145 -8.87 24.95 -22.88
N ILE B 146 -9.99 24.50 -22.33
CA ILE B 146 -10.52 25.10 -21.12
C ILE B 146 -9.54 24.90 -19.97
N LEU B 147 -9.12 23.64 -19.74
CA LEU B 147 -8.19 23.31 -18.68
C LEU B 147 -6.90 24.09 -18.85
N ALA B 148 -6.48 24.32 -20.11
CA ALA B 148 -5.21 24.97 -20.37
C ALA B 148 -5.23 26.47 -20.09
N SER B 149 -6.36 27.14 -20.35
CA SER B 149 -6.33 28.59 -20.45
C SER B 149 -7.44 29.32 -19.66
N SER B 150 -8.54 28.65 -19.28
CA SER B 150 -9.50 29.29 -18.40
C SER B 150 -8.87 29.53 -17.03
N ARG B 151 -9.15 30.69 -16.43
CA ARG B 151 -8.62 31.02 -15.12
C ARG B 151 -9.79 31.33 -14.20
N SER B 152 -10.94 30.75 -14.54
CA SER B 152 -12.16 30.84 -13.77
C SER B 152 -12.39 29.52 -13.06
N TYR B 153 -12.34 29.59 -11.71
CA TYR B 153 -12.44 28.43 -10.85
C TYR B 153 -13.64 27.57 -11.25
N ALA B 154 -14.78 28.20 -11.54
CA ALA B 154 -16.04 27.49 -11.72
C ALA B 154 -16.12 26.78 -13.06
N MET B 155 -15.53 27.42 -14.08
CA MET B 155 -15.52 26.90 -15.43
C MET B 155 -14.59 25.68 -15.47
N LEU B 156 -13.41 25.85 -14.88
CA LEU B 156 -12.45 24.77 -14.73
C LEU B 156 -13.13 23.57 -14.05
N LEU B 157 -13.91 23.86 -13.00
CA LEU B 157 -14.53 22.80 -12.22
C LEU B 157 -15.57 22.09 -13.06
N PHE B 158 -16.36 22.86 -13.80
CA PHE B 158 -17.43 22.27 -14.58
C PHE B 158 -16.80 21.31 -15.61
N ALA B 159 -15.72 21.74 -16.25
CA ALA B 159 -15.03 20.93 -17.23
C ALA B 159 -14.41 19.68 -16.58
N TRP B 160 -13.76 19.85 -15.41
CA TRP B 160 -13.09 18.74 -14.74
C TRP B 160 -14.08 17.66 -14.30
N GLU B 161 -15.13 18.10 -13.60
CA GLU B 161 -16.18 17.23 -13.09
C GLU B 161 -16.97 16.59 -14.23
N GLY B 162 -17.36 17.42 -15.21
CA GLY B 162 -18.08 16.92 -16.35
C GLY B 162 -17.32 15.79 -17.02
N TRP B 163 -16.01 16.00 -17.22
CA TRP B 163 -15.24 15.03 -17.96
C TRP B 163 -15.12 13.76 -17.12
N HIS B 164 -14.69 13.88 -15.85
CA HIS B 164 -14.53 12.71 -15.00
C HIS B 164 -15.82 11.90 -14.93
N ASN B 165 -16.95 12.59 -14.72
CA ASN B 165 -18.24 11.93 -14.64
C ASN B 165 -18.60 11.23 -15.95
N ALA B 166 -18.39 11.90 -17.10
CA ALA B 166 -18.89 11.41 -18.37
C ALA B 166 -18.08 10.21 -18.85
N ALA B 167 -16.75 10.23 -18.67
CA ALA B 167 -15.94 9.10 -19.11
C ALA B 167 -15.90 7.98 -18.07
N GLY B 168 -15.67 8.35 -16.79
CA GLY B 168 -15.39 7.39 -15.71
C GLY B 168 -16.58 6.50 -15.37
N ILE B 169 -17.72 7.11 -15.04
CA ILE B 169 -18.85 6.39 -14.48
C ILE B 169 -19.25 5.20 -15.36
N PRO B 170 -19.52 5.30 -16.67
CA PRO B 170 -19.93 4.12 -17.43
C PRO B 170 -18.83 3.13 -17.78
N LEU B 171 -17.56 3.51 -17.56
CA LEU B 171 -16.47 2.56 -17.82
C LEU B 171 -16.37 1.50 -16.73
N LYS B 172 -16.81 1.77 -15.50
CA LYS B 172 -16.40 0.92 -14.38
C LYS B 172 -16.85 -0.53 -14.57
N PRO B 173 -18.14 -0.85 -14.85
CA PRO B 173 -18.52 -2.26 -15.01
C PRO B 173 -17.71 -2.98 -16.08
N LEU B 174 -17.39 -2.24 -17.13
CA LEU B 174 -16.62 -2.82 -18.22
C LEU B 174 -15.21 -3.13 -17.76
N TYR B 175 -14.59 -2.16 -17.05
CA TYR B 175 -13.20 -2.30 -16.63
C TYR B 175 -13.04 -3.50 -15.69
N GLU B 176 -14.01 -3.72 -14.79
CA GLU B 176 -13.94 -4.86 -13.90
C GLU B 176 -13.91 -6.18 -14.68
N ASP B 177 -14.79 -6.31 -15.67
CA ASP B 177 -14.86 -7.53 -16.47
C ASP B 177 -13.60 -7.68 -17.29
N PHE B 178 -13.13 -6.56 -17.87
CA PHE B 178 -11.90 -6.64 -18.63
C PHE B 178 -10.80 -7.23 -17.75
N THR B 179 -10.68 -6.72 -16.51
CA THR B 179 -9.56 -7.03 -15.64
C THR B 179 -9.50 -8.53 -15.32
N ALA B 180 -10.66 -9.13 -15.07
CA ALA B 180 -10.80 -10.55 -14.75
C ALA B 180 -10.40 -11.42 -15.95
N LEU B 181 -10.91 -11.09 -17.14
CA LEU B 181 -10.58 -11.81 -18.36
C LEU B 181 -9.09 -11.73 -18.63
N SER B 182 -8.56 -10.50 -18.64
CA SER B 182 -7.12 -10.33 -18.78
C SER B 182 -6.33 -11.23 -17.84
N ASN B 183 -6.63 -11.19 -16.53
CA ASN B 183 -5.87 -11.95 -15.54
C ASN B 183 -5.95 -13.47 -15.76
N GLU B 184 -7.13 -13.96 -16.14
CA GLU B 184 -7.35 -15.37 -16.46
C GLU B 184 -6.45 -15.78 -17.62
N ALA B 185 -6.42 -14.92 -18.65
CA ALA B 185 -5.57 -15.13 -19.81
C ALA B 185 -4.12 -15.38 -19.41
N TYR B 186 -3.53 -14.41 -18.70
CA TYR B 186 -2.09 -14.38 -18.47
C TYR B 186 -1.69 -15.37 -17.39
N LYS B 187 -2.65 -15.79 -16.55
CA LYS B 187 -2.36 -16.82 -15.57
C LYS B 187 -2.05 -18.14 -16.27
N GLN B 188 -2.82 -18.51 -17.30
CA GLN B 188 -2.51 -19.71 -18.06
C GLN B 188 -1.13 -19.65 -18.71
N ASP B 189 -0.58 -18.45 -18.93
CA ASP B 189 0.79 -18.35 -19.41
C ASP B 189 1.77 -18.42 -18.24
N GLY B 190 1.26 -18.47 -17.00
CA GLY B 190 2.13 -18.71 -15.84
C GLY B 190 2.51 -17.45 -15.07
N PHE B 191 1.93 -16.29 -15.41
CA PHE B 191 2.13 -15.08 -14.62
C PHE B 191 1.12 -15.02 -13.47
N THR B 192 1.55 -14.50 -12.33
CA THR B 192 0.69 -14.30 -11.17
C THR B 192 -0.49 -13.40 -11.55
N ASP B 193 -0.27 -12.35 -12.38
CA ASP B 193 -1.33 -11.51 -12.90
C ASP B 193 -0.86 -10.70 -14.13
N THR B 194 -1.78 -9.96 -14.77
CA THR B 194 -1.45 -9.16 -15.95
C THR B 194 -0.34 -8.17 -15.65
N GLY B 195 -0.38 -7.55 -14.47
CA GLY B 195 0.63 -6.61 -14.00
C GLY B 195 2.03 -7.22 -13.93
N ALA B 196 2.14 -8.49 -13.55
CA ALA B 196 3.44 -9.16 -13.56
C ALA B 196 3.92 -9.38 -15.00
N TYR B 197 2.99 -9.64 -15.91
CA TYR B 197 3.33 -9.76 -17.32
C TYR B 197 3.90 -8.42 -17.83
N TRP B 198 3.17 -7.34 -17.54
CA TRP B 198 3.62 -6.01 -17.95
C TRP B 198 5.03 -5.71 -17.43
N ARG B 199 5.31 -6.04 -16.18
CA ARG B 199 6.57 -5.67 -15.56
C ARG B 199 7.72 -6.57 -16.07
N SER B 200 7.41 -7.77 -16.56
CA SER B 200 8.48 -8.69 -16.98
C SER B 200 9.22 -8.13 -18.19
N TRP B 201 8.52 -7.32 -18.99
CA TRP B 201 9.07 -6.62 -20.14
C TRP B 201 10.36 -5.87 -19.83
N TYR B 202 10.60 -5.51 -18.58
CA TYR B 202 11.80 -4.75 -18.25
C TYR B 202 12.95 -5.70 -17.94
N ASN B 203 12.69 -7.02 -17.85
CA ASN B 203 13.73 -8.03 -17.67
C ASN B 203 14.70 -7.61 -16.57
N SER B 204 14.14 -7.32 -15.40
CA SER B 204 14.87 -6.80 -14.27
C SER B 204 14.23 -7.33 -13.00
N PRO B 205 14.98 -8.08 -12.16
CA PRO B 205 14.42 -8.62 -10.93
C PRO B 205 14.20 -7.55 -9.86
N THR B 206 14.95 -6.43 -9.93
CA THR B 206 14.82 -5.36 -8.96
C THR B 206 13.88 -4.23 -9.46
N PHE B 207 13.05 -4.43 -10.51
CA PHE B 207 12.37 -3.33 -11.20
C PHE B 207 11.73 -2.35 -10.21
N GLU B 208 10.83 -2.85 -9.37
CA GLU B 208 10.00 -2.02 -8.49
C GLU B 208 10.86 -1.22 -7.52
N ASP B 209 11.93 -1.84 -7.00
CA ASP B 209 12.86 -1.20 -6.10
C ASP B 209 13.67 -0.11 -6.80
N ASP B 210 14.08 -0.38 -8.04
CA ASP B 210 14.85 0.58 -8.81
C ASP B 210 14.03 1.85 -9.01
N LEU B 211 12.77 1.69 -9.45
CA LEU B 211 11.81 2.78 -9.66
C LEU B 211 11.66 3.64 -8.41
N GLU B 212 11.49 2.98 -7.25
CA GLU B 212 11.34 3.65 -5.97
C GLU B 212 12.60 4.45 -5.65
N HIS B 213 13.78 3.92 -6.00
CA HIS B 213 15.03 4.59 -5.64
C HIS B 213 15.21 5.80 -6.55
N LEU B 214 14.81 5.68 -7.81
CA LEU B 214 14.74 6.84 -8.69
C LEU B 214 13.78 7.88 -8.11
N TYR B 215 12.56 7.44 -7.75
CA TYR B 215 11.56 8.41 -7.31
C TYR B 215 12.06 9.19 -6.07
N GLN B 216 12.77 8.54 -5.15
CA GLN B 216 13.26 9.17 -3.93
C GLN B 216 14.26 10.28 -4.22
N GLN B 217 15.06 10.16 -5.28
CA GLN B 217 15.99 11.22 -5.67
C GLN B 217 15.26 12.38 -6.34
N LEU B 218 14.13 12.10 -7.02
CA LEU B 218 13.40 13.10 -7.78
C LEU B 218 12.39 13.86 -6.91
N GLU B 219 11.93 13.22 -5.83
CA GLU B 219 10.82 13.76 -5.05
C GLU B 219 11.14 15.16 -4.54
N PRO B 220 12.33 15.47 -3.98
CA PRO B 220 12.57 16.82 -3.47
C PRO B 220 12.29 17.92 -4.50
N LEU B 221 12.70 17.72 -5.75
CA LEU B 221 12.41 18.65 -6.83
C LEU B 221 10.92 18.85 -7.01
N TYR B 222 10.17 17.74 -6.98
CA TYR B 222 8.73 17.87 -7.23
C TYR B 222 8.13 18.69 -6.09
N LEU B 223 8.61 18.43 -4.87
CA LEU B 223 8.02 19.10 -3.72
C LEU B 223 8.23 20.61 -3.77
N ASN B 224 9.42 21.04 -4.23
CA ASN B 224 9.71 22.46 -4.31
C ASN B 224 8.91 23.13 -5.41
N LEU B 225 8.75 22.43 -6.53
CA LEU B 225 7.95 22.98 -7.63
C LEU B 225 6.52 23.16 -7.18
N HIS B 226 6.00 22.11 -6.54
CA HIS B 226 4.63 22.06 -6.04
C HIS B 226 4.35 23.25 -5.11
N ALA B 227 5.24 23.47 -4.14
CA ALA B 227 5.06 24.54 -3.16
C ALA B 227 5.03 25.90 -3.85
N PHE B 228 5.90 26.10 -4.84
CA PHE B 228 6.00 27.35 -5.59
C PHE B 228 4.73 27.59 -6.43
N VAL B 229 4.32 26.56 -7.16
CA VAL B 229 3.10 26.67 -7.95
C VAL B 229 1.91 26.88 -7.03
N ARG B 230 1.88 26.21 -5.87
CA ARG B 230 0.76 26.39 -4.94
C ARG B 230 0.62 27.84 -4.47
N ARG B 231 1.76 28.48 -4.17
CA ARG B 231 1.77 29.88 -3.75
C ARG B 231 1.15 30.77 -4.83
N ALA B 232 1.61 30.55 -6.07
CA ALA B 232 1.13 31.31 -7.22
C ALA B 232 -0.39 31.20 -7.33
N LEU B 233 -0.92 29.99 -7.15
CA LEU B 233 -2.34 29.74 -7.27
C LEU B 233 -3.07 30.40 -6.11
N HIS B 234 -2.41 30.45 -4.94
CA HIS B 234 -2.98 31.12 -3.79
C HIS B 234 -3.16 32.62 -4.14
N ARG B 235 -2.14 33.25 -4.72
CA ARG B 235 -2.26 34.64 -5.12
C ARG B 235 -3.51 34.84 -5.96
N ARG B 236 -3.79 33.85 -6.80
CA ARG B 236 -4.81 33.98 -7.81
C ARG B 236 -6.19 33.70 -7.23
N TYR B 237 -6.38 32.53 -6.61
CA TYR B 237 -7.71 32.06 -6.24
C TYR B 237 -8.01 32.32 -4.76
N GLY B 238 -6.98 32.71 -3.98
CA GLY B 238 -7.20 33.08 -2.59
C GLY B 238 -7.30 31.89 -1.65
N ASP B 239 -7.60 32.20 -0.37
CA ASP B 239 -7.42 31.33 0.77
C ASP B 239 -8.53 30.29 0.87
N ARG B 240 -9.71 30.62 0.35
CA ARG B 240 -10.83 29.70 0.43
C ARG B 240 -10.58 28.50 -0.48
N TYR B 241 -9.83 28.67 -1.59
CA TYR B 241 -9.73 27.63 -2.61
C TYR B 241 -8.34 26.99 -2.62
N ILE B 242 -7.37 27.64 -1.99
CA ILE B 242 -6.03 27.12 -1.88
C ILE B 242 -5.64 27.08 -0.40
N ASN B 243 -5.21 25.87 0.00
CA ASN B 243 -4.63 25.59 1.29
C ASN B 243 -3.13 25.49 1.08
N LEU B 244 -2.39 26.43 1.68
CA LEU B 244 -0.95 26.51 1.53
C LEU B 244 -0.25 25.35 2.22
N ARG B 245 -1.00 24.54 2.98
CA ARG B 245 -0.42 23.37 3.64
C ARG B 245 -1.16 22.10 3.27
N GLY B 246 -2.03 22.17 2.25
CA GLY B 246 -2.79 21.02 1.78
C GLY B 246 -2.59 20.71 0.30
N PRO B 247 -3.26 19.67 -0.24
CA PRO B 247 -3.16 19.35 -1.66
C PRO B 247 -3.73 20.46 -2.51
N ILE B 248 -3.24 20.58 -3.74
CA ILE B 248 -3.79 21.51 -4.69
C ILE B 248 -5.03 20.90 -5.34
N PRO B 249 -6.13 21.68 -5.50
CA PRO B 249 -7.28 21.22 -6.28
C PRO B 249 -6.89 20.77 -7.69
N ALA B 250 -7.40 19.61 -8.15
CA ALA B 250 -6.81 18.87 -9.25
C ALA B 250 -7.11 19.51 -10.60
N HIS B 251 -7.94 20.56 -10.61
CA HIS B 251 -8.41 21.19 -11.83
C HIS B 251 -7.69 22.49 -12.16
N LEU B 252 -6.68 22.91 -11.35
CA LEU B 252 -6.11 24.26 -11.43
C LEU B 252 -4.75 24.32 -12.09
N LEU B 253 -4.29 23.19 -12.68
CA LEU B 253 -2.89 23.08 -13.04
C LEU B 253 -2.66 22.98 -14.56
N GLY B 254 -3.66 23.24 -15.39
CA GLY B 254 -3.41 23.44 -16.81
C GLY B 254 -3.86 22.26 -17.66
N ASP B 255 -4.24 21.18 -16.98
CA ASP B 255 -4.31 19.88 -17.62
C ASP B 255 -5.38 19.08 -16.89
N MET B 256 -6.19 18.36 -17.66
CA MET B 256 -7.31 17.61 -17.14
C MET B 256 -6.86 16.65 -16.02
N TRP B 257 -5.63 16.11 -16.10
CA TRP B 257 -5.10 15.16 -15.12
C TRP B 257 -4.06 15.81 -14.22
N ALA B 258 -3.85 17.13 -14.36
CA ALA B 258 -2.80 17.82 -13.61
C ALA B 258 -1.45 17.13 -13.86
N GLN B 259 -1.26 16.58 -15.06
CA GLN B 259 -0.13 15.71 -15.28
C GLN B 259 1.13 16.48 -15.69
N SER B 260 0.95 17.63 -16.36
CA SER B 260 2.03 18.61 -16.54
C SER B 260 1.43 20.00 -16.49
N TRP B 261 2.26 20.97 -16.13
CA TRP B 261 1.73 22.25 -15.69
C TRP B 261 2.17 23.41 -16.62
N GLU B 262 2.73 23.09 -17.80
CA GLU B 262 3.28 24.12 -18.67
C GLU B 262 2.23 25.18 -19.03
N ASN B 263 0.96 24.78 -19.13
CA ASN B 263 -0.08 25.68 -19.58
C ASN B 263 -0.40 26.77 -18.55
N ILE B 264 0.05 26.67 -17.29
CA ILE B 264 -0.18 27.76 -16.35
C ILE B 264 1.12 28.55 -16.18
N TYR B 265 2.07 28.40 -17.11
CA TYR B 265 3.34 29.11 -17.06
C TYR B 265 3.10 30.63 -16.91
N ASP B 266 2.08 31.15 -17.58
CA ASP B 266 1.81 32.58 -17.53
C ASP B 266 1.56 33.03 -16.08
N MET B 267 1.03 32.15 -15.20
CA MET B 267 0.73 32.57 -13.84
C MET B 267 1.93 32.47 -12.90
N VAL B 268 3.01 31.78 -13.31
CA VAL B 268 4.07 31.47 -12.36
C VAL B 268 5.45 31.92 -12.85
N VAL B 269 5.55 32.42 -14.10
CA VAL B 269 6.84 32.81 -14.64
C VAL B 269 7.54 33.75 -13.64
N PRO B 270 8.78 33.43 -13.19
CA PRO B 270 9.51 34.29 -12.26
C PRO B 270 9.68 35.75 -12.65
N PHE B 271 9.78 36.03 -13.96
CA PHE B 271 10.24 37.31 -14.48
C PHE B 271 9.45 37.69 -15.72
N PRO B 272 8.19 38.16 -15.57
CA PRO B 272 7.24 38.26 -16.69
C PRO B 272 7.48 39.38 -17.72
N ASP B 273 8.35 40.32 -17.38
CA ASP B 273 8.76 41.38 -18.31
C ASP B 273 9.60 40.82 -19.46
N LYS B 274 10.35 39.73 -19.21
CA LYS B 274 11.24 39.12 -20.19
C LYS B 274 10.48 38.56 -21.40
N PRO B 275 11.17 38.18 -22.51
CA PRO B 275 10.49 37.56 -23.65
C PRO B 275 9.70 36.31 -23.28
N ASN B 276 8.53 36.17 -23.88
CA ASN B 276 7.61 35.09 -23.58
C ASN B 276 8.09 33.80 -24.24
N LEU B 277 8.51 32.82 -23.43
CA LEU B 277 9.16 31.59 -23.93
C LEU B 277 8.10 30.59 -24.38
N ASP B 278 6.82 30.93 -24.17
CA ASP B 278 5.73 30.22 -24.80
C ASP B 278 5.46 30.93 -26.12
N VAL B 279 5.78 30.23 -27.21
CA VAL B 279 5.77 30.81 -28.54
C VAL B 279 4.46 30.50 -29.26
N THR B 280 3.44 30.05 -28.53
CA THR B 280 2.14 29.73 -29.16
C THR B 280 1.61 30.92 -29.95
N SER B 281 1.67 32.11 -29.32
CA SER B 281 1.24 33.37 -29.91
C SER B 281 1.85 33.63 -31.29
N THR B 282 3.18 33.48 -31.36
CA THR B 282 3.92 33.66 -32.61
C THR B 282 3.50 32.62 -33.65
N MET B 283 3.39 31.36 -33.21
CA MET B 283 2.97 30.32 -34.14
C MET B 283 1.67 30.73 -34.82
N LEU B 284 0.71 31.27 -34.04
CA LEU B 284 -0.60 31.62 -34.61
C LEU B 284 -0.51 32.86 -35.49
N GLN B 285 0.28 33.84 -35.08
CA GLN B 285 0.47 35.06 -35.85
C GLN B 285 1.11 34.76 -37.20
N GLN B 286 2.10 33.84 -37.22
CA GLN B 286 2.81 33.47 -38.43
C GLN B 286 1.98 32.48 -39.27
N GLY B 287 0.82 32.04 -38.77
CA GLY B 287 -0.03 31.18 -39.59
C GLY B 287 0.48 29.73 -39.69
N TRP B 288 1.11 29.20 -38.64
CA TRP B 288 1.48 27.78 -38.59
C TRP B 288 0.23 26.89 -38.59
N GLN B 289 0.35 25.76 -39.28
CA GLN B 289 -0.69 24.74 -39.33
C GLN B 289 -0.04 23.42 -38.95
N ALA B 290 -0.89 22.40 -38.80
CA ALA B 290 -0.44 21.06 -38.47
C ALA B 290 0.70 20.64 -39.38
N THR B 291 0.52 20.76 -40.72
CA THR B 291 1.50 20.17 -41.61
C THR B 291 2.84 20.86 -41.42
N HIS B 292 2.86 22.15 -41.09
CA HIS B 292 4.13 22.82 -40.87
C HIS B 292 4.84 22.23 -39.67
N MET B 293 4.06 21.94 -38.61
CA MET B 293 4.61 21.38 -37.37
C MET B 293 5.30 20.06 -37.66
N PHE B 294 4.64 19.17 -38.40
CA PHE B 294 5.20 17.87 -38.75
C PHE B 294 6.44 18.02 -39.64
N ARG B 295 6.42 19.01 -40.56
CA ARG B 295 7.53 19.28 -41.48
C ARG B 295 8.72 19.84 -40.71
N VAL B 296 8.47 20.68 -39.70
CA VAL B 296 9.58 21.17 -38.90
C VAL B 296 10.15 20.04 -38.03
N ALA B 297 9.30 19.16 -37.49
CA ALA B 297 9.83 18.04 -36.71
C ALA B 297 10.70 17.14 -37.59
N GLU B 298 10.14 16.72 -38.73
CA GLU B 298 10.87 15.91 -39.70
C GLU B 298 12.25 16.48 -40.03
N GLU B 299 12.33 17.80 -40.22
CA GLU B 299 13.58 18.39 -40.67
C GLU B 299 14.64 18.26 -39.58
N PHE B 300 14.23 18.25 -38.29
CA PHE B 300 15.16 18.02 -37.20
C PHE B 300 15.76 16.61 -37.32
N PHE B 301 14.92 15.61 -37.57
CA PHE B 301 15.38 14.24 -37.71
C PHE B 301 16.39 14.14 -38.87
N THR B 302 16.06 14.77 -40.03
CA THR B 302 16.90 14.66 -41.22
C THR B 302 18.19 15.43 -40.98
N SER B 303 18.17 16.48 -40.11
CA SER B 303 19.37 17.21 -39.79
C SER B 303 20.38 16.32 -39.08
N LEU B 304 19.90 15.27 -38.43
CA LEU B 304 20.74 14.31 -37.72
C LEU B 304 21.10 13.15 -38.64
N GLU B 305 20.59 13.18 -39.88
CA GLU B 305 20.76 12.10 -40.84
C GLU B 305 20.01 10.86 -40.38
N LEU B 306 18.92 11.09 -39.64
CA LEU B 306 17.90 10.06 -39.51
C LEU B 306 17.01 10.22 -40.72
N SER B 307 16.00 9.38 -40.84
CA SER B 307 15.25 9.25 -42.07
C SER B 307 14.09 10.25 -42.10
N PRO B 308 13.71 10.70 -43.32
CA PRO B 308 12.49 11.49 -43.50
C PRO B 308 11.24 10.62 -43.40
N MET B 309 10.07 11.24 -43.30
CA MET B 309 8.84 10.50 -43.35
C MET B 309 8.59 10.06 -44.79
N PRO B 310 8.24 8.78 -45.04
CA PRO B 310 8.00 8.34 -46.40
C PRO B 310 6.71 8.91 -46.98
N PRO B 311 6.55 8.80 -48.32
CA PRO B 311 5.32 9.22 -48.97
C PRO B 311 4.05 8.66 -48.35
N GLU B 312 4.08 7.36 -48.03
CA GLU B 312 2.94 6.69 -47.41
C GLU B 312 2.52 7.34 -46.10
N PHE B 313 3.47 7.93 -45.36
CA PHE B 313 3.16 8.65 -44.12
C PHE B 313 2.29 9.88 -44.41
N TRP B 314 2.65 10.65 -45.46
CA TRP B 314 1.97 11.90 -45.76
C TRP B 314 0.60 11.63 -46.37
N GLU B 315 0.51 10.54 -47.15
CA GLU B 315 -0.73 10.23 -47.84
C GLU B 315 -1.74 9.62 -46.87
N GLY B 316 -1.25 8.95 -45.82
CA GLY B 316 -2.08 8.12 -44.96
C GLY B 316 -2.45 8.77 -43.62
N SER B 317 -1.56 9.59 -43.07
CA SER B 317 -1.74 10.06 -41.71
C SER B 317 -3.03 10.84 -41.57
N MET B 318 -3.54 10.94 -40.33
CA MET B 318 -4.58 11.91 -40.00
C MET B 318 -3.98 12.95 -39.04
N LEU B 319 -3.76 14.17 -39.52
CA LEU B 319 -2.95 15.14 -38.77
C LEU B 319 -3.80 16.28 -38.24
N GLU B 320 -5.09 16.31 -38.61
CA GLU B 320 -6.02 17.22 -37.98
C GLU B 320 -7.31 16.46 -37.68
N LYS B 321 -8.09 16.98 -36.74
CA LYS B 321 -9.43 16.47 -36.48
C LYS B 321 -10.30 16.68 -37.72
N PRO B 322 -10.92 15.63 -38.30
CA PRO B 322 -11.80 15.81 -39.46
C PRO B 322 -12.99 16.71 -39.14
N ALA B 323 -13.35 17.60 -40.06
CA ALA B 323 -14.52 18.44 -39.90
C ALA B 323 -15.74 17.85 -40.61
N ASP B 324 -15.59 16.66 -41.21
CA ASP B 324 -16.66 16.00 -41.95
C ASP B 324 -17.68 15.37 -41.00
N GLY B 325 -17.66 15.74 -39.72
CA GLY B 325 -18.62 15.25 -38.73
C GLY B 325 -18.46 13.77 -38.40
N ARG B 326 -17.23 13.25 -38.45
CA ARG B 326 -16.93 11.88 -38.00
C ARG B 326 -16.59 11.90 -36.52
N GLU B 327 -16.56 10.68 -35.94
CA GLU B 327 -16.03 10.44 -34.62
C GLU B 327 -14.66 9.79 -34.79
N VAL B 328 -13.66 10.34 -34.11
CA VAL B 328 -12.31 9.79 -34.11
C VAL B 328 -11.78 9.62 -32.70
N VAL B 329 -10.77 8.78 -32.55
CA VAL B 329 -9.91 8.81 -31.38
C VAL B 329 -8.92 9.95 -31.57
N CYS B 330 -9.12 11.01 -30.82
CA CYS B 330 -8.27 12.18 -30.94
C CYS B 330 -6.90 11.92 -30.30
N HIS B 331 -6.83 11.06 -29.29
CA HIS B 331 -5.56 10.90 -28.59
C HIS B 331 -4.48 10.51 -29.59
N ALA B 332 -3.37 11.26 -29.58
CA ALA B 332 -2.32 11.15 -30.57
C ALA B 332 -1.62 9.79 -30.47
N SER B 333 -1.30 9.23 -31.62
CA SER B 333 -0.63 7.93 -31.65
C SER B 333 0.15 7.74 -32.94
N ALA B 334 1.15 6.86 -32.89
CA ALA B 334 1.98 6.53 -34.03
C ALA B 334 1.89 5.02 -34.31
N TRP B 335 1.66 4.71 -35.61
CA TRP B 335 1.20 3.42 -36.09
C TRP B 335 2.21 2.78 -37.05
N ASP B 336 2.70 1.60 -36.63
CA ASP B 336 3.47 0.68 -37.45
C ASP B 336 2.57 -0.44 -37.94
N PHE B 337 2.36 -0.53 -39.27
CA PHE B 337 1.46 -1.53 -39.82
C PHE B 337 2.15 -2.85 -40.15
N TYR B 338 3.44 -2.99 -39.82
CA TYR B 338 4.13 -4.28 -39.94
C TYR B 338 4.12 -4.80 -41.39
N ASN B 339 4.30 -3.91 -42.37
CA ASN B 339 4.54 -4.31 -43.76
C ASN B 339 5.78 -3.60 -44.33
N ARG B 340 6.63 -3.03 -43.46
CA ARG B 340 7.84 -2.30 -43.83
C ARG B 340 7.55 -1.11 -44.76
N LYS B 341 6.29 -0.69 -44.84
CA LYS B 341 5.87 0.25 -45.86
C LYS B 341 5.02 1.37 -45.25
N ASP B 342 3.85 1.02 -44.70
CA ASP B 342 2.91 1.99 -44.15
C ASP B 342 3.23 2.33 -42.69
N PHE B 343 3.31 3.63 -42.43
CA PHE B 343 3.58 4.17 -41.11
C PHE B 343 2.80 5.49 -41.02
N ARG B 344 2.04 5.72 -39.93
CA ARG B 344 1.19 6.90 -39.86
C ARG B 344 1.06 7.46 -38.44
N ILE B 345 0.76 8.77 -38.36
CA ILE B 345 0.35 9.40 -37.12
C ILE B 345 -1.13 9.74 -37.27
N LYS B 346 -1.89 9.46 -36.20
CA LYS B 346 -3.25 9.93 -36.08
C LYS B 346 -3.28 10.95 -34.96
N GLN B 347 -3.41 12.25 -35.26
CA GLN B 347 -3.40 13.28 -34.22
C GLN B 347 -4.37 14.38 -34.60
N CYS B 348 -5.21 14.83 -33.65
CA CYS B 348 -6.02 16.03 -33.83
C CYS B 348 -5.18 17.25 -33.42
N THR B 349 -4.19 17.59 -34.24
CA THR B 349 -3.17 18.58 -33.94
C THR B 349 -3.77 19.98 -33.78
N ARG B 350 -3.39 20.66 -32.71
CA ARG B 350 -3.69 22.06 -32.47
C ARG B 350 -2.39 22.85 -32.61
N VAL B 351 -2.50 24.12 -33.00
CA VAL B 351 -1.32 24.93 -33.18
C VAL B 351 -0.99 25.59 -31.84
N THR B 352 -0.22 24.87 -31.01
CA THR B 352 0.33 25.37 -29.75
C THR B 352 1.76 24.85 -29.61
N MET B 353 2.51 25.48 -28.71
CA MET B 353 3.86 25.05 -28.41
C MET B 353 3.89 23.63 -27.79
N ASP B 354 2.96 23.29 -26.87
CA ASP B 354 2.98 21.96 -26.26
C ASP B 354 2.62 20.85 -27.27
N GLN B 355 1.74 21.17 -28.22
CA GLN B 355 1.44 20.26 -29.31
C GLN B 355 2.64 20.06 -30.24
N LEU B 356 3.52 21.06 -30.35
CA LEU B 356 4.73 20.93 -31.14
C LEU B 356 5.61 19.84 -30.53
N SER B 357 5.66 19.80 -29.21
CA SER B 357 6.42 18.75 -28.53
C SER B 357 5.78 17.39 -28.75
N THR B 358 4.45 17.32 -28.64
CA THR B 358 3.70 16.10 -28.92
C THR B 358 3.98 15.60 -30.33
N VAL B 359 4.05 16.52 -31.29
CA VAL B 359 4.35 16.13 -32.66
C VAL B 359 5.72 15.45 -32.69
N HIS B 360 6.73 16.01 -32.00
CA HIS B 360 8.04 15.40 -31.94
C HIS B 360 7.96 14.03 -31.26
N HIS B 361 7.23 13.96 -30.13
CA HIS B 361 7.06 12.72 -29.38
C HIS B 361 6.60 11.61 -30.33
N GLU B 362 5.54 11.89 -31.10
CA GLU B 362 4.94 10.90 -31.98
C GLU B 362 5.87 10.55 -33.14
N MET B 363 6.55 11.56 -33.70
CA MET B 363 7.43 11.31 -34.85
C MET B 363 8.65 10.50 -34.41
N GLY B 364 9.10 10.66 -33.15
CA GLY B 364 10.05 9.73 -32.54
C GLY B 364 9.61 8.26 -32.66
N HIS B 365 8.33 7.97 -32.41
CA HIS B 365 7.82 6.62 -32.60
C HIS B 365 8.04 6.17 -34.05
N ILE B 366 7.59 7.00 -35.00
CA ILE B 366 7.73 6.71 -36.42
C ILE B 366 9.20 6.47 -36.74
N GLN B 367 10.09 7.34 -36.27
CA GLN B 367 11.49 7.20 -36.61
C GLN B 367 11.97 5.79 -36.23
N TYR B 368 11.58 5.35 -35.01
CA TYR B 368 11.95 4.04 -34.50
C TYR B 368 11.48 2.95 -35.50
N TYR B 369 10.23 3.05 -35.94
CA TYR B 369 9.61 2.06 -36.80
C TYR B 369 10.32 1.99 -38.16
N LEU B 370 10.76 3.16 -38.64
CA LEU B 370 11.48 3.30 -39.90
C LEU B 370 12.86 2.65 -39.78
N GLN B 371 13.53 2.83 -38.65
CA GLN B 371 14.89 2.36 -38.48
C GLN B 371 14.98 0.86 -38.22
N TYR B 372 13.91 0.18 -37.81
CA TYR B 372 14.06 -1.21 -37.42
C TYR B 372 13.14 -2.08 -38.26
N LYS B 373 12.65 -1.57 -39.38
CA LYS B 373 11.64 -2.29 -40.14
C LYS B 373 12.22 -3.50 -40.91
N ASP B 374 13.56 -3.64 -40.94
CA ASP B 374 14.19 -4.78 -41.61
C ASP B 374 14.48 -5.91 -40.62
N LEU B 375 14.34 -5.64 -39.31
CA LEU B 375 14.40 -6.71 -38.32
C LEU B 375 13.14 -7.56 -38.46
N PRO B 376 13.19 -8.86 -38.04
CA PRO B 376 11.99 -9.67 -38.00
C PRO B 376 11.04 -9.18 -36.92
N VAL B 377 9.74 -9.33 -37.18
CA VAL B 377 8.71 -8.73 -36.38
C VAL B 377 9.09 -8.55 -34.91
N SER B 378 9.52 -9.63 -34.24
CA SER B 378 9.52 -9.67 -32.80
C SER B 378 10.62 -8.78 -32.22
N LEU B 379 11.57 -8.36 -33.06
CA LEU B 379 12.54 -7.41 -32.56
C LEU B 379 12.09 -5.98 -32.88
N ARG B 380 10.85 -5.81 -33.39
CA ARG B 380 10.35 -4.52 -33.85
C ARG B 380 9.64 -3.80 -32.71
N ARG B 381 10.44 -3.38 -31.72
CA ARG B 381 9.92 -2.68 -30.57
C ARG B 381 11.11 -1.98 -29.97
N GLY B 382 10.88 -1.12 -28.97
CA GLY B 382 11.99 -0.44 -28.33
C GLY B 382 12.80 -1.46 -27.55
N ALA B 383 14.02 -1.09 -27.13
CA ALA B 383 14.84 -2.00 -26.36
C ALA B 383 14.06 -2.35 -25.09
N ASN B 384 13.48 -1.31 -24.47
CA ASN B 384 12.33 -1.47 -23.58
C ASN B 384 11.30 -0.38 -23.93
N PRO B 385 10.02 -0.49 -23.50
CA PRO B 385 8.98 0.44 -23.94
C PRO B 385 9.31 1.91 -23.67
N GLY B 386 10.05 2.16 -22.58
CA GLY B 386 10.56 3.47 -22.23
C GLY B 386 11.43 4.12 -23.31
N PHE B 387 12.29 3.32 -23.97
CA PHE B 387 13.16 3.78 -25.05
C PHE B 387 12.30 4.39 -26.14
N HIS B 388 11.20 3.71 -26.46
CA HIS B 388 10.34 4.14 -27.54
C HIS B 388 9.73 5.48 -27.16
N GLU B 389 9.40 5.68 -25.88
CA GLU B 389 8.73 6.91 -25.48
C GLU B 389 9.71 8.05 -25.35
N ALA B 390 11.01 7.79 -25.41
CA ALA B 390 11.98 8.82 -25.12
C ALA B 390 12.55 9.53 -26.36
N ILE B 391 12.48 8.90 -27.54
CA ILE B 391 13.23 9.38 -28.70
C ILE B 391 12.79 10.80 -29.09
N GLY B 392 11.48 10.95 -29.35
CA GLY B 392 10.93 12.22 -29.76
C GLY B 392 11.19 13.32 -28.71
N ASP B 393 11.01 12.97 -27.43
CA ASP B 393 11.18 13.88 -26.31
C ASP B 393 12.62 14.41 -26.30
N VAL B 394 13.60 13.59 -26.72
CA VAL B 394 14.99 14.02 -26.67
C VAL B 394 15.19 15.17 -27.65
N LEU B 395 14.66 15.00 -28.87
CA LEU B 395 14.81 16.03 -29.89
C LEU B 395 14.08 17.30 -29.42
N ALA B 396 12.91 17.13 -28.77
CA ALA B 396 12.14 18.30 -28.35
C ALA B 396 12.87 19.09 -27.25
N LEU B 397 13.73 18.43 -26.47
CA LEU B 397 14.52 19.16 -25.50
C LEU B 397 15.43 20.18 -26.19
N SER B 398 16.02 19.83 -27.34
CA SER B 398 16.81 20.75 -28.17
C SER B 398 15.95 21.86 -28.78
N VAL B 399 14.79 21.49 -29.35
CA VAL B 399 13.89 22.42 -30.02
C VAL B 399 13.41 23.53 -29.07
N SER B 400 13.17 23.17 -27.80
N SER B 400 13.17 23.17 -27.81
CA SER B 400 12.57 24.07 -26.82
CA SER B 400 12.54 24.08 -26.85
C SER B 400 13.56 25.17 -26.40
C SER B 400 13.55 25.13 -26.35
N THR B 401 14.86 24.95 -26.59
CA THR B 401 15.84 25.93 -26.14
C THR B 401 15.56 27.27 -26.84
N PRO B 402 15.69 28.40 -26.10
CA PRO B 402 15.54 29.72 -26.69
C PRO B 402 16.37 29.97 -27.96
N GLU B 403 17.64 29.54 -27.98
CA GLU B 403 18.50 29.61 -29.16
C GLU B 403 17.89 28.84 -30.34
N HIS B 404 17.33 27.66 -30.10
CA HIS B 404 16.79 26.91 -31.21
C HIS B 404 15.54 27.59 -31.75
N LEU B 405 14.67 28.06 -30.85
CA LEU B 405 13.43 28.72 -31.24
C LEU B 405 13.79 29.96 -32.07
N HIS B 406 14.80 30.71 -31.61
CA HIS B 406 15.30 31.84 -32.36
C HIS B 406 15.68 31.39 -33.78
N LYS B 407 16.44 30.29 -33.89
CA LYS B 407 16.90 29.80 -35.18
C LYS B 407 15.74 29.44 -36.10
N ILE B 408 14.56 29.05 -35.58
CA ILE B 408 13.47 28.69 -36.48
C ILE B 408 12.40 29.78 -36.53
N GLY B 409 12.73 31.01 -36.14
CA GLY B 409 11.89 32.16 -36.44
C GLY B 409 10.73 32.35 -35.45
N LEU B 410 10.79 31.70 -34.29
CA LEU B 410 9.71 31.70 -33.30
C LEU B 410 10.05 32.58 -32.09
N LEU B 411 11.29 33.04 -31.95
CA LEU B 411 11.65 33.92 -30.84
C LEU B 411 12.67 34.95 -31.31
N ASP B 412 12.40 36.24 -31.06
CA ASP B 412 13.42 37.29 -31.14
C ASP B 412 14.52 36.92 -30.14
N ARG B 413 15.79 36.99 -30.54
CA ARG B 413 16.89 36.47 -29.74
C ARG B 413 16.82 37.00 -28.31
N VAL B 414 17.17 36.14 -27.34
CA VAL B 414 17.03 36.40 -25.91
C VAL B 414 18.42 36.70 -25.36
N THR B 415 18.50 37.57 -24.34
CA THR B 415 19.75 37.80 -23.64
C THR B 415 20.06 36.54 -22.84
N ASN B 416 21.34 36.14 -22.85
CA ASN B 416 21.80 34.99 -22.10
C ASN B 416 22.15 35.43 -20.69
N ASP B 417 21.11 35.85 -19.93
CA ASP B 417 21.29 36.21 -18.54
C ASP B 417 20.50 35.26 -17.65
N THR B 418 20.68 35.41 -16.34
CA THR B 418 20.21 34.45 -15.35
C THR B 418 18.68 34.41 -15.34
N GLU B 419 18.05 35.57 -15.48
CA GLU B 419 16.61 35.68 -15.36
C GLU B 419 15.91 34.89 -16.47
N SER B 420 16.55 34.86 -17.66
CA SER B 420 16.03 34.18 -18.83
C SER B 420 16.24 32.67 -18.68
N ASP B 421 17.38 32.32 -18.05
CA ASP B 421 17.70 30.94 -17.81
C ASP B 421 16.70 30.32 -16.83
N ILE B 422 16.41 31.06 -15.75
CA ILE B 422 15.54 30.60 -14.67
C ILE B 422 14.14 30.44 -15.24
N ASN B 423 13.71 31.43 -16.03
CA ASN B 423 12.45 31.39 -16.72
C ASN B 423 12.32 30.11 -17.57
N TYR B 424 13.39 29.74 -18.29
CA TYR B 424 13.37 28.59 -19.18
C TYR B 424 13.30 27.30 -18.35
N LEU B 425 14.19 27.16 -17.38
CA LEU B 425 14.20 25.94 -16.60
C LEU B 425 12.88 25.77 -15.83
N LEU B 426 12.23 26.87 -15.49
CA LEU B 426 11.01 26.74 -14.72
C LEU B 426 9.89 26.25 -15.64
N LYS B 427 9.81 26.78 -16.85
CA LYS B 427 8.85 26.28 -17.82
C LYS B 427 9.07 24.78 -18.06
N MET B 428 10.35 24.37 -18.12
CA MET B 428 10.72 23.02 -18.44
C MET B 428 10.41 22.12 -17.25
N ALA B 429 10.54 22.67 -16.04
CA ALA B 429 10.10 22.00 -14.84
C ALA B 429 8.59 21.72 -14.87
N LEU B 430 7.78 22.70 -15.30
CA LEU B 430 6.34 22.57 -15.32
C LEU B 430 5.94 21.40 -16.22
N GLU B 431 6.74 21.18 -17.28
CA GLU B 431 6.47 20.21 -18.30
C GLU B 431 6.96 18.82 -17.89
N LYS B 432 8.12 18.77 -17.23
CA LYS B 432 8.88 17.55 -17.03
C LYS B 432 8.79 17.09 -15.56
N ILE B 433 9.16 17.95 -14.61
CA ILE B 433 9.22 17.52 -13.22
C ILE B 433 7.83 17.26 -12.67
N ALA B 434 6.85 18.11 -13.02
CA ALA B 434 5.48 17.94 -12.58
C ALA B 434 4.87 16.59 -12.97
N PHE B 435 5.37 15.99 -14.05
CA PHE B 435 4.81 14.76 -14.57
C PHE B 435 5.33 13.56 -13.78
N LEU B 436 6.50 13.70 -13.18
CA LEU B 436 7.16 12.56 -12.54
C LEU B 436 6.21 11.76 -11.63
N PRO B 437 5.52 12.37 -10.64
CA PRO B 437 4.65 11.60 -9.78
C PRO B 437 3.54 10.86 -10.53
N PHE B 438 2.97 11.50 -11.56
CA PHE B 438 1.85 10.89 -12.24
C PHE B 438 2.34 9.72 -13.08
N GLY B 439 3.45 9.95 -13.80
CA GLY B 439 4.23 8.91 -14.44
C GLY B 439 4.35 7.64 -13.61
N TYR B 440 4.69 7.80 -12.33
CA TYR B 440 4.98 6.68 -11.46
C TYR B 440 3.70 6.01 -10.95
N LEU B 441 2.66 6.81 -10.62
CA LEU B 441 1.54 6.30 -9.85
C LEU B 441 0.53 5.51 -10.69
N VAL B 442 0.41 5.79 -11.98
CA VAL B 442 -0.73 5.27 -12.72
C VAL B 442 -0.66 3.74 -12.71
N ASP B 443 0.54 3.21 -13.00
CA ASP B 443 0.69 1.76 -13.01
C ASP B 443 0.73 1.20 -11.59
N GLN B 444 1.10 1.97 -10.57
CA GLN B 444 0.97 1.47 -9.22
C GLN B 444 -0.50 1.16 -8.96
N TRP B 445 -1.39 2.05 -9.40
CA TRP B 445 -2.80 1.77 -9.30
C TRP B 445 -3.18 0.49 -10.05
N ARG B 446 -2.73 0.36 -11.31
CA ARG B 446 -3.15 -0.77 -12.13
C ARG B 446 -2.57 -2.09 -11.65
N TRP B 447 -1.33 -2.10 -11.17
CA TRP B 447 -0.76 -3.29 -10.55
C TRP B 447 -1.61 -3.75 -9.37
N GLY B 448 -2.05 -2.80 -8.51
CA GLY B 448 -2.95 -3.13 -7.41
C GLY B 448 -4.24 -3.78 -7.92
N VAL B 449 -4.79 -3.24 -9.01
CA VAL B 449 -6.07 -3.74 -9.51
C VAL B 449 -5.85 -5.16 -10.05
N PHE B 450 -4.82 -5.35 -10.86
CA PHE B 450 -4.52 -6.65 -11.46
C PHE B 450 -4.22 -7.71 -10.39
N SER B 451 -3.49 -7.35 -9.33
CA SER B 451 -3.06 -8.28 -8.28
C SER B 451 -4.20 -8.67 -7.34
N GLY B 452 -5.30 -7.91 -7.33
CA GLY B 452 -6.42 -8.15 -6.41
C GLY B 452 -6.35 -7.29 -5.15
N ARG B 453 -5.26 -6.54 -4.98
CA ARG B 453 -5.13 -5.66 -3.83
C ARG B 453 -6.18 -4.54 -3.82
N THR B 454 -6.55 -4.03 -5.01
CA THR B 454 -7.57 -3.01 -5.18
C THR B 454 -8.76 -3.65 -5.89
N PRO B 455 -9.80 -4.10 -5.16
CA PRO B 455 -11.00 -4.62 -5.80
C PRO B 455 -11.83 -3.47 -6.32
N PRO B 456 -12.88 -3.76 -7.13
CA PRO B 456 -13.81 -2.74 -7.60
C PRO B 456 -14.28 -1.75 -6.54
N SER B 457 -14.49 -2.23 -5.31
CA SER B 457 -15.06 -1.42 -4.24
C SER B 457 -14.04 -0.42 -3.68
N ARG B 458 -12.80 -0.44 -4.19
CA ARG B 458 -11.79 0.54 -3.76
C ARG B 458 -11.07 1.17 -4.96
N TYR B 459 -11.64 1.01 -6.17
CA TYR B 459 -11.01 1.58 -7.36
C TYR B 459 -10.69 3.07 -7.17
N ASN B 460 -11.66 3.86 -6.67
CA ASN B 460 -11.52 5.30 -6.61
C ASN B 460 -10.81 5.73 -5.33
N PHE B 461 -11.03 4.99 -4.24
CA PHE B 461 -10.30 5.24 -3.02
C PHE B 461 -8.78 5.09 -3.21
N ASP B 462 -8.36 4.01 -3.89
CA ASP B 462 -6.96 3.73 -4.09
C ASP B 462 -6.37 4.73 -5.09
N TRP B 463 -7.16 5.07 -6.12
CA TRP B 463 -6.73 6.07 -7.10
C TRP B 463 -6.36 7.37 -6.38
N TRP B 464 -7.27 7.88 -5.55
CA TRP B 464 -7.08 9.18 -4.94
C TRP B 464 -6.03 9.15 -3.84
N TYR B 465 -5.90 8.00 -3.17
CA TYR B 465 -4.80 7.78 -2.25
C TYR B 465 -3.49 8.05 -3.02
N LEU B 466 -3.32 7.41 -4.18
CA LEU B 466 -2.07 7.56 -4.92
C LEU B 466 -1.90 8.98 -5.45
N ARG B 467 -3.01 9.53 -5.96
CA ARG B 467 -2.97 10.88 -6.50
C ARG B 467 -2.47 11.84 -5.42
N THR B 468 -3.03 11.71 -4.22
CA THR B 468 -2.66 12.59 -3.13
C THR B 468 -1.25 12.26 -2.63
N LYS B 469 -0.94 10.98 -2.41
CA LYS B 469 0.39 10.60 -1.97
C LYS B 469 1.51 11.16 -2.87
N TYR B 470 1.37 11.00 -4.18
CA TYR B 470 2.42 11.37 -5.11
C TYR B 470 2.28 12.82 -5.62
N GLN B 471 1.13 13.18 -6.20
CA GLN B 471 1.01 14.50 -6.83
C GLN B 471 0.65 15.62 -5.85
N GLY B 472 0.08 15.32 -4.68
CA GLY B 472 -0.29 16.38 -3.75
C GLY B 472 -1.47 17.21 -4.26
N ILE B 473 -2.42 16.49 -4.90
CA ILE B 473 -3.67 17.04 -5.42
C ILE B 473 -4.87 16.39 -4.72
N CYS B 474 -6.00 17.10 -4.74
CA CYS B 474 -7.25 16.58 -4.21
C CYS B 474 -8.35 16.83 -5.22
N PRO B 475 -9.42 15.99 -5.25
CA PRO B 475 -10.52 16.22 -6.16
C PRO B 475 -11.28 17.46 -5.69
N PRO B 476 -11.68 18.35 -6.60
CA PRO B 476 -12.31 19.61 -6.19
C PRO B 476 -13.79 19.48 -5.87
N VAL B 477 -14.36 18.30 -6.14
CA VAL B 477 -15.67 17.92 -5.67
C VAL B 477 -15.55 16.53 -5.02
N THR B 478 -16.51 16.24 -4.15
CA THR B 478 -16.56 14.98 -3.42
C THR B 478 -16.65 13.84 -4.42
N ARG B 479 -15.88 12.78 -4.19
CA ARG B 479 -15.99 11.61 -5.04
C ARG B 479 -16.35 10.39 -4.18
N ASN B 480 -17.04 9.43 -4.81
CA ASN B 480 -17.30 8.12 -4.23
C ASN B 480 -17.00 6.99 -5.22
N GLU B 481 -17.39 5.78 -4.87
CA GLU B 481 -17.01 4.62 -5.64
C GLU B 481 -17.95 4.38 -6.81
N THR B 482 -18.95 5.26 -7.02
CA THR B 482 -19.69 5.26 -8.28
C THR B 482 -18.83 5.88 -9.36
N HIS B 483 -18.00 6.85 -8.94
CA HIS B 483 -16.99 7.46 -9.81
C HIS B 483 -15.87 6.48 -10.08
N PHE B 484 -15.28 6.59 -11.29
CA PHE B 484 -14.12 5.83 -11.66
C PHE B 484 -13.15 6.78 -12.35
N ASP B 485 -12.49 7.63 -11.55
CA ASP B 485 -11.68 8.70 -12.09
C ASP B 485 -10.47 8.18 -12.88
N ALA B 486 -9.93 7.01 -12.51
CA ALA B 486 -8.84 6.42 -13.29
C ALA B 486 -9.30 6.15 -14.72
N GLY B 487 -10.57 5.83 -14.91
CA GLY B 487 -11.04 5.51 -16.26
C GLY B 487 -11.17 6.74 -17.15
N ALA B 488 -11.16 7.95 -16.59
CA ALA B 488 -11.19 9.16 -17.39
C ALA B 488 -9.80 9.56 -17.89
N LYS B 489 -8.81 8.68 -17.75
CA LYS B 489 -7.51 8.87 -18.37
C LYS B 489 -7.35 7.83 -19.49
N PHE B 490 -7.07 8.32 -20.71
CA PHE B 490 -7.07 7.49 -21.94
C PHE B 490 -6.50 6.09 -21.74
N HIS B 491 -5.28 5.99 -21.18
CA HIS B 491 -4.54 4.73 -21.13
C HIS B 491 -5.24 3.59 -20.38
N VAL B 492 -6.12 3.94 -19.46
CA VAL B 492 -6.75 2.92 -18.64
C VAL B 492 -7.79 2.17 -19.49
N PRO B 493 -8.87 2.78 -20.01
CA PRO B 493 -9.77 2.06 -20.91
C PRO B 493 -9.09 1.50 -22.17
N ASN B 494 -7.96 2.10 -22.55
N ASN B 494 -7.97 2.08 -22.61
CA ASN B 494 -7.27 1.71 -23.77
CA ASN B 494 -7.33 1.60 -23.83
C ASN B 494 -6.26 0.59 -23.48
C ASN B 494 -6.22 0.62 -23.49
N VAL B 495 -6.08 0.28 -22.19
CA VAL B 495 -5.20 -0.79 -21.75
C VAL B 495 -3.79 -0.57 -22.31
N THR B 496 -3.26 0.64 -22.17
CA THR B 496 -1.89 0.90 -22.54
C THR B 496 -1.09 1.11 -21.26
N PRO B 497 -0.01 0.34 -20.99
CA PRO B 497 0.80 0.57 -19.80
C PRO B 497 1.39 1.97 -19.74
N TYR B 498 1.76 2.41 -18.52
CA TYR B 498 2.13 3.79 -18.23
C TYR B 498 3.53 3.95 -17.61
N ILE B 499 4.08 2.90 -16.98
CA ILE B 499 5.38 3.04 -16.30
C ILE B 499 6.47 3.46 -17.30
N ARG B 500 6.26 3.09 -18.58
CA ARG B 500 7.13 3.53 -19.68
C ARG B 500 7.34 5.05 -19.71
N TYR B 501 6.35 5.83 -19.27
CA TYR B 501 6.46 7.27 -19.32
C TYR B 501 7.36 7.73 -18.21
N PHE B 502 7.26 7.09 -17.05
CA PHE B 502 8.16 7.46 -15.96
C PHE B 502 9.60 7.10 -16.36
N VAL B 503 9.75 5.92 -16.97
CA VAL B 503 11.06 5.46 -17.43
C VAL B 503 11.59 6.44 -18.49
N SER B 504 10.73 6.80 -19.44
N SER B 504 10.72 6.86 -19.41
CA SER B 504 11.14 7.70 -20.50
CA SER B 504 11.17 7.68 -20.51
C SER B 504 11.64 9.02 -19.92
C SER B 504 11.49 9.11 -20.05
N PHE B 505 10.94 9.55 -18.92
CA PHE B 505 11.24 10.89 -18.44
C PHE B 505 12.62 10.89 -17.79
N VAL B 506 13.07 9.74 -17.29
CA VAL B 506 14.41 9.63 -16.75
C VAL B 506 15.44 9.39 -17.87
N LEU B 507 15.13 8.43 -18.73
CA LEU B 507 15.96 8.03 -19.86
C LEU B 507 16.30 9.23 -20.73
N GLN B 508 15.28 10.05 -21.04
CA GLN B 508 15.45 11.10 -22.02
C GLN B 508 16.59 12.04 -21.60
N PHE B 509 16.75 12.26 -20.28
CA PHE B 509 17.78 13.19 -19.83
C PHE B 509 19.13 12.48 -19.88
N GLN B 510 19.13 11.15 -19.76
CA GLN B 510 20.36 10.41 -19.88
C GLN B 510 20.81 10.48 -21.34
N PHE B 511 19.85 10.24 -22.25
CA PHE B 511 20.11 10.30 -23.69
C PHE B 511 20.62 11.69 -24.08
N HIS B 512 19.93 12.73 -23.63
CA HIS B 512 20.29 14.09 -23.97
C HIS B 512 21.75 14.36 -23.63
N GLU B 513 22.18 14.04 -22.40
CA GLU B 513 23.56 14.29 -22.02
C GLU B 513 24.51 13.50 -22.93
N ALA B 514 24.14 12.27 -23.27
CA ALA B 514 25.01 11.45 -24.07
C ALA B 514 25.19 12.16 -25.41
N LEU B 515 24.06 12.55 -26.03
CA LEU B 515 24.06 13.06 -27.38
C LEU B 515 24.77 14.41 -27.42
N CYS B 516 24.57 15.23 -26.39
CA CYS B 516 25.23 16.53 -26.28
C CYS B 516 26.75 16.42 -26.18
N LYS B 517 27.25 15.43 -25.42
CA LYS B 517 28.68 15.17 -25.34
C LYS B 517 29.21 14.76 -26.71
N GLU B 518 28.48 13.90 -27.41
CA GLU B 518 28.84 13.33 -28.69
C GLU B 518 28.79 14.37 -29.82
N ALA B 519 27.98 15.41 -29.63
CA ALA B 519 27.93 16.51 -30.59
C ALA B 519 29.03 17.53 -30.29
N GLY B 520 29.73 17.36 -29.17
CA GLY B 520 30.87 18.20 -28.83
C GLY B 520 30.45 19.42 -28.03
N TYR B 521 29.17 19.52 -27.66
CA TYR B 521 28.68 20.67 -26.92
C TYR B 521 29.36 20.72 -25.54
N GLU B 522 29.68 21.93 -25.07
CA GLU B 522 30.42 22.10 -23.81
C GLU B 522 29.84 23.22 -22.96
N GLY B 523 28.64 23.69 -23.30
CA GLY B 523 27.94 24.64 -22.45
C GLY B 523 27.10 23.92 -21.39
N PRO B 524 26.25 24.63 -20.63
CA PRO B 524 25.35 23.97 -19.70
C PRO B 524 24.35 23.08 -20.42
N LEU B 525 24.06 21.91 -19.83
CA LEU B 525 23.28 20.85 -20.45
C LEU B 525 21.91 21.34 -20.93
N HIS B 526 21.34 22.31 -20.24
CA HIS B 526 19.98 22.74 -20.53
C HIS B 526 19.93 23.73 -21.69
N GLN B 527 21.10 24.09 -22.22
CA GLN B 527 21.22 25.05 -23.32
C GLN B 527 21.70 24.35 -24.59
N CYS B 528 21.99 23.05 -24.49
CA CYS B 528 22.44 22.24 -25.60
C CYS B 528 21.36 22.10 -26.68
N ASP B 529 21.83 22.09 -27.94
CA ASP B 529 20.98 21.84 -29.10
C ASP B 529 21.77 20.90 -29.99
N ILE B 530 21.26 19.70 -30.23
CA ILE B 530 21.97 18.74 -31.07
C ILE B 530 21.59 18.89 -32.55
N TYR B 531 20.82 19.93 -32.89
CA TYR B 531 20.45 20.18 -34.27
C TYR B 531 21.65 20.02 -35.20
N ARG B 532 21.49 19.26 -36.30
CA ARG B 532 22.50 19.14 -37.34
C ARG B 532 23.80 18.47 -36.88
N SER B 533 23.83 17.83 -35.70
CA SER B 533 24.96 16.98 -35.33
C SER B 533 24.77 15.55 -35.85
N THR B 534 25.50 15.21 -36.93
CA THR B 534 25.45 13.90 -37.57
C THR B 534 26.09 12.84 -36.67
N LYS B 535 27.03 13.23 -35.79
CA LYS B 535 27.59 12.29 -34.82
C LYS B 535 26.51 11.87 -33.83
N ALA B 536 25.85 12.84 -33.19
CA ALA B 536 24.72 12.54 -32.30
C ALA B 536 23.67 11.69 -33.02
N GLY B 537 23.42 11.98 -34.30
CA GLY B 537 22.43 11.23 -35.06
C GLY B 537 22.85 9.78 -35.28
N ALA B 538 24.17 9.57 -35.40
CA ALA B 538 24.75 8.25 -35.63
C ALA B 538 24.58 7.42 -34.36
N LYS B 539 25.06 7.97 -33.25
CA LYS B 539 24.82 7.36 -31.95
C LYS B 539 23.34 6.99 -31.76
N LEU B 540 22.42 7.92 -32.06
CA LEU B 540 21.00 7.64 -31.86
C LEU B 540 20.53 6.54 -32.81
N ARG B 541 21.09 6.49 -34.02
CA ARG B 541 20.60 5.56 -35.05
C ARG B 541 20.91 4.12 -34.64
N LYS B 542 22.04 3.93 -33.97
CA LYS B 542 22.45 2.61 -33.50
C LYS B 542 21.39 2.06 -32.55
N VAL B 543 20.88 2.92 -31.64
CA VAL B 543 19.79 2.51 -30.75
C VAL B 543 18.59 2.08 -31.56
N LEU B 544 18.11 2.93 -32.48
CA LEU B 544 16.82 2.69 -33.10
C LEU B 544 16.90 1.41 -33.95
N ARG B 545 18.06 1.20 -34.57
CA ARG B 545 18.25 0.06 -35.46
C ARG B 545 18.25 -1.25 -34.67
N ALA B 546 18.81 -1.22 -33.45
CA ALA B 546 18.92 -2.40 -32.60
C ALA B 546 17.57 -3.03 -32.31
N GLY B 547 16.48 -2.22 -32.27
CA GLY B 547 15.17 -2.74 -31.91
C GLY B 547 15.19 -3.32 -30.49
N SER B 548 14.50 -4.45 -30.29
CA SER B 548 14.68 -5.27 -29.08
C SER B 548 15.50 -6.52 -29.39
N SER B 549 16.70 -6.37 -29.94
CA SER B 549 17.50 -7.53 -30.33
C SER B 549 18.58 -7.75 -29.30
N ARG B 550 18.99 -6.64 -28.70
CA ARG B 550 19.90 -6.62 -27.58
C ARG B 550 19.14 -6.27 -26.31
N PRO B 551 19.49 -6.86 -25.15
CA PRO B 551 18.91 -6.43 -23.89
C PRO B 551 19.09 -4.93 -23.71
N TRP B 552 18.07 -4.29 -23.10
CA TRP B 552 18.02 -2.84 -23.06
C TRP B 552 19.18 -2.26 -22.25
N GLN B 553 19.63 -3.04 -21.24
CA GLN B 553 20.72 -2.61 -20.37
C GLN B 553 22.04 -2.55 -21.13
N GLU B 554 22.17 -3.38 -22.18
CA GLU B 554 23.39 -3.38 -22.98
C GLU B 554 23.41 -2.21 -23.97
N VAL B 555 22.31 -2.05 -24.72
CA VAL B 555 22.10 -0.92 -25.60
C VAL B 555 22.41 0.38 -24.87
N LEU B 556 22.01 0.46 -23.59
CA LEU B 556 22.12 1.69 -22.82
C LEU B 556 23.57 1.98 -22.48
N LYS B 557 24.34 0.93 -22.12
CA LYS B 557 25.75 1.09 -21.81
C LYS B 557 26.49 1.61 -23.05
N ASP B 558 26.22 1.01 -24.21
CA ASP B 558 26.88 1.47 -25.43
C ASP B 558 26.58 2.95 -25.64
N MET B 559 25.30 3.31 -25.42
CA MET B 559 24.81 4.63 -25.76
C MET B 559 25.27 5.67 -24.72
N VAL B 560 25.15 5.40 -23.42
CA VAL B 560 25.38 6.47 -22.46
C VAL B 560 26.52 6.13 -21.51
N GLY B 561 27.04 4.89 -21.47
CA GLY B 561 28.16 4.55 -20.61
C GLY B 561 27.77 3.82 -19.32
N LEU B 562 26.46 3.55 -19.16
CA LEU B 562 25.91 3.00 -17.94
C LEU B 562 24.80 2.04 -18.33
N ASP B 563 24.61 0.98 -17.56
CA ASP B 563 23.71 -0.10 -17.94
C ASP B 563 22.41 -0.04 -17.12
N ALA B 564 22.12 1.11 -16.51
CA ALA B 564 20.94 1.29 -15.68
C ALA B 564 20.36 2.71 -15.80
N LEU B 565 19.05 2.80 -15.52
CA LEU B 565 18.34 4.07 -15.32
C LEU B 565 19.05 4.86 -14.22
N ASP B 566 19.14 6.17 -14.41
CA ASP B 566 19.90 7.06 -13.52
C ASP B 566 19.31 8.45 -13.61
N ALA B 567 19.02 9.03 -12.44
CA ALA B 567 18.34 10.30 -12.33
C ALA B 567 19.32 11.48 -12.37
N GLN B 568 20.62 11.19 -12.32
CA GLN B 568 21.63 12.23 -12.20
C GLN B 568 21.57 13.24 -13.34
N PRO B 569 21.49 12.79 -14.62
CA PRO B 569 21.38 13.72 -15.74
C PRO B 569 20.18 14.67 -15.63
N LEU B 570 19.04 14.12 -15.18
CA LEU B 570 17.87 14.96 -14.98
C LEU B 570 18.19 16.04 -13.94
N LEU B 571 18.80 15.63 -12.83
CA LEU B 571 19.13 16.57 -11.76
C LEU B 571 20.13 17.63 -12.23
N LYS B 572 21.07 17.22 -13.09
CA LYS B 572 22.09 18.13 -13.58
C LYS B 572 21.45 19.21 -14.45
N TYR B 573 20.57 18.78 -15.38
CA TYR B 573 19.80 19.65 -16.25
C TYR B 573 19.06 20.73 -15.47
N PHE B 574 18.40 20.36 -14.37
CA PHE B 574 17.56 21.32 -13.67
C PHE B 574 18.23 22.00 -12.47
N GLN B 575 19.48 21.63 -12.15
CA GLN B 575 20.14 21.96 -10.89
C GLN B 575 19.95 23.42 -10.52
N LEU B 576 19.94 24.32 -11.52
CA LEU B 576 19.84 25.75 -11.25
C LEU B 576 18.45 26.15 -10.80
N VAL B 577 17.38 25.56 -11.38
CA VAL B 577 16.04 25.96 -10.99
C VAL B 577 15.68 25.27 -9.66
N THR B 578 16.27 24.09 -9.40
CA THR B 578 16.10 23.39 -8.13
C THR B 578 16.54 24.31 -7.00
N GLN B 579 17.74 24.89 -7.15
CA GLN B 579 18.30 25.83 -6.19
C GLN B 579 17.43 27.06 -6.03
N TRP B 580 17.08 27.68 -7.15
CA TRP B 580 16.29 28.89 -7.08
C TRP B 580 14.98 28.60 -6.36
N LEU B 581 14.31 27.47 -6.67
CA LEU B 581 12.99 27.19 -6.14
C LEU B 581 13.02 27.04 -4.60
N GLN B 582 14.06 26.35 -4.09
CA GLN B 582 14.28 26.21 -2.66
C GLN B 582 14.39 27.57 -2.00
N GLU B 583 15.31 28.40 -2.49
CA GLU B 583 15.46 29.75 -1.98
C GLU B 583 14.11 30.45 -1.96
N GLN B 584 13.40 30.46 -3.09
CA GLN B 584 12.12 31.15 -3.14
C GLN B 584 11.16 30.63 -2.05
N ASN B 585 11.20 29.31 -1.79
CA ASN B 585 10.27 28.66 -0.89
C ASN B 585 10.65 28.99 0.57
N GLN B 586 11.94 28.93 0.92
CA GLN B 586 12.44 29.43 2.21
C GLN B 586 12.04 30.88 2.45
N GLN B 587 12.35 31.78 1.53
CA GLN B 587 11.96 33.17 1.69
C GLN B 587 10.45 33.34 1.85
N ASN B 588 9.61 32.52 1.20
CA ASN B 588 8.17 32.65 1.39
C ASN B 588 7.67 31.92 2.63
N GLY B 589 8.55 31.18 3.34
CA GLY B 589 8.15 30.41 4.50
C GLY B 589 7.20 29.25 4.15
N GLU B 590 7.34 28.69 2.94
CA GLU B 590 6.47 27.62 2.50
C GLU B 590 6.67 26.37 3.36
N VAL B 591 5.62 25.56 3.50
CA VAL B 591 5.78 24.19 3.96
C VAL B 591 5.95 23.28 2.74
N LEU B 592 6.95 22.40 2.75
CA LEU B 592 7.13 21.48 1.64
C LEU B 592 6.23 20.28 1.86
N GLY B 593 5.37 20.01 0.88
CA GLY B 593 4.43 18.90 0.99
C GLY B 593 3.07 19.41 1.44
N TRP B 594 2.24 18.46 1.91
CA TRP B 594 0.83 18.74 2.15
C TRP B 594 0.37 18.05 3.42
N PRO B 595 0.88 18.46 4.60
CA PRO B 595 0.52 17.82 5.85
C PRO B 595 -0.99 17.83 6.13
N GLU B 596 -1.71 18.80 5.57
CA GLU B 596 -3.16 18.84 5.69
C GLU B 596 -3.81 17.99 4.61
N TYR B 597 -3.60 16.66 4.71
CA TYR B 597 -3.82 15.71 3.63
C TYR B 597 -5.32 15.48 3.42
N GLN B 598 -6.14 15.79 4.41
CA GLN B 598 -7.56 15.53 4.32
C GLN B 598 -8.31 16.71 3.69
N TRP B 599 -7.62 17.83 3.45
CA TRP B 599 -8.31 19.03 3.01
C TRP B 599 -8.83 18.92 1.57
N HIS B 600 -10.05 19.40 1.36
CA HIS B 600 -10.61 19.59 0.03
C HIS B 600 -11.26 20.98 -0.01
N PRO B 601 -11.34 21.61 -1.20
CA PRO B 601 -11.92 22.94 -1.27
C PRO B 601 -13.44 22.96 -1.22
N PRO B 602 -14.07 24.09 -0.84
CA PRO B 602 -15.52 24.21 -0.88
C PRO B 602 -16.03 24.30 -2.32
N LEU B 603 -17.31 24.03 -2.53
CA LEU B 603 -17.96 24.31 -3.80
C LEU B 603 -18.08 25.82 -3.95
N PRO B 604 -17.89 26.40 -5.16
CA PRO B 604 -18.24 27.79 -5.38
C PRO B 604 -19.74 28.07 -5.21
N ASP B 605 -20.05 29.27 -4.72
CA ASP B 605 -21.42 29.72 -4.52
C ASP B 605 -22.22 29.56 -5.81
N ASN B 606 -23.40 28.95 -5.70
CA ASN B 606 -24.35 28.85 -6.81
C ASN B 606 -23.77 28.01 -7.95
N TYR B 607 -22.99 26.96 -7.61
CA TYR B 607 -22.49 25.97 -8.57
C TYR B 607 -23.37 24.73 -8.54
N PRO B 608 -23.90 24.21 -9.68
CA PRO B 608 -23.74 24.79 -11.00
C PRO B 608 -24.81 25.83 -11.33
C1 NAG C . 7.71 5.02 44.37
C2 NAG C . 7.55 4.49 45.80
C3 NAG C . 8.37 5.35 46.77
C4 NAG C . 9.81 5.49 46.31
C5 NAG C . 9.83 6.04 44.89
C6 NAG C . 11.21 6.14 44.28
C7 NAG C . 5.53 3.24 46.42
C8 NAG C . 4.15 3.34 47.00
N2 NAG C . 6.16 4.39 46.19
O3 NAG C . 8.30 4.71 48.04
O4 NAG C . 10.48 6.41 47.19
O5 NAG C . 9.07 5.18 44.02
O6 NAG C . 11.13 6.65 42.95
O7 NAG C . 6.03 2.15 46.16
C1 NAG C . 11.58 5.96 47.95
C2 NAG C . 12.45 7.16 48.34
C3 NAG C . 13.54 6.73 49.32
C4 NAG C . 12.94 6.00 50.50
C5 NAG C . 12.16 4.80 49.97
C6 NAG C . 11.50 3.98 51.07
C7 NAG C . 12.60 8.96 46.67
C8 NAG C . 13.48 9.62 45.67
N2 NAG C . 13.05 7.81 47.20
O3 NAG C . 14.30 7.86 49.76
O4 NAG C . 13.97 5.60 51.39
O5 NAG C . 11.11 5.27 49.09
O6 NAG C . 10.44 4.72 51.67
O7 NAG C . 11.51 9.44 47.00
C1 NAG D . -29.45 -26.61 22.86
C2 NAG D . -28.42 -27.49 23.54
C3 NAG D . -27.61 -28.26 22.49
C4 NAG D . -28.50 -28.99 21.49
C5 NAG D . -29.47 -27.98 20.88
C6 NAG D . -30.48 -28.58 19.92
C7 NAG D . -27.22 -26.81 25.57
C8 NAG D . -26.18 -25.88 26.14
N2 NAG D . -27.57 -26.61 24.31
O3 NAG D . -26.68 -29.15 23.09
O4 NAG D . -27.69 -29.58 20.45
O5 NAG D . -30.24 -27.37 21.94
O6 NAG D . -31.17 -29.73 20.51
O7 NAG D . -27.74 -27.70 26.24
C1 NAG D . -27.71 -30.95 20.20
C2 NAG D . -27.20 -31.26 18.80
C3 NAG D . -27.06 -32.77 18.57
C4 NAG D . -26.34 -33.49 19.71
C5 NAG D . -26.89 -33.06 21.05
C6 NAG D . -26.06 -33.61 22.20
C7 NAG D . -27.77 -29.62 17.03
C8 NAG D . -28.97 -28.78 16.65
N2 NAG D . -28.04 -30.72 17.74
O3 NAG D . -26.36 -32.94 17.35
O4 NAG D . -26.48 -34.93 19.57
O5 NAG D . -26.90 -31.62 21.17
O6 NAG D . -26.09 -32.76 23.34
O7 NAG D . -26.64 -29.29 16.71
C1 BMA D . -25.38 -35.78 19.43
C2 BMA D . -25.49 -36.97 20.37
C3 BMA D . -24.38 -37.99 20.15
C4 BMA D . -24.23 -38.33 18.67
C5 BMA D . -24.13 -37.07 17.81
C6 BMA D . -24.14 -37.37 16.31
O2 BMA D . -26.76 -37.61 20.23
O3 BMA D . -24.64 -39.17 20.90
O4 BMA D . -23.06 -39.13 18.48
O5 BMA D . -25.27 -36.22 18.08
O6 BMA D . -24.07 -36.18 15.52
C1 FUC D . -31.84 -30.54 19.58
C2 FUC D . -32.20 -31.84 20.28
C3 FUC D . -33.05 -31.51 21.51
C4 FUC D . -34.26 -30.66 21.12
C5 FUC D . -33.83 -29.46 20.28
C6 FUC D . -34.98 -28.68 19.71
O2 FUC D . -31.04 -32.62 20.60
O3 FUC D . -33.49 -32.72 22.12
O4 FUC D . -35.16 -31.49 20.39
O5 FUC D . -33.04 -29.90 19.15
C1 NAG E . -3.72 20.58 12.01
C2 NAG E . -3.29 21.95 11.50
C3 NAG E . -3.03 22.82 12.73
C4 NAG E . -4.35 23.02 13.49
C5 NAG E . -4.82 21.63 13.91
C6 NAG E . -6.15 21.63 14.66
C7 NAG E . -0.97 21.58 10.84
C8 NAG E . 0.07 21.66 9.75
N2 NAG E . -2.22 21.93 10.52
O3 NAG E . -2.39 24.03 12.38
O4 NAG E . -4.21 23.84 14.64
O5 NAG E . -4.92 20.74 12.77
O6 NAG E . -7.34 21.83 13.85
O7 NAG E . -0.71 21.16 11.96
C1 FUC E . -7.61 20.85 12.87
C2 FUC E . -8.95 20.18 13.14
C3 FUC E . -10.03 21.25 13.24
C4 FUC E . -10.05 22.16 11.99
C5 FUC E . -8.64 22.60 11.58
C6 FUC E . -8.57 23.17 10.19
O2 FUC E . -8.85 19.28 14.25
O3 FUC E . -11.31 20.63 13.42
O4 FUC E . -10.68 21.51 10.88
O5 FUC E . -7.70 21.49 11.61
C1 NAG F . 25.35 31.62 -21.62
C2 NAG F . 26.03 30.76 -22.70
C3 NAG F . 26.80 29.63 -22.03
C4 NAG F . 27.79 30.14 -20.99
C5 NAG F . 27.04 31.02 -20.00
C6 NAG F . 27.96 31.65 -18.99
C7 NAG F . 24.76 30.80 -24.87
C8 NAG F . 23.54 30.23 -25.54
N2 NAG F . 25.15 30.22 -23.72
O3 NAG F . 27.48 28.84 -22.99
O4 NAG F . 28.37 29.04 -20.25
O5 NAG F . 26.33 32.08 -20.68
O6 NAG F . 27.22 32.56 -18.14
O7 NAG F . 25.37 31.75 -25.36
C1 NAG F . 29.71 28.71 -20.46
C2 NAG F . 30.18 27.61 -19.49
C3 NAG F . 31.62 27.21 -19.84
C4 NAG F . 31.73 26.84 -21.31
C5 NAG F . 31.24 28.00 -22.16
C6 NAG F . 31.25 27.77 -23.65
C7 NAG F . 28.95 27.94 -17.37
C8 NAG F . 28.71 29.08 -16.41
N2 NAG F . 30.07 28.00 -18.11
O3 NAG F . 32.08 26.15 -19.03
O4 NAG F . 33.09 26.50 -21.59
O5 NAG F . 29.87 28.27 -21.80
O6 NAG F . 30.87 26.45 -24.01
O7 NAG F . 28.15 27.01 -17.46
C1 FUC F . 26.63 31.97 -17.01
C2 FUC F . 26.30 33.10 -16.05
C3 FUC F . 25.17 33.96 -16.59
C4 FUC F . 23.96 33.13 -16.96
C5 FUC F . 24.36 32.00 -17.90
C6 FUC F . 23.25 31.01 -18.18
O2 FUC F . 27.46 33.88 -15.80
O3 FUC F . 24.84 34.92 -15.59
O4 FUC F . 23.38 32.58 -15.78
O5 FUC F . 25.45 31.23 -17.34
C1 NAG G . -21.92 9.44 -5.17
C2 NAG G . -23.16 9.17 -4.33
C3 NAG G . -24.39 9.49 -5.18
C4 NAG G . -24.36 10.94 -5.64
C5 NAG G . -23.01 11.24 -6.31
C6 NAG G . -22.78 12.70 -6.70
C7 NAG G . -23.07 6.74 -4.38
C8 NAG G . -23.16 5.47 -3.60
N2 NAG G . -23.23 7.87 -3.69
O3 NAG G . -25.55 9.20 -4.41
O4 NAG G . -25.41 11.13 -6.57
O5 NAG G . -21.90 10.83 -5.48
O6 NAG G . -22.80 13.66 -5.63
O7 NAG G . -22.87 6.77 -5.58
C1 FUC G . -21.76 13.61 -4.68
C2 FUC G . -21.02 14.93 -4.66
C3 FUC G . -22.01 16.06 -4.35
C4 FUC G . -22.66 15.75 -3.01
C5 FUC G . -23.38 14.40 -3.10
C6 FUC G . -24.06 13.99 -1.82
O2 FUC G . -20.28 15.15 -5.87
O3 FUC G . -21.36 17.33 -4.37
O4 FUC G . -21.68 15.68 -1.98
O5 FUC G . -22.41 13.38 -3.42
ZN ZN H . -2.03 -10.78 25.87
NA NA I . -14.70 -3.13 25.95
C1 PEG J . 18.98 -15.32 11.09
O1 PEG J . 19.80 -16.42 10.69
C2 PEG J . 19.24 -14.10 10.27
O2 PEG J . 18.05 -13.72 9.58
C3 PEG J . 18.28 -12.74 8.56
C4 PEG J . 17.27 -12.90 7.46
O4 PEG J . 17.76 -13.67 6.39
C1 PEG K . 9.16 -14.07 20.94
O1 PEG K . 9.81 -12.82 21.15
C2 PEG K . 9.19 -14.54 19.50
O2 PEG K . 10.13 -15.60 19.32
C3 PEG K . 9.62 -16.75 18.65
C4 PEG K . 10.29 -17.99 19.17
O4 PEG K . 11.07 -18.65 18.20
C1 EDO L . 5.45 -16.09 21.86
O1 EDO L . 5.60 -15.79 23.18
C2 EDO L . 6.72 -16.25 21.11
O2 EDO L . 6.70 -17.27 20.18
C4 A1I5A M . -0.21 -6.30 27.16
C14 A1I5A M . -5.41 -8.11 24.45
C5 A1I5A M . 1.02 -6.49 26.32
C6 A1I5A M . 2.33 -5.95 26.83
C11 A1I5A M . 3.53 -6.44 26.31
C7 A1I5A M . 2.41 -4.95 27.78
C8 A1I5A M . 3.64 -4.46 28.21
C9 A1I5A M . 4.81 -4.96 27.69
C10 A1I5A M . 4.75 -5.95 26.74
C12 A1I5A M . -1.57 -8.29 26.57
C13 A1I5A M . -4.08 -6.08 25.08
N1 A1I5A M . -2.68 -6.10 27.08
N2 A1I5A M . -4.82 -6.78 24.18
C3 A1I5A M . -1.50 -6.75 26.49
C1 A1I5A M . -5.10 -6.09 27.43
C2 A1I5A M . -3.96 -6.55 26.53
O1 A1I5A M . -1.76 -8.85 27.67
O2 A1I5A M . -1.42 -8.87 25.48
O3 A1I5A M . -3.49 -5.05 24.77
C15 A1I5A M . -6.75 -8.26 23.81
C16 A1I5A M . -7.79 -8.91 24.46
C17 A1I5A M . -9.03 -9.05 23.86
C18 A1I5A M . -9.23 -8.51 22.60
C19 A1I5A M . -8.19 -7.89 21.94
C20 A1I5A M . -6.94 -7.76 22.54
C21 A1I5A M . -5.78 -7.08 21.89
C22 A1I5A M . -5.02 -6.17 22.86
C23 A1I5A M . -5.67 -4.80 23.01
O4 A1I5A M . -5.36 -3.97 22.13
O5 A1I5A M . -6.41 -4.61 24.00
C1 PEG N . -32.29 -3.55 17.18
O1 PEG N . -33.66 -3.84 17.04
C2 PEG N . -31.45 -4.39 16.28
O2 PEG N . -30.53 -3.60 15.53
C3 PEG N . -31.17 -2.76 14.56
C4 PEG N . -31.11 -3.35 13.21
O4 PEG N . -29.97 -2.93 12.51
C1 EDO O . 9.95 -7.48 43.43
O1 EDO O . 10.20 -6.58 42.36
C2 EDO O . 10.14 -8.88 42.99
O2 EDO O . 10.74 -9.71 43.97
C1 PEG P . 16.78 -4.69 26.84
O1 PEG P . 17.50 -3.51 27.16
C2 PEG P . 17.13 -5.24 25.49
O2 PEG P . 17.74 -6.52 25.62
C3 PEG P . 18.59 -6.90 24.54
C4 PEG P . 17.82 -7.74 23.57
O4 PEG P . 18.60 -8.06 22.43
C1 EDO Q . -8.88 6.79 39.87
O1 EDO Q . -10.12 6.78 39.20
C2 EDO Q . -8.00 7.87 39.38
O2 EDO Q . -8.04 7.94 37.97
O1 P6G R . 12.50 -8.34 29.64
C2 P6G R . 12.01 -7.04 29.89
C3 P6G R . 10.50 -7.01 30.00
O4 P6G R . 10.01 -5.67 29.91
C5 P6G R . 8.84 -5.42 30.69
C6 P6G R . 7.63 -6.05 30.05
O7 P6G R . 6.93 -6.89 30.97
C8 P6G R . 6.57 -8.15 30.42
C9 P6G R . 5.12 -8.25 30.45
O10 P6G R . 4.57 -8.15 29.14
C11 P6G R . 4.41 -9.38 28.45
C12 P6G R . 2.98 -9.53 28.11
O13 P6G R . 2.84 -9.92 26.75
C14 P6G R . 2.60 -11.31 26.54
C15 P6G R . 3.83 -11.87 25.93
O16 P6G R . 4.25 -13.02 26.62
C17 P6G R . 5.31 -13.71 25.95
C18 P6G R . 6.62 -13.43 26.59
O19 P6G R . 7.70 -13.82 25.77
C ACT S . 1.12 -3.72 44.67
O ACT S . 0.29 -2.82 44.85
OXT ACT S . 2.02 -3.64 43.81
CH3 ACT S . 1.06 -4.98 45.55
C ACT T . 18.51 -10.02 27.06
O ACT T . 19.47 -9.75 26.32
OXT ACT T . 18.61 -10.72 28.08
CH3 ACT T . 17.14 -9.47 26.67
C ACT U . 17.09 -32.04 25.13
O ACT U . 16.47 -31.65 24.10
OXT ACT U . 17.72 -33.14 25.18
CH3 ACT U . 17.05 -31.12 26.36
C1 PEG V . -35.56 -8.80 13.61
O1 PEG V . -35.41 -8.14 14.85
C2 PEG V . -36.08 -10.21 13.74
O2 PEG V . -35.56 -11.03 12.71
C3 PEG V . -36.34 -12.21 12.43
C4 PEG V . -35.87 -13.34 13.29
O4 PEG V . -35.25 -14.38 12.56
C1 PEG W . -10.01 -14.57 50.49
O1 PEG W . -10.00 -13.40 49.70
C2 PEG W . -9.11 -15.63 49.95
O2 PEG W . -9.58 -16.12 48.70
C3 PEG W . -10.73 -16.95 48.78
C4 PEG W . -11.14 -17.43 47.42
O4 PEG W . -12.43 -16.96 47.02
CL CL X . 3.84 -10.94 16.99
O1 PG4 Y . -1.86 0.22 -4.73
C1 PG4 Y . -2.55 1.33 -4.19
C2 PG4 Y . -2.86 1.19 -2.75
O2 PG4 Y . -1.81 1.72 -1.94
C3 PG4 Y . -2.19 1.96 -0.59
C4 PG4 Y . -1.29 1.21 0.32
O3 PG4 Y . -0.80 2.08 1.33
C5 PG4 Y . -0.90 1.51 2.64
C6 PG4 Y . 0.25 1.95 3.49
O4 PG4 Y . 0.50 1.00 4.53
C7 PG4 Y . 1.04 -0.25 4.08
C8 PG4 Y . 2.43 -0.07 3.57
O5 PG4 Y . 3.14 -1.29 3.56
C1 NAG Z . -16.70 5.09 -41.97
C2 NAG Z . -16.80 5.73 -43.36
C3 NAG Z . -18.01 5.23 -44.16
C4 NAG Z . -18.27 3.73 -44.03
C5 NAG Z . -18.18 3.32 -42.57
C6 NAG Z . -18.34 1.84 -42.34
C7 NAG Z . -15.94 7.94 -43.89
C8 NAG Z . -16.29 9.40 -44.04
N2 NAG Z . -16.85 7.18 -43.28
O3 NAG Z . -17.76 5.57 -45.52
O4 NAG Z . -19.57 3.45 -44.54
O5 NAG Z . -16.89 3.68 -42.08
O6 NAG Z . -18.74 1.57 -40.99
O7 NAG Z . -14.87 7.49 -44.30
ZN ZN AA . 4.56 7.66 -27.00
CA CA BA . -0.34 20.69 -21.89
C1 PEG CA . 8.17 21.98 -47.12
O1 PEG CA . 8.70 21.79 -45.80
C2 PEG CA . 7.73 20.69 -47.78
O2 PEG CA . 6.39 20.88 -48.20
C3 PEG CA . 5.82 19.84 -48.99
C4 PEG CA . 4.56 20.35 -49.62
O4 PEG CA . 3.89 21.32 -48.82
C1 PGE DA . 6.39 28.48 -40.65
O1 PGE DA . 7.18 27.32 -40.94
C2 PGE DA . 4.96 28.37 -41.21
O2 PGE DA . 4.47 29.62 -41.70
C3 PGE DA . 3.34 29.55 -42.60
C4 PGE DA . 3.76 29.07 -43.97
O4 PGE DA . 3.99 26.07 -46.73
C6 PGE DA . 4.05 27.43 -46.22
C5 PGE DA . 2.67 28.04 -45.90
O3 PGE DA . 2.70 29.12 -44.93
C4 A1I5A EA . -0.31 6.83 -27.47
C14 A1I5A EA . 3.05 10.73 -24.17
C5 A1I5A EA . -0.14 5.38 -27.04
C6 A1I5A EA . -1.03 4.32 -27.65
C11 A1I5A EA . -2.18 4.61 -28.35
C7 A1I5A EA . -0.71 2.97 -27.50
C8 A1I5A EA . -1.50 1.97 -28.05
C9 A1I5A EA . -2.65 2.29 -28.72
C10 A1I5A EA . -2.99 3.60 -28.88
C12 A1I5A EA . 2.02 7.70 -27.09
C13 A1I5A EA . 0.70 9.97 -24.56
N1 A1I5A EA . 0.04 9.20 -26.82
N2 A1I5A EA . 1.69 10.35 -23.73
C3 A1I5A EA . 0.54 7.82 -26.67
C1 A1I5A EA . 0.44 11.61 -26.48
C2 A1I5A EA . 0.85 10.20 -26.07
O1 A1I5A EA . 2.75 7.20 -26.23
O2 A1I5A EA . 2.44 8.11 -28.21
O3 A1I5A EA . -0.33 9.47 -24.12
C15 A1I5A EA . 3.59 11.85 -23.32
C16 A1I5A EA . 4.31 12.89 -23.88
C17 A1I5A EA . 4.79 13.92 -23.09
C18 A1I5A EA . 4.53 13.91 -21.72
C19 A1I5A EA . 3.82 12.87 -21.17
C20 A1I5A EA . 3.35 11.82 -21.96
C21 A1I5A EA . 2.59 10.65 -21.42
C22 A1I5A EA . 1.39 10.29 -22.29
C23 A1I5A EA . 0.17 11.13 -21.90
O4 A1I5A EA . -0.49 10.66 -20.95
O5 A1I5A EA . -0.07 12.19 -22.53
O1 PG4 FA . 4.91 -2.52 -29.79
C1 PG4 FA . 5.89 -1.53 -29.67
C2 PG4 FA . 5.57 -0.35 -30.50
O2 PG4 FA . 5.68 0.84 -29.72
C3 PG4 FA . 4.41 1.44 -29.45
C4 PG4 FA . 4.59 2.83 -29.02
O3 PG4 FA . 3.34 3.32 -28.56
C5 PG4 FA . 2.44 3.76 -29.58
C6 PG4 FA . 1.59 2.62 -30.02
O4 PG4 FA . 0.49 3.04 -30.84
C7 PG4 FA . 0.12 1.99 -31.74
C8 PG4 FA . -1.19 2.24 -32.28
O5 PG4 FA . -1.79 1.02 -32.74
C ACT GA . -20.06 -7.39 -13.48
O ACT GA . -18.86 -7.64 -13.28
OXT ACT GA . -20.54 -7.23 -14.62
CH3 ACT GA . -21.00 -7.29 -12.27
CL CL HA . 5.59 -0.33 -20.14
#